data_6UZI
#
_entry.id   6UZI
#
_cell.length_a   74.060
_cell.length_b   106.800
_cell.length_c   255.700
_cell.angle_alpha   90.000
_cell.angle_beta   90.000
_cell.angle_gamma   90.000
#
_symmetry.space_group_name_H-M   'P 21 21 21'
#
loop_
_entity.id
_entity.type
_entity.pdbx_description
1 polymer 'Dihydrolipoyl dehydrogenase'
2 non-polymer 'FLAVIN-ADENINE DINUCLEOTIDE'
3 non-polymer 'ZINC ION'
4 non-polymer 'CHLORIDE ION'
5 non-polymer 1,2-ETHANEDIOL
6 water water
#
_entity_poly.entity_id   1
_entity_poly.type   'polypeptide(L)'
_entity_poly.pdbx_seq_one_letter_code
;MAHHHHHHMNQFDVAVIGSGPGGYVAAIRCAQLGFKTVIIEKYSTLGGTCLNVGCIPSKALLDSSEHFENAKHTFATHGI
LIDEPKVDIAQMISRKNDVVDQTTKGINFLMDKNKITVLQGVGSFESATQIKVTKADGSSEVIEAKNTIIATGSKPSSLP
FITLDKERVITSTEALNLKEVPKHLIVIGGGVIGLELGSVYLRLGSDVTVVEYLDKIIPGMDGTLSKELQKTLKKQGMKF
MLSTAVSGVERNGDTVKVTAKDKKGEDVVVEGDYCLVSVGRRPYTDGLGLEKAGVELDERGRVKTNDHLQTNVPNIYAIG
DVVKGAMLAHKAEEEGVFVAETLAGEKPHVNYNLIPGVVYTWPEVAGVGKTEEQLKEAGVAYKTGSFPMRALGRSRASMD
TDGVIKILADEKTDEILGVHMIGARAADMIAEAVVAMEFRASAEDIARISHAHPTYTEAIKEAALDATGKRAIHM
;
_entity_poly.pdbx_strand_id   A,B,C,D
#
loop_
_chem_comp.id
_chem_comp.type
_chem_comp.name
_chem_comp.formula
CL non-polymer 'CHLORIDE ION' 'Cl -1'
EDO non-polymer 1,2-ETHANEDIOL 'C2 H6 O2'
FAD non-polymer 'FLAVIN-ADENINE DINUCLEOTIDE' 'C27 H33 N9 O15 P2'
ZN non-polymer 'ZINC ION' 'Zn 2'
#
# COMPACT_ATOMS: atom_id res chain seq x y z
N MET A 9 -46.71 35.46 9.15
CA MET A 9 -45.45 34.88 8.69
C MET A 9 -44.43 35.96 8.35
N ASN A 10 -43.24 35.88 8.95
CA ASN A 10 -42.18 36.82 8.59
C ASN A 10 -41.59 36.43 7.24
N GLN A 11 -41.07 37.43 6.53
CA GLN A 11 -40.52 37.23 5.19
C GLN A 11 -39.11 37.77 5.12
N PHE A 12 -38.23 36.99 4.48
CA PHE A 12 -36.83 37.36 4.31
C PHE A 12 -36.41 37.08 2.88
N ASP A 13 -35.32 37.75 2.45
CA ASP A 13 -34.76 37.48 1.13
C ASP A 13 -33.92 36.22 1.13
N VAL A 14 -33.09 36.07 2.16
CA VAL A 14 -32.15 34.95 2.29
C VAL A 14 -32.23 34.42 3.71
N ALA A 15 -32.29 33.10 3.85
CA ALA A 15 -32.20 32.44 5.14
C ALA A 15 -30.93 31.60 5.14
N VAL A 16 -30.25 31.60 6.28
CA VAL A 16 -29.02 30.84 6.45
C VAL A 16 -29.24 29.90 7.61
N ILE A 17 -29.18 28.60 7.34
CA ILE A 17 -29.36 27.58 8.37
C ILE A 17 -27.98 27.11 8.78
N GLY A 18 -27.58 27.44 10.00
CA GLY A 18 -26.26 27.14 10.50
C GLY A 18 -25.47 28.39 10.74
N SER A 19 -24.84 28.52 11.92
CA SER A 19 -24.11 29.74 12.26
C SER A 19 -22.60 29.50 12.39
N GLY A 20 -22.08 28.51 11.67
CA GLY A 20 -20.66 28.29 11.63
C GLY A 20 -19.98 29.36 10.79
N PRO A 21 -18.66 29.25 10.63
CA PRO A 21 -17.93 30.26 9.85
C PRO A 21 -18.49 30.46 8.45
N GLY A 22 -18.89 29.39 7.78
CA GLY A 22 -19.54 29.55 6.49
C GLY A 22 -20.86 30.29 6.61
N GLY A 23 -21.69 29.87 7.57
CA GLY A 23 -23.01 30.45 7.76
C GLY A 23 -23.02 31.93 8.05
N TYR A 24 -22.34 32.37 9.11
CA TYR A 24 -22.47 33.76 9.52
C TYR A 24 -21.68 34.70 8.61
N VAL A 25 -20.60 34.22 7.98
CA VAL A 25 -19.95 35.06 6.98
C VAL A 25 -20.86 35.23 5.77
N ALA A 26 -21.51 34.15 5.35
CA ALA A 26 -22.48 34.27 4.25
C ALA A 26 -23.58 35.26 4.59
N ALA A 27 -24.09 35.23 5.83
CA ALA A 27 -25.14 36.16 6.22
C ALA A 27 -24.65 37.60 6.13
N ILE A 28 -23.44 37.88 6.63
CA ILE A 28 -22.92 39.24 6.58
C ILE A 28 -22.79 39.70 5.13
N ARG A 29 -22.28 38.83 4.26
CA ARG A 29 -22.14 39.20 2.86
C ARG A 29 -23.50 39.40 2.20
N CYS A 30 -24.51 38.62 2.59
CA CYS A 30 -25.86 38.86 2.08
C CYS A 30 -26.41 40.19 2.57
N ALA A 31 -26.17 40.51 3.84
CA ALA A 31 -26.60 41.80 4.37
C ALA A 31 -25.84 42.95 3.67
N GLN A 32 -24.55 42.77 3.39
CA GLN A 32 -23.80 43.83 2.73
C GLN A 32 -24.31 44.09 1.32
N LEU A 33 -24.84 43.06 0.66
CA LEU A 33 -25.34 43.20 -0.70
C LEU A 33 -26.79 43.66 -0.77
N GLY A 34 -27.44 43.85 0.38
CA GLY A 34 -28.75 44.45 0.44
C GLY A 34 -29.91 43.51 0.70
N PHE A 35 -29.65 42.25 1.01
CA PHE A 35 -30.72 41.29 1.24
C PHE A 35 -31.22 41.41 2.67
N LYS A 36 -32.53 41.25 2.83
CA LYS A 36 -33.10 41.06 4.17
C LYS A 36 -32.77 39.63 4.58
N THR A 37 -31.89 39.49 5.56
CA THR A 37 -31.26 38.21 5.85
C THR A 37 -31.58 37.73 7.27
N VAL A 38 -31.80 36.43 7.41
CA VAL A 38 -32.02 35.82 8.70
C VAL A 38 -31.08 34.62 8.81
N ILE A 39 -30.57 34.37 10.01
CA ILE A 39 -29.71 33.23 10.28
C ILE A 39 -30.31 32.46 11.44
N ILE A 40 -30.29 31.14 11.34
CA ILE A 40 -30.93 30.26 12.31
C ILE A 40 -29.85 29.36 12.91
N GLU A 41 -29.84 29.25 14.24
CA GLU A 41 -28.89 28.41 14.97
C GLU A 41 -29.58 27.66 16.10
N LYS A 42 -29.36 26.34 16.13
CA LYS A 42 -29.92 25.48 17.17
C LYS A 42 -29.15 25.57 18.49
N TYR A 43 -27.85 25.88 18.42
CA TYR A 43 -27.02 26.01 19.60
C TYR A 43 -27.40 27.25 20.39
N SER A 44 -27.01 27.25 21.66
CA SER A 44 -27.31 28.39 22.53
C SER A 44 -26.57 29.64 22.05
N THR A 45 -25.41 29.47 21.43
CA THR A 45 -24.63 30.59 20.95
C THR A 45 -24.28 30.38 19.48
N LEU A 46 -23.88 31.48 18.82
CA LEU A 46 -23.50 31.46 17.42
C LEU A 46 -22.02 31.13 17.29
N GLY A 47 -21.62 30.67 16.11
CA GLY A 47 -20.21 30.39 15.88
C GLY A 47 -19.91 29.03 15.31
N GLY A 48 -20.84 28.08 15.48
CA GLY A 48 -20.69 26.77 14.90
C GLY A 48 -19.64 25.91 15.59
N THR A 49 -19.19 24.90 14.84
CA THR A 49 -18.19 23.96 15.34
C THR A 49 -16.88 24.67 15.64
N CYS A 50 -16.43 25.52 14.71
CA CYS A 50 -15.10 26.11 14.78
C CYS A 50 -14.91 26.92 16.06
N LEU A 51 -15.94 27.64 16.49
CA LEU A 51 -15.85 28.49 17.66
C LEU A 51 -16.13 27.73 18.97
N ASN A 52 -17.17 26.91 18.98
CA ASN A 52 -17.65 26.37 20.25
C ASN A 52 -16.96 25.07 20.63
N VAL A 53 -16.62 24.22 19.66
CA VAL A 53 -16.02 22.92 19.93
C VAL A 53 -14.94 22.61 18.90
N GLY A 54 -14.39 23.64 18.25
CA GLY A 54 -13.45 23.41 17.17
C GLY A 54 -12.15 24.19 17.20
N CYS A 55 -11.97 25.05 16.19
CA CYS A 55 -10.68 25.72 15.97
C CYS A 55 -10.24 26.52 17.18
N ILE A 56 -11.06 27.49 17.59
CA ILE A 56 -10.66 28.40 18.66
C ILE A 56 -10.30 27.64 19.93
N PRO A 57 -11.12 26.73 20.46
CA PRO A 57 -10.69 25.98 21.65
C PRO A 57 -9.34 25.28 21.47
N SER A 58 -9.13 24.58 20.36
CA SER A 58 -7.88 23.84 20.16
C SER A 58 -6.68 24.78 20.17
N LYS A 59 -6.78 25.91 19.47
CA LYS A 59 -5.66 26.84 19.43
C LYS A 59 -5.34 27.37 20.82
N ALA A 60 -6.37 27.65 21.63
CA ALA A 60 -6.14 28.14 22.97
C ALA A 60 -5.37 27.13 23.82
N LEU A 61 -5.79 25.85 23.76
CA LEU A 61 -5.07 24.83 24.52
C LEU A 61 -3.68 24.57 23.94
N LEU A 62 -3.53 24.71 22.63
CA LEU A 62 -2.23 24.52 22.02
C LEU A 62 -1.26 25.63 22.45
N ASP A 63 -1.77 26.86 22.54
CA ASP A 63 -0.91 27.98 22.92
C ASP A 63 -0.46 27.84 24.37
N SER A 64 -1.38 27.48 25.26
CA SER A 64 -1.03 27.32 26.66
C SER A 64 -0.08 26.14 26.87
N SER A 65 -0.34 25.01 26.21
CA SER A 65 0.51 23.84 26.42
C SER A 65 1.90 24.06 25.88
N GLU A 66 2.03 24.82 24.78
CA GLU A 66 3.35 25.09 24.23
C GLU A 66 4.15 25.99 25.18
N HIS A 67 3.49 26.94 25.84
CA HIS A 67 4.17 27.70 26.89
C HIS A 67 4.69 26.76 27.96
N PHE A 68 3.85 25.83 28.41
CA PHE A 68 4.26 24.85 29.42
C PHE A 68 5.43 24.00 28.92
N GLU A 69 5.42 23.64 27.63
CA GLU A 69 6.52 22.86 27.07
C GLU A 69 7.84 23.61 27.15
N ASN A 70 7.82 24.89 26.82
CA ASN A 70 9.06 25.67 26.88
C ASN A 70 9.57 25.76 28.31
N ALA A 71 8.67 26.09 29.26
CA ALA A 71 9.08 26.24 30.65
C ALA A 71 9.70 24.96 31.20
N LYS A 72 9.21 23.80 30.77
CA LYS A 72 9.69 22.55 31.31
C LYS A 72 11.01 22.11 30.69
N HIS A 73 11.31 22.53 29.45
CA HIS A 73 12.42 21.96 28.71
C HIS A 73 13.45 22.96 28.21
N THR A 74 13.11 24.25 28.09
CA THR A 74 14.03 25.21 27.49
C THR A 74 14.35 26.40 28.36
N PHE A 75 13.63 26.63 29.47
CA PHE A 75 13.85 27.84 30.25
C PHE A 75 15.25 27.91 30.83
N ALA A 76 15.80 26.77 31.28
CA ALA A 76 17.15 26.77 31.82
C ALA A 76 18.16 27.20 30.76
N THR A 77 18.04 26.67 29.55
CA THR A 77 18.90 27.09 28.46
C THR A 77 18.71 28.57 28.13
N HIS A 78 17.45 29.03 28.20
CA HIS A 78 17.16 30.44 27.96
C HIS A 78 17.65 31.34 29.08
N GLY A 79 18.14 30.79 30.18
CA GLY A 79 18.58 31.61 31.28
C GLY A 79 17.49 32.04 32.22
N ILE A 80 16.38 31.31 32.27
CA ILE A 80 15.27 31.60 33.16
C ILE A 80 15.25 30.54 34.25
N LEU A 81 15.37 30.98 35.50
CA LEU A 81 15.45 30.09 36.65
C LEU A 81 14.06 29.97 37.25
N ILE A 82 13.47 28.78 37.13
CA ILE A 82 12.19 28.45 37.76
C ILE A 82 12.29 27.04 38.30
N ASP A 83 11.34 26.69 39.16
CA ASP A 83 11.20 25.32 39.61
C ASP A 83 10.33 24.56 38.62
N GLU A 84 10.16 23.26 38.85
CA GLU A 84 9.36 22.43 37.97
C GLU A 84 7.97 23.03 37.79
N PRO A 85 7.57 23.39 36.58
CA PRO A 85 6.24 23.97 36.38
C PRO A 85 5.16 22.91 36.55
N LYS A 86 4.01 23.34 37.06
CA LYS A 86 2.88 22.46 37.32
C LYS A 86 1.65 22.98 36.56
N VAL A 87 0.78 22.06 36.17
CA VAL A 87 -0.38 22.38 35.34
C VAL A 87 -1.59 22.61 36.23
N ASP A 88 -2.22 23.77 36.09
CA ASP A 88 -3.55 24.04 36.65
C ASP A 88 -4.54 23.87 35.50
N ILE A 89 -5.03 22.63 35.33
CA ILE A 89 -5.85 22.33 34.17
C ILE A 89 -7.17 23.11 34.22
N ALA A 90 -7.71 23.36 35.41
CA ALA A 90 -8.96 24.09 35.49
C ALA A 90 -8.81 25.50 34.98
N GLN A 91 -7.67 26.13 35.23
CA GLN A 91 -7.44 27.48 34.72
C GLN A 91 -7.21 27.46 33.21
N MET A 92 -6.53 26.43 32.71
CA MET A 92 -6.37 26.30 31.26
C MET A 92 -7.72 26.22 30.58
N ILE A 93 -8.56 25.28 31.01
CA ILE A 93 -9.86 25.09 30.38
C ILE A 93 -10.71 26.35 30.55
N SER A 94 -10.68 26.92 31.77
CA SER A 94 -11.47 28.11 32.02
C SER A 94 -11.06 29.26 31.12
N ARG A 95 -9.76 29.48 30.95
CA ARG A 95 -9.32 30.57 30.09
C ARG A 95 -9.77 30.33 28.65
N LYS A 96 -9.64 29.08 28.19
CA LYS A 96 -10.16 28.74 26.87
C LYS A 96 -11.65 29.04 26.77
N ASN A 97 -12.42 28.69 27.80
CA ASN A 97 -13.86 28.99 27.78
C ASN A 97 -14.11 30.48 27.64
N ASP A 98 -13.31 31.31 28.31
CA ASP A 98 -13.47 32.77 28.18
C ASP A 98 -13.15 33.23 26.77
N VAL A 99 -12.13 32.60 26.14
CA VAL A 99 -11.82 32.91 24.74
C VAL A 99 -13.01 32.60 23.85
N VAL A 100 -13.66 31.45 24.07
CA VAL A 100 -14.86 31.12 23.29
C VAL A 100 -15.98 32.13 23.57
N ASP A 101 -16.21 32.45 24.84
CA ASP A 101 -17.25 33.44 25.14
C ASP A 101 -16.91 34.79 24.53
N GLN A 102 -15.62 35.14 24.46
CA GLN A 102 -15.22 36.38 23.80
C GLN A 102 -15.66 36.39 22.35
N THR A 103 -15.30 35.34 21.60
CA THR A 103 -15.57 35.31 20.17
C THR A 103 -17.07 35.22 19.88
N THR A 104 -17.83 34.52 20.73
CA THR A 104 -19.28 34.47 20.57
C THR A 104 -19.89 35.86 20.66
N LYS A 105 -19.45 36.67 21.62
CA LYS A 105 -19.97 38.03 21.74
C LYS A 105 -19.64 38.86 20.50
N GLY A 106 -18.47 38.64 19.92
CA GLY A 106 -18.11 39.36 18.71
C GLY A 106 -19.01 39.00 17.54
N ILE A 107 -19.37 37.72 17.44
CA ILE A 107 -20.28 37.30 16.38
C ILE A 107 -21.66 37.90 16.60
N ASN A 108 -22.14 37.92 17.85
CA ASN A 108 -23.39 38.61 18.13
C ASN A 108 -23.32 40.06 17.69
N PHE A 109 -22.21 40.73 18.03
CA PHE A 109 -22.02 42.13 17.63
C PHE A 109 -22.10 42.28 16.12
N LEU A 110 -21.46 41.37 15.37
CA LEU A 110 -21.48 41.50 13.92
C LEU A 110 -22.88 41.33 13.36
N MET A 111 -23.67 40.43 13.97
CA MET A 111 -25.03 40.22 13.50
C MET A 111 -25.86 41.48 13.69
N ASP A 112 -25.75 42.14 14.86
CA ASP A 112 -26.52 43.35 15.10
C ASP A 112 -26.09 44.48 14.18
N LYS A 113 -24.77 44.60 13.97
CA LYS A 113 -24.26 45.69 13.15
C LYS A 113 -24.77 45.57 11.71
N ASN A 114 -24.85 44.34 11.19
CA ASN A 114 -25.30 44.12 9.82
C ASN A 114 -26.82 43.96 9.73
N LYS A 115 -27.54 44.16 10.83
CA LYS A 115 -29.00 44.14 10.86
C LYS A 115 -29.53 42.76 10.42
N ILE A 116 -28.86 41.71 10.86
CA ILE A 116 -29.29 40.35 10.57
C ILE A 116 -30.17 39.86 11.70
N THR A 117 -31.32 39.30 11.35
CA THR A 117 -32.18 38.71 12.37
C THR A 117 -31.59 37.39 12.80
N VAL A 118 -31.47 37.19 14.10
CA VAL A 118 -30.91 35.96 14.65
C VAL A 118 -32.02 35.23 15.36
N LEU A 119 -32.28 33.99 14.92
CA LEU A 119 -33.29 33.13 15.51
C LEU A 119 -32.60 31.93 16.11
N GLN A 120 -32.95 31.61 17.36
CA GLN A 120 -32.43 30.43 18.02
C GLN A 120 -33.43 29.28 17.83
N GLY A 121 -32.95 28.17 17.32
CA GLY A 121 -33.80 27.01 17.15
C GLY A 121 -33.31 26.14 16.00
N VAL A 122 -33.99 25.02 15.86
CA VAL A 122 -33.72 24.07 14.79
C VAL A 122 -34.52 24.49 13.56
N GLY A 123 -33.82 24.70 12.45
CA GLY A 123 -34.47 25.01 11.19
C GLY A 123 -34.72 23.78 10.36
N SER A 124 -35.98 23.54 9.99
CA SER A 124 -36.33 22.45 9.10
C SER A 124 -37.18 22.99 7.96
N PHE A 125 -36.99 22.42 6.78
CA PHE A 125 -37.75 22.85 5.61
C PHE A 125 -39.18 22.34 5.68
N GLU A 126 -40.13 23.23 5.43
CA GLU A 126 -41.51 22.85 5.14
C GLU A 126 -41.78 22.79 3.64
N SER A 127 -41.09 23.62 2.87
CA SER A 127 -41.13 23.59 1.41
C SER A 127 -39.82 24.19 0.91
N ALA A 128 -39.77 24.52 -0.38
CA ALA A 128 -38.57 25.16 -0.90
C ALA A 128 -38.47 26.61 -0.47
N THR A 129 -39.49 27.09 0.23
CA THR A 129 -39.58 28.50 0.57
C THR A 129 -40.01 28.76 2.01
N GLN A 130 -40.51 27.75 2.72
CA GLN A 130 -40.91 27.87 4.12
C GLN A 130 -39.98 27.05 4.99
N ILE A 131 -39.61 27.61 6.14
CA ILE A 131 -38.70 26.98 7.09
C ILE A 131 -39.32 27.07 8.48
N LYS A 132 -39.44 25.93 9.15
CA LYS A 132 -39.94 25.88 10.53
C LYS A 132 -38.76 26.03 11.48
N VAL A 133 -38.93 26.89 12.49
CA VAL A 133 -37.90 27.14 13.49
C VAL A 133 -38.45 26.70 14.84
N THR A 134 -37.94 25.60 15.37
CA THR A 134 -38.41 25.03 16.62
C THR A 134 -37.48 25.44 17.76
N LYS A 135 -38.03 26.13 18.76
CA LYS A 135 -37.26 26.55 19.92
C LYS A 135 -37.05 25.38 20.87
N ALA A 136 -36.33 25.65 21.96
CA ALA A 136 -36.01 24.60 22.93
C ALA A 136 -37.26 24.05 23.61
N ASP A 137 -38.20 24.93 23.95
CA ASP A 137 -39.42 24.49 24.63
C ASP A 137 -40.34 23.65 23.73
N GLY A 138 -40.05 23.55 22.44
CA GLY A 138 -40.83 22.73 21.53
C GLY A 138 -41.75 23.51 20.62
N SER A 139 -41.99 24.80 20.92
CA SER A 139 -42.82 25.65 20.08
C SER A 139 -42.13 25.94 18.77
N SER A 140 -42.93 26.29 17.76
CA SER A 140 -42.39 26.49 16.43
C SER A 140 -42.98 27.75 15.83
N GLU A 141 -42.24 28.33 14.90
CA GLU A 141 -42.66 29.45 14.06
C GLU A 141 -42.19 29.14 12.64
N VAL A 142 -42.98 29.53 11.65
CA VAL A 142 -42.64 29.32 10.25
C VAL A 142 -42.31 30.65 9.61
N ILE A 143 -41.19 30.70 8.89
CA ILE A 143 -40.75 31.90 8.19
C ILE A 143 -40.70 31.61 6.69
N GLU A 144 -40.74 32.68 5.90
CA GLU A 144 -40.66 32.61 4.45
C GLU A 144 -39.35 33.21 3.98
N ALA A 145 -38.68 32.53 3.04
CA ALA A 145 -37.41 33.02 2.49
C ALA A 145 -37.34 32.72 1.00
N LYS A 146 -37.06 33.76 0.20
CA LYS A 146 -36.91 33.57 -1.24
C LYS A 146 -35.76 32.61 -1.56
N ASN A 147 -34.62 32.78 -0.88
CA ASN A 147 -33.45 31.94 -1.06
C ASN A 147 -32.99 31.41 0.30
N THR A 148 -32.34 30.25 0.29
CA THR A 148 -31.86 29.62 1.50
C THR A 148 -30.45 29.08 1.28
N ILE A 149 -29.58 29.32 2.24
CA ILE A 149 -28.20 28.82 2.21
C ILE A 149 -28.06 27.81 3.34
N ILE A 150 -27.87 26.54 2.97
CA ILE A 150 -27.66 25.47 3.94
C ILE A 150 -26.22 25.51 4.42
N ALA A 151 -26.03 25.67 5.73
CA ALA A 151 -24.70 25.73 6.29
C ALA A 151 -24.64 24.96 7.61
N THR A 152 -25.19 23.75 7.60
CA THR A 152 -25.38 22.98 8.82
C THR A 152 -24.11 22.25 9.27
N GLY A 153 -23.06 22.26 8.44
CA GLY A 153 -21.77 21.81 8.92
C GLY A 153 -21.65 20.31 9.07
N SER A 154 -20.86 19.91 10.07
CA SER A 154 -20.47 18.52 10.23
C SER A 154 -20.57 18.14 11.70
N LYS A 155 -20.54 16.84 11.93
CA LYS A 155 -20.48 16.27 13.27
C LYS A 155 -19.31 15.30 13.31
N PRO A 156 -18.83 14.96 14.50
CA PRO A 156 -17.74 13.98 14.58
C PRO A 156 -18.15 12.63 14.01
N SER A 157 -17.26 12.04 13.20
CA SER A 157 -17.44 10.63 12.87
C SER A 157 -17.03 9.76 14.04
N SER A 158 -17.43 8.50 13.98
CA SER A 158 -16.97 7.54 14.95
C SER A 158 -17.00 6.17 14.30
N LEU A 159 -16.67 5.16 15.09
CA LEU A 159 -16.76 3.79 14.62
C LEU A 159 -17.93 3.11 15.32
N PRO A 160 -18.70 2.30 14.60
CA PRO A 160 -19.94 1.75 15.19
C PRO A 160 -19.73 0.94 16.45
N PHE A 161 -18.56 0.32 16.64
CA PHE A 161 -18.36 -0.56 17.79
C PHE A 161 -17.87 0.19 19.01
N ILE A 162 -17.62 1.49 18.90
CA ILE A 162 -17.18 2.31 20.03
C ILE A 162 -18.39 2.91 20.74
N THR A 163 -18.42 2.77 22.05
CA THR A 163 -19.47 3.35 22.89
C THR A 163 -18.89 4.59 23.57
N LEU A 164 -19.19 5.76 23.02
CA LEU A 164 -18.71 7.00 23.60
C LEU A 164 -19.49 7.30 24.88
N ASP A 165 -18.78 7.67 25.95
CA ASP A 165 -19.40 7.92 27.23
C ASP A 165 -19.20 9.33 27.76
N LYS A 166 -18.55 10.22 27.00
CA LYS A 166 -18.31 11.60 27.38
C LYS A 166 -17.50 11.71 28.68
N GLU A 167 -16.79 10.64 29.05
CA GLU A 167 -15.93 10.65 30.24
C GLU A 167 -14.53 10.21 29.86
N ARG A 168 -14.36 8.93 29.53
CA ARG A 168 -13.06 8.41 29.14
C ARG A 168 -12.99 7.93 27.70
N VAL A 169 -14.12 7.55 27.10
CA VAL A 169 -14.19 7.24 25.67
C VAL A 169 -14.89 8.40 24.99
N ILE A 170 -14.09 9.35 24.46
CA ILE A 170 -14.56 10.69 24.16
C ILE A 170 -14.20 11.08 22.74
N THR A 171 -14.82 12.17 22.28
CA THR A 171 -14.49 12.86 21.05
C THR A 171 -13.76 14.16 21.39
N SER A 172 -13.44 14.94 20.35
CA SER A 172 -12.75 16.20 20.57
C SER A 172 -13.55 17.13 21.47
N THR A 173 -14.87 17.07 21.41
CA THR A 173 -15.70 17.98 22.20
C THR A 173 -15.38 17.84 23.68
N GLU A 174 -15.37 16.62 24.18
CA GLU A 174 -15.10 16.43 25.61
C GLU A 174 -13.61 16.54 25.90
N ALA A 175 -12.76 16.15 24.93
CA ALA A 175 -11.32 16.24 25.11
C ALA A 175 -10.87 17.67 25.39
N LEU A 176 -11.61 18.65 24.87
CA LEU A 176 -11.35 20.05 25.15
C LEU A 176 -11.80 20.47 26.55
N ASN A 177 -12.39 19.56 27.33
CA ASN A 177 -12.95 19.91 28.63
C ASN A 177 -12.51 18.93 29.72
N LEU A 178 -11.34 18.32 29.59
CA LEU A 178 -10.86 17.35 30.57
C LEU A 178 -10.67 17.99 31.94
N LYS A 179 -10.95 17.22 32.98
CA LYS A 179 -10.78 17.69 34.34
C LYS A 179 -9.42 17.33 34.92
N GLU A 180 -8.55 16.70 34.13
CA GLU A 180 -7.22 16.26 34.55
C GLU A 180 -6.37 15.99 33.32
N VAL A 181 -5.06 16.07 33.51
CA VAL A 181 -4.12 15.72 32.45
C VAL A 181 -4.04 14.19 32.39
N PRO A 182 -4.36 13.58 31.25
CA PRO A 182 -4.36 12.10 31.19
C PRO A 182 -2.99 11.52 31.49
N LYS A 183 -2.99 10.36 32.15
CA LYS A 183 -1.73 9.64 32.32
C LYS A 183 -1.30 9.02 31.00
N HIS A 184 -2.23 8.38 30.29
CA HIS A 184 -1.94 7.80 28.98
C HIS A 184 -3.14 8.02 28.09
N LEU A 185 -3.00 8.93 27.12
CA LEU A 185 -4.08 9.24 26.18
C LEU A 185 -3.87 8.40 24.92
N ILE A 186 -4.89 7.63 24.55
CA ILE A 186 -4.89 6.86 23.31
C ILE A 186 -5.70 7.64 22.28
N VAL A 187 -5.16 7.80 21.08
CA VAL A 187 -5.86 8.45 19.99
C VAL A 187 -6.16 7.39 18.92
N ILE A 188 -7.44 7.20 18.64
CA ILE A 188 -7.93 6.26 17.62
C ILE A 188 -8.24 7.03 16.35
N GLY A 189 -7.54 6.74 15.27
CA GLY A 189 -7.93 7.47 14.08
C GLY A 189 -6.87 8.50 13.66
N GLY A 190 -6.79 8.71 12.35
CA GLY A 190 -5.79 9.64 11.84
C GLY A 190 -6.26 11.05 11.52
N GLY A 191 -7.29 11.56 12.19
CA GLY A 191 -7.70 12.92 11.93
C GLY A 191 -6.72 13.93 12.50
N VAL A 192 -6.71 15.12 11.90
CA VAL A 192 -5.85 16.21 12.35
C VAL A 192 -6.14 16.57 13.80
N ILE A 193 -7.41 16.52 14.18
CA ILE A 193 -7.83 16.86 15.54
C ILE A 193 -7.09 16.00 16.56
N GLY A 194 -6.96 14.70 16.28
CA GLY A 194 -6.27 13.84 17.21
C GLY A 194 -4.81 14.24 17.42
N LEU A 195 -4.11 14.58 16.33
CA LEU A 195 -2.72 15.01 16.45
C LEU A 195 -2.60 16.34 17.19
N GLU A 196 -3.55 17.25 16.98
CA GLU A 196 -3.48 18.53 17.68
C GLU A 196 -3.71 18.37 19.18
N LEU A 197 -4.81 17.71 19.54
CA LEU A 197 -5.12 17.50 20.96
C LEU A 197 -4.13 16.55 21.61
N GLY A 198 -3.58 15.60 20.85
CA GLY A 198 -2.51 14.79 21.38
C GLY A 198 -1.29 15.62 21.73
N SER A 199 -0.96 16.60 20.87
CA SER A 199 0.17 17.48 21.16
C SER A 199 -0.09 18.28 22.44
N VAL A 200 -1.33 18.74 22.63
CA VAL A 200 -1.67 19.50 23.84
C VAL A 200 -1.28 18.71 25.08
N TYR A 201 -1.80 17.48 25.18
CA TYR A 201 -1.63 16.74 26.43
C TYR A 201 -0.25 16.07 26.50
N LEU A 202 0.36 15.76 25.36
CA LEU A 202 1.75 15.30 25.37
C LEU A 202 2.63 16.33 26.08
N ARG A 203 2.45 17.60 25.73
CA ARG A 203 3.21 18.67 26.37
C ARG A 203 2.90 18.74 27.86
N LEU A 204 1.65 18.52 28.25
CA LEU A 204 1.24 18.65 29.65
C LEU A 204 1.60 17.44 30.52
N GLY A 205 2.32 16.46 29.99
CA GLY A 205 2.79 15.33 30.77
C GLY A 205 2.22 13.99 30.39
N SER A 206 1.21 13.94 29.52
CA SER A 206 0.59 12.67 29.16
C SER A 206 1.51 11.83 28.30
N ASP A 207 1.34 10.52 28.39
CA ASP A 207 1.79 9.61 27.35
C ASP A 207 0.72 9.58 26.27
N VAL A 208 1.11 9.71 25.01
CA VAL A 208 0.15 9.75 23.91
C VAL A 208 0.54 8.70 22.88
N THR A 209 -0.37 7.80 22.57
CA THR A 209 -0.20 6.79 21.53
C THR A 209 -1.30 6.97 20.50
N VAL A 210 -0.91 7.14 19.24
CA VAL A 210 -1.86 7.28 18.14
C VAL A 210 -1.98 5.91 17.48
N VAL A 211 -3.18 5.34 17.50
CA VAL A 211 -3.43 4.04 16.89
C VAL A 211 -4.33 4.28 15.69
N GLU A 212 -3.83 3.93 14.52
CA GLU A 212 -4.41 4.37 13.27
C GLU A 212 -4.33 3.27 12.23
N TYR A 213 -5.39 3.16 11.42
CA TYR A 213 -5.41 2.20 10.33
C TYR A 213 -4.57 2.68 9.14
N LEU A 214 -4.36 3.98 9.01
CA LEU A 214 -3.69 4.52 7.84
C LEU A 214 -2.19 4.26 7.93
N ASP A 215 -1.52 4.28 6.76
CA ASP A 215 -0.12 3.90 6.70
C ASP A 215 0.84 5.04 6.96
N LYS A 216 0.33 6.27 7.08
CA LYS A 216 1.11 7.45 7.36
C LYS A 216 0.15 8.47 7.92
N ILE A 217 0.66 9.40 8.73
CA ILE A 217 -0.21 10.41 9.31
C ILE A 217 -0.44 11.54 8.30
N ILE A 218 -1.51 12.30 8.52
CA ILE A 218 -2.03 13.34 7.62
C ILE A 218 -1.84 12.92 6.16
N PRO A 219 -2.47 11.82 5.73
CA PRO A 219 -2.18 11.29 4.38
C PRO A 219 -2.69 12.15 3.23
N GLY A 220 -3.56 13.12 3.47
CA GLY A 220 -4.03 13.95 2.39
C GLY A 220 -3.11 15.07 1.98
N MET A 221 -2.01 15.24 2.70
CA MET A 221 -1.06 16.30 2.43
C MET A 221 0.15 15.71 1.71
N ASP A 222 1.11 16.57 1.42
CA ASP A 222 2.31 16.12 0.72
C ASP A 222 3.05 15.09 1.56
N GLY A 223 3.57 14.06 0.89
CA GLY A 223 4.24 12.97 1.60
C GLY A 223 5.41 13.41 2.43
N THR A 224 6.16 14.41 1.98
CA THR A 224 7.27 14.94 2.77
C THR A 224 6.76 15.47 4.10
N LEU A 225 5.63 16.18 4.07
CA LEU A 225 5.06 16.69 5.31
C LEU A 225 4.63 15.56 6.22
N SER A 226 4.03 14.51 5.64
CA SER A 226 3.67 13.33 6.44
C SER A 226 4.90 12.77 7.14
N LYS A 227 6.00 12.62 6.40
CA LYS A 227 7.23 12.07 6.95
C LYS A 227 7.80 12.98 8.04
N GLU A 228 7.91 14.28 7.75
CA GLU A 228 8.51 15.21 8.70
C GLU A 228 7.66 15.40 9.95
N LEU A 229 6.33 15.38 9.82
CA LEU A 229 5.50 15.55 11.00
C LEU A 229 5.63 14.36 11.95
N GLN A 230 5.60 13.14 11.41
CA GLN A 230 5.78 11.99 12.27
C GLN A 230 7.16 11.99 12.91
N LYS A 231 8.18 12.43 12.15
CA LYS A 231 9.54 12.50 12.68
C LYS A 231 9.65 13.46 13.87
N THR A 232 9.00 14.62 13.79
CA THR A 232 9.13 15.60 14.86
C THR A 232 8.22 15.25 16.04
N LEU A 233 7.03 14.72 15.76
CA LEU A 233 6.15 14.33 16.85
C LEU A 233 6.72 13.16 17.66
N LYS A 234 7.39 12.21 16.99
CA LYS A 234 8.09 11.16 17.72
C LYS A 234 9.17 11.76 18.60
N LYS A 235 9.90 12.74 18.07
CA LYS A 235 10.95 13.40 18.83
C LYS A 235 10.38 14.07 20.07
N GLN A 236 9.12 14.50 20.01
CA GLN A 236 8.46 15.14 21.13
C GLN A 236 7.88 14.16 22.13
N GLY A 237 7.85 12.87 21.80
CA GLY A 237 7.36 11.86 22.71
C GLY A 237 6.12 11.12 22.27
N MET A 238 5.49 11.53 21.16
CA MET A 238 4.30 10.82 20.72
C MET A 238 4.68 9.48 20.13
N LYS A 239 3.87 8.47 20.41
CA LYS A 239 4.04 7.13 19.87
C LYS A 239 3.01 6.88 18.77
N PHE A 240 3.41 6.12 17.76
CA PHE A 240 2.54 5.86 16.61
C PHE A 240 2.47 4.37 16.32
N MET A 241 1.25 3.84 16.24
CA MET A 241 0.96 2.46 15.86
C MET A 241 0.15 2.55 14.57
N LEU A 242 0.83 2.61 13.43
CA LEU A 242 0.17 2.79 12.15
C LEU A 242 -0.21 1.45 11.54
N SER A 243 -1.05 1.52 10.49
CA SER A 243 -1.51 0.35 9.74
C SER A 243 -2.11 -0.71 10.67
N THR A 244 -2.93 -0.25 11.61
CA THR A 244 -3.45 -1.10 12.68
C THR A 244 -4.96 -0.95 12.73
N ALA A 245 -5.66 -2.07 12.56
CA ALA A 245 -7.12 -2.05 12.44
C ALA A 245 -7.72 -2.36 13.81
N VAL A 246 -8.31 -1.33 14.42
CA VAL A 246 -8.94 -1.48 15.73
C VAL A 246 -10.23 -2.28 15.58
N SER A 247 -10.47 -3.18 16.53
CA SER A 247 -11.69 -3.97 16.54
C SER A 247 -12.48 -3.82 17.84
N GLY A 248 -11.94 -3.13 18.85
CA GLY A 248 -12.66 -3.00 20.09
C GLY A 248 -12.07 -1.91 20.96
N VAL A 249 -12.94 -1.24 21.70
CA VAL A 249 -12.58 -0.22 22.70
C VAL A 249 -13.45 -0.44 23.93
N GLU A 250 -12.86 -0.97 25.01
CA GLU A 250 -13.55 -1.29 26.26
C GLU A 250 -13.16 -0.31 27.35
N ARG A 251 -14.16 0.17 28.10
CA ARG A 251 -13.93 0.94 29.32
C ARG A 251 -14.09 0.02 30.52
N ASN A 252 -13.03 -0.10 31.32
CA ASN A 252 -13.03 -0.92 32.54
C ASN A 252 -12.71 0.00 33.71
N GLY A 253 -13.70 0.74 34.16
CA GLY A 253 -13.45 1.65 35.27
C GLY A 253 -12.62 2.82 34.82
N ASP A 254 -11.40 2.95 35.36
CA ASP A 254 -10.48 4.02 35.00
C ASP A 254 -9.60 3.68 33.81
N THR A 255 -9.92 2.63 33.07
CA THR A 255 -9.03 2.16 32.02
C THR A 255 -9.79 1.88 30.73
N VAL A 256 -9.17 2.22 29.61
CA VAL A 256 -9.69 1.92 28.28
C VAL A 256 -8.73 0.96 27.61
N LYS A 257 -9.27 -0.11 27.04
CA LYS A 257 -8.48 -1.13 26.36
C LYS A 257 -8.85 -1.14 24.88
N VAL A 258 -7.86 -0.89 24.02
CA VAL A 258 -8.06 -0.85 22.58
C VAL A 258 -7.43 -2.11 21.99
N THR A 259 -8.25 -2.94 21.35
CA THR A 259 -7.78 -4.17 20.73
C THR A 259 -7.80 -4.02 19.22
N ALA A 260 -6.77 -4.54 18.55
CA ALA A 260 -6.60 -4.35 17.11
C ALA A 260 -5.68 -5.42 16.54
N LYS A 261 -5.50 -5.38 15.22
CA LYS A 261 -4.56 -6.24 14.52
C LYS A 261 -3.67 -5.37 13.66
N ASP A 262 -2.38 -5.73 13.56
CA ASP A 262 -1.41 -4.92 12.84
C ASP A 262 -1.32 -5.40 11.39
N LYS A 263 -0.39 -4.82 10.63
CA LYS A 263 -0.33 -5.14 9.21
C LYS A 263 0.12 -6.57 8.96
N LYS A 264 0.83 -7.18 9.91
CA LYS A 264 1.19 -8.59 9.83
C LYS A 264 0.09 -9.50 10.36
N GLY A 265 -1.04 -8.95 10.80
CA GLY A 265 -2.14 -9.75 11.31
C GLY A 265 -2.08 -10.10 12.78
N GLU A 266 -1.05 -9.66 13.50
CA GLU A 266 -0.90 -10.01 14.91
C GLU A 266 -1.77 -9.13 15.80
N ASP A 267 -2.12 -9.68 16.96
CA ASP A 267 -2.97 -8.98 17.91
C ASP A 267 -2.21 -7.84 18.59
N VAL A 268 -2.91 -6.75 18.85
CA VAL A 268 -2.35 -5.57 19.51
C VAL A 268 -3.28 -5.12 20.62
N VAL A 269 -2.72 -4.75 21.77
CA VAL A 269 -3.50 -4.28 22.91
C VAL A 269 -2.85 -3.00 23.44
N VAL A 270 -3.66 -1.94 23.59
CA VAL A 270 -3.20 -0.68 24.14
C VAL A 270 -4.14 -0.26 25.26
N GLU A 271 -3.58 0.12 26.40
CA GLU A 271 -4.37 0.51 27.56
C GLU A 271 -4.01 1.94 27.93
N GLY A 272 -5.03 2.74 28.24
CA GLY A 272 -4.84 4.09 28.72
C GLY A 272 -5.98 4.44 29.66
N ASP A 273 -5.89 5.62 30.25
CA ASP A 273 -6.96 6.11 31.09
C ASP A 273 -7.89 7.08 30.35
N TYR A 274 -7.55 7.48 29.13
CA TYR A 274 -8.41 8.28 28.28
C TYR A 274 -8.22 7.86 26.83
N CYS A 275 -9.32 7.78 26.08
CA CYS A 275 -9.28 7.42 24.67
C CYS A 275 -10.07 8.43 23.85
N LEU A 276 -9.38 9.09 22.90
CA LEU A 276 -9.96 10.09 22.02
C LEU A 276 -10.12 9.51 20.62
N VAL A 277 -11.34 9.54 20.11
CA VAL A 277 -11.68 9.03 18.78
C VAL A 277 -11.67 10.17 17.78
N SER A 278 -10.70 10.17 16.88
CA SER A 278 -10.54 11.20 15.85
C SER A 278 -10.45 10.52 14.49
N VAL A 279 -11.57 10.02 14.01
CA VAL A 279 -11.62 9.26 12.77
C VAL A 279 -12.22 10.07 11.64
N GLY A 280 -12.36 11.38 11.79
CA GLY A 280 -12.83 12.22 10.72
C GLY A 280 -14.08 12.98 11.10
N ARG A 281 -14.61 13.72 10.13
CA ARG A 281 -15.82 14.51 10.30
C ARG A 281 -16.83 14.11 9.23
N ARG A 282 -18.10 14.19 9.60
CA ARG A 282 -19.20 13.72 8.79
C ARG A 282 -20.18 14.87 8.54
N PRO A 283 -20.67 15.06 7.32
CA PRO A 283 -21.62 16.15 7.07
C PRO A 283 -22.90 15.94 7.88
N TYR A 284 -23.46 17.04 8.37
CA TYR A 284 -24.59 17.00 9.28
C TYR A 284 -25.83 17.55 8.59
N THR A 285 -26.88 16.72 8.50
CA THR A 285 -28.15 17.15 7.93
C THR A 285 -29.35 16.67 8.73
N ASP A 286 -29.16 16.10 9.92
CA ASP A 286 -30.27 15.54 10.69
C ASP A 286 -31.29 16.62 11.01
N GLY A 287 -32.57 16.32 10.74
CA GLY A 287 -33.65 17.20 11.11
C GLY A 287 -33.85 18.41 10.24
N LEU A 288 -33.10 18.52 9.14
CA LEU A 288 -33.14 19.68 8.26
C LEU A 288 -34.36 19.69 7.34
N GLY A 289 -35.10 18.58 7.25
CA GLY A 289 -36.30 18.52 6.44
C GLY A 289 -36.05 18.59 4.96
N LEU A 290 -34.91 18.05 4.49
CA LEU A 290 -34.54 18.13 3.09
C LEU A 290 -35.57 17.43 2.18
N GLU A 291 -36.20 16.37 2.66
CA GLU A 291 -37.23 15.70 1.86
C GLU A 291 -38.39 16.62 1.55
N LYS A 292 -38.75 17.52 2.47
CA LYS A 292 -39.86 18.45 2.28
C LYS A 292 -39.53 19.60 1.33
N ALA A 293 -38.27 19.83 1.01
CA ALA A 293 -37.90 20.84 0.02
C ALA A 293 -37.47 20.22 -1.29
N GLY A 294 -37.11 18.94 -1.29
CA GLY A 294 -36.69 18.23 -2.47
C GLY A 294 -35.21 18.18 -2.72
N VAL A 295 -34.39 18.53 -1.73
CA VAL A 295 -32.94 18.63 -1.93
C VAL A 295 -32.31 17.25 -1.85
N GLU A 296 -31.46 16.92 -2.82
CA GLU A 296 -30.82 15.61 -2.88
C GLU A 296 -29.44 15.62 -2.21
N LEU A 297 -29.12 14.49 -1.59
CA LEU A 297 -27.80 14.20 -1.04
C LEU A 297 -27.05 13.25 -1.97
N ASP A 298 -25.74 13.13 -1.76
CA ASP A 298 -24.98 12.15 -2.51
C ASP A 298 -24.84 10.86 -1.68
N GLU A 299 -24.05 9.92 -2.21
CA GLU A 299 -23.89 8.64 -1.52
C GLU A 299 -23.15 8.80 -0.20
N ARG A 300 -22.35 9.87 -0.08
CA ARG A 300 -21.56 10.15 1.10
C ARG A 300 -22.32 10.98 2.15
N GLY A 301 -23.56 11.35 1.88
CA GLY A 301 -24.34 12.13 2.82
C GLY A 301 -24.19 13.62 2.70
N ARG A 302 -23.59 14.11 1.61
CA ARG A 302 -23.39 15.53 1.38
C ARG A 302 -24.46 16.09 0.45
N VAL A 303 -24.76 17.37 0.64
CA VAL A 303 -25.68 18.09 -0.24
C VAL A 303 -25.04 18.20 -1.61
N LYS A 304 -25.69 17.65 -2.63
CA LYS A 304 -25.18 17.79 -3.99
C LYS A 304 -25.26 19.25 -4.42
N THR A 305 -24.20 19.72 -5.08
CA THR A 305 -24.12 21.10 -5.54
C THR A 305 -23.53 21.10 -6.94
N ASN A 306 -23.72 22.20 -7.64
CA ASN A 306 -23.11 22.35 -8.96
C ASN A 306 -21.98 23.37 -8.90
N ASP A 307 -21.67 23.98 -10.05
CA ASP A 307 -20.59 24.95 -10.11
C ASP A 307 -20.88 26.18 -9.26
N HIS A 308 -22.16 26.53 -9.08
CA HIS A 308 -22.55 27.70 -8.31
C HIS A 308 -22.98 27.36 -6.89
N LEU A 309 -22.55 26.22 -6.38
CA LEU A 309 -22.95 25.73 -5.05
C LEU A 309 -24.47 25.63 -4.92
N GLN A 310 -25.14 25.35 -6.03
CA GLN A 310 -26.59 25.29 -6.11
C GLN A 310 -27.05 23.83 -5.99
N THR A 311 -28.13 23.61 -5.22
CA THR A 311 -28.73 22.29 -5.14
C THR A 311 -29.61 22.04 -6.36
N ASN A 312 -30.30 20.90 -6.37
CA ASN A 312 -31.24 20.63 -7.46
C ASN A 312 -32.45 21.56 -7.38
N VAL A 313 -32.78 22.06 -6.19
CA VAL A 313 -33.79 23.10 -6.01
C VAL A 313 -33.12 24.44 -6.22
N PRO A 314 -33.46 25.19 -7.28
CA PRO A 314 -32.60 26.29 -7.73
C PRO A 314 -32.39 27.42 -6.73
N ASN A 315 -33.35 27.66 -5.84
CA ASN A 315 -33.25 28.77 -4.89
C ASN A 315 -32.55 28.37 -3.60
N ILE A 316 -32.12 27.12 -3.48
CA ILE A 316 -31.46 26.62 -2.28
C ILE A 316 -30.00 26.31 -2.61
N TYR A 317 -29.09 26.89 -1.83
CA TYR A 317 -27.66 26.68 -1.97
C TYR A 317 -27.11 26.00 -0.71
N ALA A 318 -25.88 25.53 -0.81
CA ALA A 318 -25.26 24.86 0.31
C ALA A 318 -23.76 25.09 0.26
N ILE A 319 -23.17 25.29 1.45
CA ILE A 319 -21.76 25.66 1.59
C ILE A 319 -21.15 24.89 2.74
N GLY A 320 -19.81 24.89 2.78
CA GLY A 320 -19.11 24.47 3.97
C GLY A 320 -18.96 22.96 4.08
N ASP A 321 -18.89 22.49 5.32
CA ASP A 321 -18.63 21.07 5.59
C ASP A 321 -19.77 20.18 5.09
N VAL A 322 -20.94 20.76 4.81
CA VAL A 322 -22.07 19.92 4.40
C VAL A 322 -22.02 19.61 2.91
N VAL A 323 -21.06 20.16 2.18
CA VAL A 323 -20.89 19.90 0.76
C VAL A 323 -19.48 19.37 0.53
N LYS A 324 -19.23 18.97 -0.72
CA LYS A 324 -17.94 18.41 -1.12
C LYS A 324 -16.83 19.45 -1.04
N GLY A 325 -15.61 18.95 -0.89
CA GLY A 325 -14.42 19.77 -0.77
C GLY A 325 -13.78 19.62 0.60
N ALA A 326 -12.63 20.28 0.75
CA ALA A 326 -11.89 20.22 2.00
C ALA A 326 -12.73 20.79 3.13
N MET A 327 -12.79 20.06 4.24
CA MET A 327 -13.61 20.46 5.37
C MET A 327 -12.80 21.42 6.25
N LEU A 328 -12.68 22.64 5.74
CA LEU A 328 -11.92 23.69 6.38
C LEU A 328 -12.79 24.92 6.62
N ALA A 329 -12.46 25.65 7.68
CA ALA A 329 -13.28 26.79 8.09
C ALA A 329 -13.21 27.91 7.05
N HIS A 330 -12.01 28.24 6.58
CA HIS A 330 -11.92 29.29 5.56
C HIS A 330 -12.49 28.84 4.22
N LYS A 331 -12.56 27.53 3.97
CA LYS A 331 -13.26 27.06 2.77
C LYS A 331 -14.75 27.32 2.87
N ALA A 332 -15.33 27.17 4.06
CA ALA A 332 -16.74 27.49 4.26
C ALA A 332 -16.97 29.00 4.14
N GLU A 333 -16.06 29.80 4.70
CA GLU A 333 -16.17 31.25 4.61
C GLU A 333 -16.19 31.70 3.15
N GLU A 334 -15.27 31.18 2.34
CA GLU A 334 -15.21 31.60 0.93
C GLU A 334 -16.47 31.19 0.19
N GLU A 335 -16.95 29.96 0.44
CA GLU A 335 -18.16 29.51 -0.23
C GLU A 335 -19.38 30.32 0.18
N GLY A 336 -19.41 30.80 1.43
CA GLY A 336 -20.50 31.68 1.84
C GLY A 336 -20.48 33.00 1.10
N VAL A 337 -19.30 33.61 0.96
CA VAL A 337 -19.17 34.84 0.17
C VAL A 337 -19.53 34.58 -1.29
N PHE A 338 -19.16 33.39 -1.78
CA PHE A 338 -19.46 33.03 -3.16
C PHE A 338 -20.97 33.01 -3.41
N VAL A 339 -21.72 32.35 -2.53
CA VAL A 339 -23.16 32.24 -2.76
C VAL A 339 -23.82 33.61 -2.66
N ALA A 340 -23.44 34.41 -1.66
CA ALA A 340 -24.04 35.73 -1.50
C ALA A 340 -23.82 36.59 -2.74
N GLU A 341 -22.59 36.61 -3.27
CA GLU A 341 -22.34 37.41 -4.47
C GLU A 341 -23.05 36.82 -5.68
N THR A 342 -23.16 35.49 -5.74
CA THR A 342 -23.93 34.86 -6.81
C THR A 342 -25.40 35.26 -6.73
N LEU A 343 -25.96 35.27 -5.51
CA LEU A 343 -27.36 35.69 -5.34
C LEU A 343 -27.57 37.12 -5.77
N ALA A 344 -26.52 37.94 -5.73
CA ALA A 344 -26.60 39.34 -6.09
C ALA A 344 -26.39 39.58 -7.58
N GLY A 345 -26.25 38.53 -8.39
CA GLY A 345 -26.08 38.67 -9.82
C GLY A 345 -24.66 38.79 -10.29
N GLU A 346 -23.68 38.67 -9.40
CA GLU A 346 -22.27 38.72 -9.76
C GLU A 346 -21.79 37.34 -10.20
N LYS A 347 -20.54 37.30 -10.65
CA LYS A 347 -19.91 36.07 -11.16
C LYS A 347 -18.60 35.82 -10.41
N PRO A 348 -18.66 35.37 -9.17
CA PRO A 348 -17.44 35.10 -8.40
C PRO A 348 -16.81 33.78 -8.81
N HIS A 349 -15.62 33.53 -8.27
CA HIS A 349 -14.91 32.28 -8.53
C HIS A 349 -14.19 31.78 -7.29
N VAL A 350 -14.18 30.46 -7.09
CA VAL A 350 -13.40 29.83 -6.04
C VAL A 350 -12.37 28.93 -6.71
N ASN A 351 -11.09 29.17 -6.42
CA ASN A 351 -10.01 28.29 -6.86
C ASN A 351 -9.69 27.33 -5.70
N TYR A 352 -10.25 26.12 -5.78
CA TYR A 352 -10.10 25.17 -4.69
C TYR A 352 -8.68 24.63 -4.59
N ASN A 353 -7.90 24.71 -5.68
CA ASN A 353 -6.50 24.30 -5.61
C ASN A 353 -5.67 25.25 -4.76
N LEU A 354 -6.16 26.47 -4.52
CA LEU A 354 -5.41 27.50 -3.78
C LEU A 354 -5.99 27.76 -2.41
N ILE A 355 -6.71 26.79 -1.84
CA ILE A 355 -7.20 26.87 -0.47
C ILE A 355 -6.17 26.15 0.41
N PRO A 356 -5.50 26.85 1.32
CA PRO A 356 -4.46 26.19 2.12
C PRO A 356 -5.04 25.31 3.22
N GLY A 357 -4.27 24.31 3.60
CA GLY A 357 -4.61 23.48 4.74
C GLY A 357 -3.54 23.58 5.81
N VAL A 358 -3.93 23.74 7.08
CA VAL A 358 -3.00 23.98 8.16
C VAL A 358 -3.20 22.94 9.27
N VAL A 359 -2.09 22.45 9.82
CA VAL A 359 -2.07 21.65 11.03
C VAL A 359 -1.40 22.48 12.11
N TYR A 360 -2.09 22.67 13.23
CA TYR A 360 -1.62 23.62 14.24
C TYR A 360 -0.78 22.97 15.32
N THR A 361 0.00 21.94 15.00
CA THR A 361 1.00 21.44 15.92
C THR A 361 2.17 22.43 15.98
N TRP A 362 3.21 22.07 16.72
CA TRP A 362 4.45 22.85 16.76
C TRP A 362 5.64 21.94 16.49
N PRO A 363 6.32 22.08 15.34
CA PRO A 363 6.11 23.10 14.31
C PRO A 363 4.78 23.02 13.60
N GLU A 364 4.31 24.16 13.08
CA GLU A 364 3.09 24.17 12.29
C GLU A 364 3.33 23.53 10.93
N VAL A 365 2.25 23.01 10.35
CA VAL A 365 2.27 22.36 9.05
C VAL A 365 1.25 23.06 8.16
N ALA A 366 1.64 23.35 6.92
CA ALA A 366 0.74 24.03 6.01
C ALA A 366 1.09 23.62 4.59
N GLY A 367 0.08 23.45 3.76
CA GLY A 367 0.28 23.14 2.37
C GLY A 367 -0.75 23.83 1.50
N VAL A 368 -0.34 24.14 0.27
CA VAL A 368 -1.24 24.69 -0.73
C VAL A 368 -0.79 24.17 -2.09
N GLY A 369 -1.75 23.98 -2.99
CA GLY A 369 -1.46 23.51 -4.32
C GLY A 369 -1.47 22.00 -4.43
N LYS A 370 -0.76 21.51 -5.43
CA LYS A 370 -0.67 20.08 -5.68
C LYS A 370 0.39 19.44 -4.79
N THR A 371 0.12 18.20 -4.39
CA THR A 371 1.16 17.42 -3.73
C THR A 371 2.02 16.75 -4.79
N GLU A 372 3.20 16.26 -4.36
CA GLU A 372 4.05 15.53 -5.27
C GLU A 372 3.37 14.24 -5.75
N GLU A 373 2.65 13.56 -4.86
CA GLU A 373 1.90 12.37 -5.28
C GLU A 373 0.88 12.73 -6.36
N GLN A 374 0.23 13.89 -6.24
CA GLN A 374 -0.72 14.31 -7.27
C GLN A 374 -0.01 14.58 -8.59
N LEU A 375 1.15 15.22 -8.55
CA LEU A 375 1.90 15.48 -9.78
C LEU A 375 2.36 14.18 -10.44
N LYS A 376 2.78 13.19 -9.63
CA LYS A 376 3.21 11.91 -10.17
C LYS A 376 2.05 11.16 -10.82
N GLU A 377 0.89 11.10 -10.16
CA GLU A 377 -0.25 10.38 -10.74
C GLU A 377 -0.72 11.01 -12.05
N ALA A 378 -0.50 12.31 -12.22
CA ALA A 378 -0.92 13.00 -13.43
C ALA A 378 0.16 13.03 -14.50
N GLY A 379 1.33 12.48 -14.23
CA GLY A 379 2.41 12.48 -15.20
C GLY A 379 2.97 13.86 -15.49
N VAL A 380 2.89 14.77 -14.54
CA VAL A 380 3.40 16.12 -14.72
C VAL A 380 4.90 16.11 -14.49
N ALA A 381 5.65 16.75 -15.39
CA ALA A 381 7.08 16.89 -15.22
C ALA A 381 7.35 18.03 -14.24
N TYR A 382 7.96 17.74 -13.11
CA TYR A 382 8.10 18.73 -12.05
C TYR A 382 9.52 18.73 -11.49
N LYS A 383 9.91 19.88 -10.94
CA LYS A 383 11.13 20.09 -10.17
C LYS A 383 10.79 20.20 -8.70
N THR A 384 11.76 19.89 -7.84
CA THR A 384 11.63 20.01 -6.40
C THR A 384 12.70 20.93 -5.85
N GLY A 385 12.31 21.86 -5.00
CA GLY A 385 13.24 22.65 -4.20
C GLY A 385 12.93 22.44 -2.73
N SER A 386 13.97 22.46 -1.91
CA SER A 386 13.80 22.08 -0.51
C SER A 386 14.89 22.72 0.33
N PHE A 387 14.51 23.50 1.33
CA PHE A 387 15.46 24.13 2.25
C PHE A 387 15.10 23.81 3.70
N PRO A 388 16.08 23.45 4.53
CA PRO A 388 15.77 23.06 5.91
C PRO A 388 15.64 24.25 6.87
N MET A 389 14.71 24.11 7.83
CA MET A 389 14.46 25.19 8.77
C MET A 389 15.62 25.40 9.73
N ARG A 390 16.35 24.33 10.06
CA ARG A 390 17.46 24.44 11.01
C ARG A 390 18.59 25.31 10.49
N ALA A 391 18.63 25.57 9.19
CA ALA A 391 19.71 26.39 8.63
C ALA A 391 19.44 27.89 8.72
N LEU A 392 18.23 28.28 9.12
CA LEU A 392 17.88 29.69 9.26
C LEU A 392 18.45 30.27 10.53
N GLY A 393 19.04 31.47 10.42
CA GLY A 393 19.52 32.17 11.59
C GLY A 393 18.41 32.48 12.57
N ARG A 394 17.21 32.77 12.06
CA ARG A 394 16.07 33.00 12.93
C ARG A 394 15.74 31.77 13.77
N SER A 395 15.80 30.58 13.17
CA SER A 395 15.50 29.36 13.91
C SER A 395 16.55 29.06 14.97
N ARG A 396 17.81 29.31 14.67
CA ARG A 396 18.85 29.12 15.67
C ARG A 396 18.64 30.03 16.87
N ALA A 397 18.15 31.25 16.64
CA ALA A 397 17.99 32.19 17.73
C ALA A 397 16.81 31.82 18.63
N SER A 398 15.75 31.25 18.06
CA SER A 398 14.55 30.90 18.81
C SER A 398 14.52 29.46 19.29
N MET A 399 15.39 28.60 18.76
CA MET A 399 15.45 27.16 18.98
C MET A 399 14.28 26.41 18.34
N ASP A 400 13.50 27.08 17.48
CA ASP A 400 12.43 26.42 16.74
C ASP A 400 12.99 26.03 15.37
N THR A 401 13.75 24.92 15.37
CA THR A 401 14.57 24.54 14.24
C THR A 401 14.04 23.37 13.41
N ASP A 402 12.93 22.75 13.82
CA ASP A 402 12.43 21.59 13.09
C ASP A 402 11.74 22.01 11.79
N GLY A 403 11.94 21.21 10.76
CA GLY A 403 11.11 21.27 9.59
C GLY A 403 11.86 21.61 8.32
N VAL A 404 11.08 21.82 7.25
CA VAL A 404 11.60 22.02 5.92
C VAL A 404 10.52 22.74 5.12
N ILE A 405 10.95 23.49 4.12
CA ILE A 405 10.08 24.11 3.13
C ILE A 405 10.31 23.43 1.78
N LYS A 406 9.24 23.03 1.12
CA LYS A 406 9.32 22.26 -0.11
C LYS A 406 8.47 22.92 -1.17
N ILE A 407 9.08 23.19 -2.33
CA ILE A 407 8.40 23.84 -3.45
C ILE A 407 8.45 22.91 -4.65
N LEU A 408 7.31 22.75 -5.32
CA LEU A 408 7.19 22.01 -6.55
C LEU A 408 6.93 22.98 -7.69
N ALA A 409 7.70 22.85 -8.77
CA ALA A 409 7.61 23.75 -9.91
C ALA A 409 7.57 22.97 -11.21
N ASP A 410 6.85 23.52 -12.20
CA ASP A 410 6.82 22.89 -13.52
C ASP A 410 8.20 22.95 -14.14
N GLU A 411 8.67 21.82 -14.66
CA GLU A 411 10.05 21.78 -15.14
C GLU A 411 10.26 22.66 -16.36
N LYS A 412 9.25 22.81 -17.23
CA LYS A 412 9.44 23.59 -18.45
C LYS A 412 9.24 25.08 -18.19
N THR A 413 8.19 25.46 -17.46
CA THR A 413 7.85 26.87 -17.30
C THR A 413 8.30 27.47 -15.98
N ASP A 414 8.74 26.65 -15.02
CA ASP A 414 9.18 27.07 -13.68
C ASP A 414 8.02 27.56 -12.82
N GLU A 415 6.78 27.42 -13.28
CA GLU A 415 5.65 27.87 -12.49
C GLU A 415 5.50 26.99 -11.26
N ILE A 416 5.32 27.64 -10.10
CA ILE A 416 5.12 26.92 -8.85
C ILE A 416 3.79 26.19 -8.88
N LEU A 417 3.83 24.88 -8.64
CA LEU A 417 2.63 24.06 -8.64
C LEU A 417 2.14 23.67 -7.24
N GLY A 418 3.02 23.72 -6.23
CA GLY A 418 2.66 23.41 -4.86
C GLY A 418 3.75 23.79 -3.89
N VAL A 419 3.36 24.28 -2.70
CA VAL A 419 4.30 24.69 -1.66
C VAL A 419 3.88 24.01 -0.37
N HIS A 420 4.83 23.32 0.27
CA HIS A 420 4.52 22.47 1.42
C HIS A 420 5.51 22.74 2.55
N MET A 421 5.00 23.15 3.70
CA MET A 421 5.81 23.68 4.78
C MET A 421 5.58 22.89 6.07
N ILE A 422 6.67 22.68 6.81
CA ILE A 422 6.58 22.31 8.21
C ILE A 422 7.69 23.06 8.92
N GLY A 423 7.33 23.86 9.91
CA GLY A 423 8.29 24.71 10.58
C GLY A 423 7.58 25.75 11.42
N ALA A 424 8.39 26.57 12.09
CA ALA A 424 7.83 27.62 12.94
C ALA A 424 7.02 28.59 12.09
N ARG A 425 5.85 28.96 12.60
CA ARG A 425 4.96 29.96 12.02
C ARG A 425 4.48 29.57 10.61
N ALA A 426 4.49 28.28 10.27
CA ALA A 426 4.05 27.88 8.94
C ALA A 426 2.59 28.24 8.70
N ALA A 427 1.78 28.29 9.76
CA ALA A 427 0.37 28.62 9.58
C ALA A 427 0.18 29.99 8.95
N ASP A 428 1.13 30.90 9.15
CA ASP A 428 1.06 32.21 8.54
C ASP A 428 2.04 32.40 7.39
N MET A 429 3.13 31.64 7.34
CA MET A 429 4.02 31.72 6.19
C MET A 429 3.31 31.24 4.92
N ILE A 430 2.35 30.34 5.07
CA ILE A 430 1.69 29.74 3.91
C ILE A 430 0.98 30.79 3.07
N ALA A 431 0.62 31.93 3.67
CA ALA A 431 -0.09 32.96 2.93
C ALA A 431 0.75 33.50 1.78
N GLU A 432 2.08 33.60 1.97
CA GLU A 432 2.95 34.04 0.88
C GLU A 432 2.82 33.10 -0.32
N ALA A 433 2.80 31.78 -0.06
CA ALA A 433 2.68 30.83 -1.15
C ALA A 433 1.31 30.92 -1.81
N VAL A 434 0.26 31.15 -1.02
CA VAL A 434 -1.07 31.26 -1.59
C VAL A 434 -1.13 32.43 -2.57
N VAL A 435 -0.65 33.60 -2.15
CA VAL A 435 -0.66 34.76 -3.02
C VAL A 435 0.24 34.54 -4.22
N ALA A 436 1.39 33.90 -3.99
CA ALA A 436 2.31 33.62 -5.08
C ALA A 436 1.64 32.77 -6.15
N MET A 437 0.96 31.69 -5.74
CA MET A 437 0.31 30.82 -6.72
C MET A 437 -0.89 31.49 -7.36
N GLU A 438 -1.57 32.39 -6.65
CA GLU A 438 -2.68 33.11 -7.26
C GLU A 438 -2.20 33.92 -8.46
N PHE A 439 -1.01 34.49 -8.39
CA PHE A 439 -0.47 35.23 -9.51
C PHE A 439 0.42 34.37 -10.39
N ARG A 440 0.31 33.04 -10.27
CA ARG A 440 0.99 32.08 -11.13
C ARG A 440 2.49 32.32 -11.16
N ALA A 441 3.05 32.59 -9.99
CA ALA A 441 4.45 32.95 -9.87
C ALA A 441 5.34 31.74 -10.13
N SER A 442 6.51 32.01 -10.68
CA SER A 442 7.51 30.98 -10.88
C SER A 442 8.43 30.91 -9.66
N ALA A 443 9.17 29.80 -9.56
CA ALA A 443 10.17 29.68 -8.51
C ALA A 443 11.19 30.81 -8.60
N GLU A 444 11.57 31.18 -9.82
CA GLU A 444 12.49 32.30 -10.01
C GLU A 444 11.88 33.60 -9.49
N ASP A 445 10.58 33.80 -9.71
CA ASP A 445 9.92 35.01 -9.23
C ASP A 445 10.11 35.16 -7.73
N ILE A 446 9.77 34.12 -6.97
CA ILE A 446 9.89 34.17 -5.52
C ILE A 446 11.35 34.26 -5.10
N ALA A 447 12.24 33.61 -5.84
CA ALA A 447 13.65 33.61 -5.48
C ALA A 447 14.27 34.99 -5.56
N ARG A 448 13.70 35.90 -6.34
CA ARG A 448 14.29 37.22 -6.56
C ARG A 448 13.63 38.31 -5.72
N ILE A 449 12.59 37.97 -4.98
CA ILE A 449 11.87 38.92 -4.15
C ILE A 449 12.56 39.04 -2.79
N SER A 450 12.62 40.27 -2.28
CA SER A 450 13.23 40.50 -0.97
C SER A 450 12.42 39.83 0.13
N HIS A 451 13.11 39.05 0.96
CA HIS A 451 12.54 38.46 2.17
C HIS A 451 13.28 39.02 3.36
N ALA A 452 12.54 39.55 4.33
CA ALA A 452 13.15 40.16 5.50
C ALA A 452 14.09 39.19 6.19
N HIS A 453 15.24 39.70 6.62
CA HIS A 453 16.25 38.93 7.32
C HIS A 453 16.45 39.49 8.72
N PRO A 454 16.43 38.65 9.77
CA PRO A 454 16.16 37.21 9.73
C PRO A 454 14.70 36.84 9.99
N THR A 455 14.09 36.05 9.09
CA THR A 455 12.73 35.58 9.27
C THR A 455 12.64 34.12 8.84
N TYR A 456 11.55 33.47 9.23
CA TYR A 456 11.35 32.09 8.80
C TYR A 456 11.01 32.02 7.32
N THR A 457 10.44 33.10 6.75
CA THR A 457 10.08 33.11 5.34
C THR A 457 11.29 33.06 4.42
N GLU A 458 12.50 33.35 4.93
CA GLU A 458 13.68 33.22 4.09
C GLU A 458 13.86 31.79 3.62
N ALA A 459 13.32 30.82 4.37
CA ALA A 459 13.37 29.44 3.92
C ALA A 459 12.56 29.25 2.65
N ILE A 460 11.48 30.02 2.48
CA ILE A 460 10.74 29.96 1.23
C ILE A 460 11.61 30.49 0.09
N LYS A 461 12.24 31.65 0.29
CA LYS A 461 13.12 32.21 -0.72
C LYS A 461 14.23 31.24 -1.09
N GLU A 462 14.83 30.59 -0.09
CA GLU A 462 15.93 29.66 -0.37
C GLU A 462 15.43 28.43 -1.12
N ALA A 463 14.28 27.89 -0.73
CA ALA A 463 13.72 26.74 -1.45
C ALA A 463 13.40 27.10 -2.90
N ALA A 464 12.89 28.31 -3.14
CA ALA A 464 12.62 28.75 -4.50
C ALA A 464 13.90 28.85 -5.32
N LEU A 465 14.98 29.32 -4.70
CA LEU A 465 16.28 29.30 -5.38
C LEU A 465 16.69 27.88 -5.72
N ASP A 466 16.45 26.95 -4.79
CA ASP A 466 16.80 25.55 -5.03
C ASP A 466 15.96 24.95 -6.15
N ALA A 467 14.68 25.29 -6.21
CA ALA A 467 13.81 24.74 -7.23
C ALA A 467 14.12 25.31 -8.60
N THR A 468 14.39 26.62 -8.66
CA THR A 468 14.53 27.26 -9.97
C THR A 468 15.81 26.81 -10.66
N GLY A 469 16.89 26.59 -9.91
CA GLY A 469 18.14 26.22 -10.55
C GLY A 469 19.20 25.64 -9.64
N LYS A 470 18.78 25.02 -8.53
CA LYS A 470 19.70 24.44 -7.56
C LYS A 470 20.79 25.43 -7.16
N ARG A 471 20.40 26.68 -6.94
CA ARG A 471 21.37 27.73 -6.64
C ARG A 471 20.98 28.51 -5.41
N ALA A 472 20.54 27.79 -4.37
CA ALA A 472 20.31 28.41 -3.07
C ALA A 472 21.62 28.92 -2.50
N ILE A 473 21.53 29.96 -1.67
CA ILE A 473 22.72 30.62 -1.14
C ILE A 473 23.16 30.02 0.18
N HIS A 474 22.22 29.73 1.08
CA HIS A 474 22.52 29.39 2.46
C HIS A 474 22.45 27.89 2.75
N MET A 475 22.67 27.06 1.74
CA MET A 475 22.54 25.61 1.90
C MET A 475 23.73 24.91 1.28
N MET B 9 51.95 36.67 -6.66
CA MET B 9 50.70 37.39 -6.47
C MET B 9 49.53 36.67 -7.13
N ASN B 10 48.64 36.09 -6.33
CA ASN B 10 47.53 35.32 -6.86
C ASN B 10 46.54 36.26 -7.55
N GLN B 11 45.74 35.69 -8.46
CA GLN B 11 44.77 36.46 -9.24
C GLN B 11 43.37 35.91 -9.05
N PHE B 12 42.40 36.82 -8.92
CA PHE B 12 41.00 36.46 -8.76
C PHE B 12 40.16 37.30 -9.70
N ASP B 13 38.96 36.80 -10.01
CA ASP B 13 38.03 37.56 -10.82
C ASP B 13 37.32 38.62 -9.98
N VAL B 14 36.91 38.27 -8.77
CA VAL B 14 36.19 39.16 -7.88
C VAL B 14 36.75 39.03 -6.47
N ALA B 15 36.99 40.17 -5.82
CA ALA B 15 37.37 40.23 -4.42
C ALA B 15 36.28 40.97 -3.67
N VAL B 16 35.93 40.47 -2.48
CA VAL B 16 34.88 41.06 -1.67
C VAL B 16 35.47 41.45 -0.31
N ILE B 17 35.41 42.74 0.00
CA ILE B 17 35.95 43.27 1.25
C ILE B 17 34.79 43.37 2.23
N GLY B 18 34.78 42.51 3.25
CA GLY B 18 33.67 42.47 4.19
C GLY B 18 32.90 41.17 4.15
N SER B 19 32.62 40.60 5.32
CA SER B 19 31.93 39.32 5.43
C SER B 19 30.54 39.48 6.04
N GLY B 20 29.92 40.64 5.84
CA GLY B 20 28.56 40.82 6.27
C GLY B 20 27.62 40.06 5.36
N PRO B 21 26.31 40.18 5.64
CA PRO B 21 25.31 39.50 4.79
C PRO B 21 25.45 39.85 3.32
N GLY B 22 25.70 41.12 3.01
CA GLY B 22 25.97 41.49 1.63
C GLY B 22 27.24 40.87 1.11
N GLY B 23 28.32 40.98 1.88
CA GLY B 23 29.62 40.49 1.46
C GLY B 23 29.63 39.01 1.13
N TYR B 24 29.23 38.16 2.08
CA TYR B 24 29.38 36.73 1.85
C TYR B 24 28.33 36.18 0.89
N VAL B 25 27.15 36.79 0.83
CA VAL B 25 26.17 36.33 -0.15
C VAL B 25 26.62 36.69 -1.57
N ALA B 26 27.20 37.88 -1.74
CA ALA B 26 27.76 38.24 -3.04
C ALA B 26 28.83 37.24 -3.47
N ALA B 27 29.72 36.86 -2.54
CA ALA B 27 30.78 35.91 -2.87
C ALA B 27 30.21 34.58 -3.32
N ILE B 28 29.18 34.08 -2.61
CA ILE B 28 28.54 32.83 -3.00
C ILE B 28 27.91 32.97 -4.38
N ARG B 29 27.20 34.07 -4.61
CA ARG B 29 26.57 34.28 -5.92
C ARG B 29 27.62 34.44 -7.02
N CYS B 30 28.77 35.06 -6.71
CA CYS B 30 29.85 35.11 -7.69
C CYS B 30 30.43 33.73 -7.94
N ALA B 31 30.62 32.94 -6.89
CA ALA B 31 31.14 31.59 -7.07
C ALA B 31 30.18 30.73 -7.87
N GLN B 32 28.87 30.91 -7.67
CA GLN B 32 27.89 30.13 -8.42
C GLN B 32 27.95 30.45 -9.90
N LEU B 33 28.34 31.66 -10.26
CA LEU B 33 28.39 32.08 -11.66
C LEU B 33 29.72 31.75 -12.33
N GLY B 34 30.68 31.20 -11.61
CA GLY B 34 31.91 30.74 -12.20
C GLY B 34 33.12 31.62 -11.98
N PHE B 35 33.02 32.63 -11.12
CA PHE B 35 34.12 33.54 -10.89
C PHE B 35 35.07 33.01 -9.83
N LYS B 36 36.36 33.27 -10.01
CA LYS B 36 37.35 33.03 -8.96
C LYS B 36 37.19 34.14 -7.92
N THR B 37 36.70 33.77 -6.73
CA THR B 37 36.28 34.74 -5.74
C THR B 37 37.07 34.59 -4.45
N VAL B 38 37.43 35.72 -3.86
CA VAL B 38 38.10 35.77 -2.56
C VAL B 38 37.38 36.81 -1.70
N ILE B 39 37.29 36.53 -0.40
CA ILE B 39 36.64 37.44 0.53
C ILE B 39 37.58 37.72 1.71
N ILE B 40 37.60 38.97 2.15
CA ILE B 40 38.53 39.46 3.16
C ILE B 40 37.73 40.01 4.34
N GLU B 41 38.09 39.63 5.55
CA GLU B 41 37.42 40.10 6.76
C GLU B 41 38.44 40.43 7.83
N LYS B 42 38.34 41.63 8.42
CA LYS B 42 39.27 42.01 9.49
C LYS B 42 38.91 41.39 10.82
N TYR B 43 37.63 41.08 11.04
CA TYR B 43 37.17 40.46 12.28
C TYR B 43 37.69 39.03 12.38
N SER B 44 37.71 38.51 13.62
CA SER B 44 38.19 37.14 13.86
C SER B 44 37.29 36.08 13.23
N THR B 45 35.98 36.34 13.15
CA THR B 45 35.03 35.39 12.56
C THR B 45 34.22 36.09 11.47
N LEU B 46 33.54 35.29 10.67
CA LEU B 46 32.72 35.79 9.58
C LEU B 46 31.32 36.14 10.07
N GLY B 47 30.62 36.95 9.28
CA GLY B 47 29.23 37.26 9.56
C GLY B 47 28.88 38.74 9.54
N GLY B 48 29.88 39.61 9.76
CA GLY B 48 29.61 41.02 9.72
C GLY B 48 28.86 41.50 10.96
N THR B 49 28.24 42.67 10.82
CA THR B 49 27.48 43.25 11.94
C THR B 49 26.28 42.38 12.28
N CYS B 50 25.55 41.91 11.28
CA CYS B 50 24.30 41.21 11.51
C CYS B 50 24.49 39.96 12.36
N LEU B 51 25.60 39.25 12.17
CA LEU B 51 25.79 38.00 12.91
C LEU B 51 26.42 38.22 14.28
N ASN B 52 27.48 39.01 14.36
CA ASN B 52 28.24 39.04 15.59
C ASN B 52 27.72 40.06 16.60
N VAL B 53 27.19 41.20 16.14
CA VAL B 53 26.77 42.25 17.04
C VAL B 53 25.47 42.89 16.57
N GLY B 54 24.71 42.17 15.76
CA GLY B 54 23.51 42.74 15.16
C GLY B 54 22.26 41.88 15.24
N CYS B 55 21.77 41.46 14.08
CA CYS B 55 20.45 40.82 13.99
C CYS B 55 20.38 39.59 14.88
N ILE B 56 21.24 38.62 14.64
CA ILE B 56 21.16 37.35 15.37
C ILE B 56 21.27 37.55 16.88
N PRO B 57 22.29 38.23 17.41
CA PRO B 57 22.35 38.42 18.88
C PRO B 57 21.11 39.05 19.47
N SER B 58 20.64 40.15 18.89
CA SER B 58 19.46 40.83 19.44
C SER B 58 18.23 39.92 19.36
N LYS B 59 18.05 39.22 18.23
CA LYS B 59 16.90 38.34 18.09
C LYS B 59 16.92 37.24 19.15
N ALA B 60 18.12 36.72 19.46
CA ALA B 60 18.23 35.69 20.49
C ALA B 60 17.79 36.23 21.85
N LEU B 61 18.27 37.43 22.21
CA LEU B 61 17.87 38.03 23.48
C LEU B 61 16.40 38.43 23.50
N LEU B 62 15.84 38.80 22.35
CA LEU B 62 14.42 39.12 22.30
C LEU B 62 13.58 37.90 22.58
N ASP B 63 14.01 36.74 22.07
CA ASP B 63 13.26 35.50 22.28
C ASP B 63 13.35 35.07 23.75
N SER B 64 14.54 35.16 24.34
CA SER B 64 14.70 34.78 25.74
C SER B 64 13.93 35.70 26.66
N SER B 65 14.01 37.02 26.43
CA SER B 65 13.33 37.96 27.32
C SER B 65 11.81 37.86 27.21
N GLU B 66 11.29 37.55 26.02
CA GLU B 66 9.84 37.41 25.88
C GLU B 66 9.32 36.21 26.65
N HIS B 67 10.08 35.11 26.65
CA HIS B 67 9.74 33.96 27.48
C HIS B 67 9.64 34.37 28.95
N PHE B 68 10.63 35.13 29.43
CA PHE B 68 10.60 35.60 30.82
C PHE B 68 9.38 36.47 31.07
N GLU B 69 9.01 37.29 30.08
CA GLU B 69 7.82 38.13 30.23
C GLU B 69 6.57 37.28 30.43
N ASN B 70 6.42 36.20 29.64
CA ASN B 70 5.26 35.33 29.80
C ASN B 70 5.22 34.69 31.18
N ALA B 71 6.33 34.12 31.61
CA ALA B 71 6.38 33.47 32.91
C ALA B 71 5.99 34.44 34.02
N LYS B 72 6.33 35.72 33.87
CA LYS B 72 6.08 36.68 34.94
C LYS B 72 4.66 37.23 34.91
N HIS B 73 4.02 37.33 33.74
CA HIS B 73 2.76 38.06 33.62
C HIS B 73 1.59 37.27 33.02
N THR B 74 1.83 36.18 32.29
CA THR B 74 0.75 35.49 31.61
C THR B 74 0.60 34.02 31.99
N PHE B 75 1.61 33.41 32.62
CA PHE B 75 1.56 31.99 32.90
C PHE B 75 0.39 31.64 33.81
N ALA B 76 0.13 32.47 34.82
CA ALA B 76 -0.97 32.20 35.74
C ALA B 76 -2.31 32.16 35.01
N THR B 77 -2.55 33.12 34.12
CA THR B 77 -3.76 33.07 33.29
C THR B 77 -3.76 31.86 32.39
N HIS B 78 -2.58 31.47 31.89
CA HIS B 78 -2.46 30.30 31.06
C HIS B 78 -2.67 28.99 31.81
N GLY B 79 -2.75 29.03 33.15
CA GLY B 79 -2.88 27.79 33.87
C GLY B 79 -1.58 27.08 34.16
N ILE B 80 -0.46 27.79 34.14
CA ILE B 80 0.87 27.25 34.42
C ILE B 80 1.31 27.77 35.78
N LEU B 81 1.59 26.84 36.69
CA LEU B 81 1.92 27.18 38.08
C LEU B 81 3.43 27.18 38.27
N ILE B 82 3.99 28.37 38.50
CA ILE B 82 5.40 28.52 38.86
C ILE B 82 5.50 29.61 39.91
N ASP B 83 6.66 29.67 40.56
CA ASP B 83 6.95 30.80 41.43
C ASP B 83 7.53 31.92 40.58
N GLU B 84 7.83 33.05 41.22
CA GLU B 84 8.38 34.19 40.52
C GLU B 84 9.64 33.79 39.74
N PRO B 85 9.66 33.96 38.43
CA PRO B 85 10.86 33.60 37.67
C PRO B 85 12.00 34.58 37.94
N LYS B 86 13.23 34.05 37.88
CA LYS B 86 14.43 34.83 38.10
C LYS B 86 15.34 34.74 36.88
N VAL B 87 16.12 35.79 36.64
CA VAL B 87 16.96 35.91 35.45
C VAL B 87 18.35 35.40 35.76
N ASP B 88 18.83 34.45 34.96
CA ASP B 88 20.24 34.05 34.94
C ASP B 88 20.88 34.77 33.75
N ILE B 89 21.34 36.00 34.00
CA ILE B 89 21.82 36.87 32.92
C ILE B 89 23.06 36.29 32.25
N ALA B 90 23.92 35.61 33.00
CA ALA B 90 25.10 35.01 32.38
C ALA B 90 24.70 33.90 31.41
N GLN B 91 23.65 33.14 31.76
CA GLN B 91 23.21 32.06 30.90
C GLN B 91 22.54 32.58 29.63
N MET B 92 21.77 33.68 29.75
CA MET B 92 21.16 34.28 28.56
C MET B 92 22.21 34.66 27.53
N ILE B 93 23.22 35.43 27.95
CA ILE B 93 24.25 35.87 27.03
C ILE B 93 25.04 34.68 26.50
N SER B 94 25.34 33.71 27.36
CA SER B 94 26.09 32.54 26.92
C SER B 94 25.37 31.80 25.81
N ARG B 95 24.05 31.63 25.93
CA ARG B 95 23.30 30.95 24.89
C ARG B 95 23.32 31.76 23.60
N LYS B 96 23.16 33.09 23.70
CA LYS B 96 23.23 33.95 22.53
C LYS B 96 24.57 33.81 21.84
N ASN B 97 25.66 33.82 22.60
CA ASN B 97 27.00 33.63 22.04
C ASN B 97 27.09 32.31 21.31
N ASP B 98 26.44 31.28 21.83
CA ASP B 98 26.47 29.98 21.19
C ASP B 98 25.71 30.00 19.87
N VAL B 99 24.59 30.73 19.82
CA VAL B 99 23.86 30.88 18.56
C VAL B 99 24.72 31.58 17.53
N VAL B 100 25.44 32.62 17.95
CA VAL B 100 26.35 33.31 17.04
C VAL B 100 27.43 32.35 16.56
N ASP B 101 28.00 31.58 17.50
CA ASP B 101 29.02 30.60 17.12
C ASP B 101 28.45 29.54 16.17
N GLN B 102 27.19 29.16 16.36
CA GLN B 102 26.55 28.21 15.44
C GLN B 102 26.51 28.77 14.04
N THR B 103 26.04 30.01 13.90
CA THR B 103 25.89 30.61 12.58
C THR B 103 27.23 30.88 11.92
N THR B 104 28.24 31.26 12.70
CA THR B 104 29.56 31.50 12.13
C THR B 104 30.10 30.25 11.46
N LYS B 105 29.94 29.09 12.09
CA LYS B 105 30.37 27.85 11.47
C LYS B 105 29.61 27.57 10.18
N GLY B 106 28.32 27.94 10.13
CA GLY B 106 27.56 27.75 8.91
C GLY B 106 28.09 28.59 7.76
N ILE B 107 28.51 29.83 8.06
CA ILE B 107 29.08 30.67 7.02
C ILE B 107 30.41 30.09 6.55
N ASN B 108 31.23 29.61 7.48
CA ASN B 108 32.47 28.93 7.10
C ASN B 108 32.17 27.75 6.18
N PHE B 109 31.14 26.97 6.50
CA PHE B 109 30.75 25.86 5.64
C PHE B 109 30.38 26.34 4.24
N LEU B 110 29.64 27.45 4.15
CA LEU B 110 29.19 27.94 2.85
C LEU B 110 30.37 28.45 2.02
N MET B 111 31.37 29.07 2.66
CA MET B 111 32.53 29.56 1.92
C MET B 111 33.31 28.40 1.32
N ASP B 112 33.57 27.36 2.12
CA ASP B 112 34.33 26.22 1.65
C ASP B 112 33.56 25.45 0.58
N LYS B 113 32.24 25.32 0.76
CA LYS B 113 31.42 24.60 -0.20
C LYS B 113 31.48 25.25 -1.57
N ASN B 114 31.45 26.58 -1.60
CA ASN B 114 31.48 27.33 -2.85
C ASN B 114 32.90 27.64 -3.30
N LYS B 115 33.91 27.11 -2.60
CA LYS B 115 35.30 27.23 -3.00
C LYS B 115 35.74 28.69 -3.08
N ILE B 116 35.34 29.46 -2.08
CA ILE B 116 35.73 30.85 -1.93
C ILE B 116 36.96 30.92 -1.02
N THR B 117 37.96 31.69 -1.44
CA THR B 117 39.14 31.91 -0.63
C THR B 117 38.83 32.90 0.49
N VAL B 118 39.19 32.55 1.72
CA VAL B 118 38.91 33.38 2.89
C VAL B 118 40.23 33.88 3.48
N LEU B 119 40.40 35.19 3.54
CA LEU B 119 41.58 35.81 4.12
C LEU B 119 41.19 36.69 5.30
N GLN B 120 41.91 36.55 6.41
CA GLN B 120 41.71 37.38 7.60
C GLN B 120 42.71 38.53 7.61
N GLY B 121 42.19 39.75 7.77
CA GLY B 121 43.03 40.92 7.83
C GLY B 121 42.28 42.14 7.34
N VAL B 122 42.93 43.29 7.44
CA VAL B 122 42.36 44.54 6.96
C VAL B 122 42.65 44.66 5.47
N GLY B 123 41.60 44.82 4.67
CA GLY B 123 41.75 44.98 3.24
C GLY B 123 41.85 46.44 2.84
N SER B 124 42.94 46.81 2.19
CA SER B 124 43.15 48.17 1.73
C SER B 124 43.55 48.18 0.27
N PHE B 125 43.04 49.18 -0.47
CA PHE B 125 43.35 49.32 -1.88
C PHE B 125 44.77 49.84 -2.07
N GLU B 126 45.51 49.18 -2.97
CA GLU B 126 46.74 49.76 -3.50
C GLU B 126 46.51 50.43 -4.85
N SER B 127 45.59 49.87 -5.65
CA SER B 127 45.14 50.46 -6.90
C SER B 127 43.73 49.94 -7.17
N ALA B 128 43.25 50.14 -8.40
CA ALA B 128 41.93 49.64 -8.77
C ALA B 128 41.91 48.14 -9.03
N THR B 129 43.07 47.49 -8.95
CA THR B 129 43.18 46.06 -9.24
C THR B 129 44.02 45.32 -8.21
N GLN B 130 44.74 46.04 -7.35
CA GLN B 130 45.54 45.44 -6.29
C GLN B 130 44.94 45.80 -4.94
N ILE B 131 44.94 44.82 -4.03
CA ILE B 131 44.40 44.99 -2.68
C ILE B 131 45.42 44.42 -1.69
N LYS B 132 45.81 45.23 -0.71
CA LYS B 132 46.71 44.80 0.36
C LYS B 132 45.88 44.26 1.54
N VAL B 133 46.30 43.12 2.07
CA VAL B 133 45.63 42.48 3.20
C VAL B 133 46.60 42.46 4.37
N THR B 134 46.33 43.29 5.38
CA THR B 134 47.20 43.45 6.54
C THR B 134 46.66 42.64 7.71
N LYS B 135 47.46 41.69 8.21
CA LYS B 135 47.07 40.90 9.36
C LYS B 135 47.32 41.72 10.64
N ALA B 136 47.00 41.13 11.80
CA ALA B 136 47.18 41.83 13.06
C ALA B 136 48.65 42.08 13.37
N ASP B 137 49.51 41.06 13.17
CA ASP B 137 50.93 41.18 13.48
C ASP B 137 51.68 42.09 12.51
N GLY B 138 51.05 42.50 11.41
CA GLY B 138 51.68 43.39 10.46
C GLY B 138 52.03 42.76 9.12
N SER B 139 51.97 41.44 8.99
CA SER B 139 52.32 40.82 7.72
C SER B 139 51.29 41.21 6.66
N SER B 140 51.73 41.19 5.40
CA SER B 140 50.91 41.65 4.30
C SER B 140 51.03 40.72 3.11
N GLU B 141 49.96 40.68 2.32
CA GLU B 141 49.93 40.05 1.02
C GLU B 141 49.14 40.96 0.08
N VAL B 142 49.54 41.03 -1.17
CA VAL B 142 48.85 41.82 -2.17
C VAL B 142 48.17 40.85 -3.13
N ILE B 143 46.89 41.08 -3.39
CA ILE B 143 46.13 40.24 -4.31
C ILE B 143 45.69 41.09 -5.48
N GLU B 144 45.45 40.42 -6.62
CA GLU B 144 44.95 41.07 -7.82
C GLU B 144 43.54 40.58 -8.10
N ALA B 145 42.64 41.50 -8.41
CA ALA B 145 41.24 41.15 -8.67
C ALA B 145 40.69 42.02 -9.79
N LYS B 146 40.10 41.38 -10.80
CA LYS B 146 39.51 42.13 -11.91
C LYS B 146 38.45 43.08 -11.39
N ASN B 147 37.60 42.61 -10.48
CA ASN B 147 36.54 43.41 -9.91
C ASN B 147 36.60 43.30 -8.39
N THR B 148 36.06 44.31 -7.72
CA THR B 148 36.00 44.33 -6.27
C THR B 148 34.64 44.85 -5.83
N ILE B 149 34.07 44.20 -4.82
CA ILE B 149 32.79 44.62 -4.25
C ILE B 149 33.06 45.14 -2.84
N ILE B 150 32.83 46.43 -2.63
CA ILE B 150 32.99 47.05 -1.32
C ILE B 150 31.78 46.69 -0.47
N ALA B 151 32.02 46.04 0.66
CA ALA B 151 30.95 45.62 1.55
C ALA B 151 31.41 45.81 2.99
N THR B 152 31.96 46.99 3.28
CA THR B 152 32.60 47.25 4.55
C THR B 152 31.62 47.60 5.66
N GLY B 153 30.35 47.81 5.33
CA GLY B 153 29.33 47.91 6.35
C GLY B 153 29.33 49.22 7.13
N SER B 154 28.93 49.12 8.39
CA SER B 154 28.61 50.28 9.20
C SER B 154 29.18 50.15 10.61
N LYS B 155 29.17 51.27 11.32
CA LYS B 155 29.51 51.38 12.73
C LYS B 155 28.40 52.14 13.44
N PRO B 156 28.29 52.00 14.76
CA PRO B 156 27.32 52.81 15.50
C PRO B 156 27.62 54.30 15.38
N SER B 157 26.59 55.08 15.14
CA SER B 157 26.70 56.53 15.19
C SER B 157 26.71 57.01 16.64
N SER B 158 27.13 58.25 16.83
CA SER B 158 27.10 58.87 18.16
C SER B 158 26.91 60.37 17.99
N LEU B 159 26.92 61.08 19.10
CA LEU B 159 26.86 62.53 19.18
C LEU B 159 28.18 63.10 19.68
N PRO B 160 28.60 64.26 19.17
CA PRO B 160 29.96 64.73 19.46
C PRO B 160 30.28 64.87 20.95
N PHE B 161 29.29 65.15 21.79
CA PHE B 161 29.54 65.35 23.21
C PHE B 161 29.48 64.05 24.01
N ILE B 162 29.17 62.93 23.36
CA ILE B 162 29.07 61.64 24.04
C ILE B 162 30.44 60.97 24.05
N THR B 163 30.88 60.55 25.23
CA THR B 163 32.12 59.79 25.41
C THR B 163 31.77 58.35 25.73
N LEU B 164 31.82 57.48 24.72
CA LEU B 164 31.50 56.07 24.90
C LEU B 164 32.64 55.37 25.64
N ASP B 165 32.30 54.58 26.66
CA ASP B 165 33.29 53.92 27.50
C ASP B 165 33.18 52.40 27.53
N LYS B 166 32.28 51.80 26.75
CA LYS B 166 32.12 50.35 26.65
C LYS B 166 31.78 49.68 28.00
N GLU B 167 31.29 50.44 28.97
CA GLU B 167 30.90 49.89 30.26
C GLU B 167 29.46 50.27 30.59
N ARG B 168 29.23 51.56 30.88
CA ARG B 168 27.89 52.06 31.19
C ARG B 168 27.37 53.05 30.17
N VAL B 169 28.24 53.73 29.42
CA VAL B 169 27.83 54.56 28.30
C VAL B 169 28.20 53.81 27.03
N ILE B 170 27.24 53.06 26.48
CA ILE B 170 27.54 51.98 25.56
C ILE B 170 26.71 52.12 24.29
N THR B 171 27.10 51.34 23.28
CA THR B 171 26.39 51.16 22.03
C THR B 171 25.72 49.79 22.02
N SER B 172 25.11 49.45 20.90
CA SER B 172 24.45 48.15 20.76
C SER B 172 25.43 46.99 20.99
N THR B 173 26.69 47.15 20.59
CA THR B 173 27.67 46.07 20.73
C THR B 173 27.83 45.62 22.19
N GLU B 174 27.97 46.58 23.11
CA GLU B 174 28.15 46.23 24.52
C GLU B 174 26.84 45.88 25.22
N ALA B 175 25.72 46.50 24.82
CA ALA B 175 24.44 46.18 25.43
C ALA B 175 24.06 44.71 25.25
N LEU B 176 24.51 44.11 24.15
CA LEU B 176 24.24 42.70 23.92
C LEU B 176 25.06 41.78 24.81
N ASN B 177 25.95 42.33 25.66
CA ASN B 177 26.84 41.53 26.47
C ASN B 177 26.88 42.00 27.91
N LEU B 178 25.78 42.58 28.41
CA LEU B 178 25.74 43.09 29.78
C LEU B 178 25.91 41.97 30.79
N LYS B 179 26.60 42.27 31.88
CA LYS B 179 26.84 41.30 32.95
C LYS B 179 25.79 41.37 34.06
N GLU B 180 24.78 42.22 33.92
CA GLU B 180 23.75 42.38 34.92
C GLU B 180 22.55 43.08 34.28
N VAL B 181 21.37 42.82 34.83
CA VAL B 181 20.15 43.48 34.36
C VAL B 181 20.11 44.89 34.93
N PRO B 182 20.06 45.93 34.08
CA PRO B 182 20.11 47.31 34.56
C PRO B 182 18.98 47.63 35.52
N LYS B 183 19.28 48.52 36.48
CA LYS B 183 18.21 49.05 37.33
C LYS B 183 17.34 50.02 36.54
N HIS B 184 17.97 50.94 35.82
CA HIS B 184 17.27 51.90 34.98
C HIS B 184 18.11 52.15 33.73
N LEU B 185 17.64 51.65 32.60
CA LEU B 185 18.34 51.82 31.32
C LEU B 185 17.77 53.02 30.59
N ILE B 186 18.65 53.95 30.21
CA ILE B 186 18.29 55.10 29.39
C ILE B 186 18.67 54.79 27.95
N VAL B 187 17.73 54.98 27.03
CA VAL B 187 17.95 54.75 25.61
C VAL B 187 17.88 56.09 24.90
N ILE B 188 18.98 56.47 24.25
CA ILE B 188 19.05 57.71 23.48
C ILE B 188 18.78 57.35 22.02
N GLY B 189 17.61 57.75 21.53
CA GLY B 189 17.18 57.50 20.17
C GLY B 189 16.10 56.43 20.10
N GLY B 190 15.02 56.73 19.37
CA GLY B 190 13.87 55.84 19.29
C GLY B 190 13.91 54.97 18.06
N GLY B 191 15.12 54.61 17.64
CA GLY B 191 15.31 53.78 16.47
C GLY B 191 14.92 52.34 16.70
N VAL B 192 14.95 51.58 15.60
CA VAL B 192 14.65 50.15 15.66
C VAL B 192 15.54 49.45 16.68
N ILE B 193 16.83 49.77 16.67
CA ILE B 193 17.78 49.14 17.59
C ILE B 193 17.43 49.48 19.04
N GLY B 194 17.21 50.76 19.33
CA GLY B 194 16.96 51.17 20.71
C GLY B 194 15.70 50.55 21.30
N LEU B 195 14.61 50.54 20.52
CA LEU B 195 13.37 49.97 21.03
C LEU B 195 13.50 48.47 21.26
N GLU B 196 14.26 47.79 20.39
CA GLU B 196 14.44 46.35 20.56
C GLU B 196 15.25 46.03 21.81
N LEU B 197 16.41 46.67 21.97
CA LEU B 197 17.24 46.42 23.14
C LEU B 197 16.59 46.93 24.43
N GLY B 198 15.83 48.03 24.34
CA GLY B 198 15.08 48.47 25.51
C GLY B 198 14.04 47.45 25.93
N SER B 199 13.35 46.84 24.96
CA SER B 199 12.38 45.81 25.26
C SER B 199 13.02 44.61 25.95
N VAL B 200 14.22 44.23 25.50
CA VAL B 200 14.91 43.09 26.10
C VAL B 200 15.03 43.29 27.61
N TYR B 201 15.59 44.44 28.02
CA TYR B 201 15.87 44.63 29.44
C TYR B 201 14.63 45.08 30.20
N LEU B 202 13.68 45.73 29.53
CA LEU B 202 12.41 46.04 30.17
C LEU B 202 11.74 44.75 30.69
N ARG B 203 11.67 43.73 29.84
CA ARG B 203 11.07 42.46 30.23
C ARG B 203 11.84 41.83 31.39
N LEU B 204 13.15 42.00 31.41
CA LEU B 204 13.98 41.40 32.45
C LEU B 204 13.95 42.18 33.75
N GLY B 205 13.13 43.22 33.86
CA GLY B 205 12.96 43.92 35.12
C GLY B 205 13.44 45.35 35.14
N SER B 206 14.17 45.77 34.12
CA SER B 206 14.74 47.12 34.10
C SER B 206 13.65 48.16 33.88
N ASP B 207 13.88 49.35 34.42
CA ASP B 207 13.14 50.53 34.01
C ASP B 207 13.81 51.09 32.75
N VAL B 208 13.01 51.40 31.74
CA VAL B 208 13.53 51.84 30.44
C VAL B 208 12.89 53.17 30.07
N THR B 209 13.71 54.19 29.83
CA THR B 209 13.26 55.49 29.39
C THR B 209 13.90 55.79 28.05
N VAL B 210 13.07 56.02 27.04
CA VAL B 210 13.55 56.34 25.69
C VAL B 210 13.47 57.85 25.48
N VAL B 211 14.60 58.45 25.15
CA VAL B 211 14.71 59.88 24.87
C VAL B 211 14.96 60.05 23.39
N GLU B 212 14.08 60.79 22.71
CA GLU B 212 14.12 60.90 21.25
C GLU B 212 13.91 62.35 20.86
N TYR B 213 14.69 62.81 19.87
CA TYR B 213 14.62 64.21 19.45
C TYR B 213 13.36 64.50 18.64
N LEU B 214 12.89 63.54 17.85
CA LEU B 214 11.68 63.71 17.07
C LEU B 214 10.45 63.43 17.92
N ASP B 215 9.28 63.77 17.38
CA ASP B 215 8.03 63.65 18.12
C ASP B 215 7.45 62.23 18.09
N LYS B 216 8.14 61.28 17.48
CA LYS B 216 7.62 59.92 17.38
C LYS B 216 8.75 58.92 17.28
N ILE B 217 8.48 57.70 17.74
CA ILE B 217 9.46 56.63 17.64
C ILE B 217 9.35 55.99 16.26
N ILE B 218 10.39 55.23 15.89
CA ILE B 218 10.56 54.65 14.55
C ILE B 218 10.03 55.61 13.50
N PRO B 219 10.58 56.83 13.41
CA PRO B 219 9.98 57.84 12.50
C PRO B 219 10.16 57.54 11.02
N GLY B 220 11.02 56.58 10.66
CA GLY B 220 11.18 56.26 9.26
C GLY B 220 10.09 55.37 8.71
N MET B 221 9.19 54.92 9.57
CA MET B 221 8.10 54.04 9.19
C MET B 221 6.79 54.81 9.20
N ASP B 222 5.71 54.11 8.85
CA ASP B 222 4.39 54.71 8.76
C ASP B 222 3.95 55.25 10.11
N GLY B 223 3.29 56.41 10.10
CA GLY B 223 2.92 57.07 11.32
C GLY B 223 2.03 56.23 12.24
N THR B 224 1.16 55.41 11.64
CA THR B 224 0.32 54.51 12.44
C THR B 224 1.16 53.51 13.22
N LEU B 225 2.17 52.94 12.58
CA LEU B 225 3.05 52.01 13.28
C LEU B 225 3.80 52.71 14.40
N SER B 226 4.24 53.94 14.16
CA SER B 226 4.88 54.72 15.20
C SER B 226 3.97 54.87 16.41
N LYS B 227 2.72 55.27 16.16
CA LYS B 227 1.77 55.49 17.24
C LYS B 227 1.46 54.20 17.98
N GLU B 228 1.10 53.15 17.25
CA GLU B 228 0.70 51.89 17.89
C GLU B 228 1.86 51.24 18.63
N LEU B 229 3.08 51.34 18.10
CA LEU B 229 4.22 50.77 18.81
C LEU B 229 4.47 51.48 20.12
N GLN B 230 4.41 52.81 20.13
CA GLN B 230 4.55 53.55 21.38
C GLN B 230 3.41 53.23 22.33
N LYS B 231 2.20 53.08 21.77
CA LYS B 231 1.04 52.78 22.60
C LYS B 231 1.23 51.44 23.32
N THR B 232 1.77 50.43 22.63
CA THR B 232 1.92 49.12 23.25
C THR B 232 3.16 49.05 24.13
N LEU B 233 4.25 49.72 23.73
CA LEU B 233 5.46 49.69 24.56
C LEU B 233 5.22 50.40 25.89
N LYS B 234 4.44 51.47 25.87
CA LYS B 234 4.03 52.12 27.11
C LYS B 234 3.20 51.17 27.96
N LYS B 235 2.30 50.43 27.32
CA LYS B 235 1.49 49.44 28.03
C LYS B 235 2.39 48.35 28.62
N GLN B 236 3.52 48.09 27.99
CA GLN B 236 4.46 47.08 28.49
C GLN B 236 5.40 47.62 29.57
N GLY B 237 5.38 48.93 29.83
CA GLY B 237 6.18 49.51 30.89
C GLY B 237 7.22 50.50 30.44
N MET B 238 7.44 50.66 29.14
CA MET B 238 8.46 51.58 28.67
C MET B 238 7.96 53.02 28.84
N LYS B 239 8.87 53.90 29.24
CA LYS B 239 8.59 55.33 29.35
C LYS B 239 9.28 56.06 28.20
N PHE B 240 8.65 57.12 27.72
CA PHE B 240 9.12 57.84 26.54
C PHE B 240 9.20 59.34 26.82
N MET B 241 10.34 59.92 26.47
CA MET B 241 10.56 61.37 26.53
C MET B 241 10.81 61.84 25.10
N LEU B 242 9.73 62.11 24.38
CA LEU B 242 9.82 62.52 22.98
C LEU B 242 9.98 64.04 22.88
N SER B 243 10.30 64.50 21.67
CA SER B 243 10.51 65.93 21.41
C SER B 243 11.53 66.51 22.39
N THR B 244 12.61 65.76 22.60
CA THR B 244 13.58 66.07 23.64
C THR B 244 14.96 66.08 23.03
N ALA B 245 15.65 67.22 23.13
CA ALA B 245 16.96 67.40 22.50
C ALA B 245 18.03 67.21 23.56
N VAL B 246 18.77 66.10 23.48
CA VAL B 246 19.83 65.84 24.44
C VAL B 246 21.00 66.78 24.15
N SER B 247 21.55 67.37 25.21
CA SER B 247 22.71 68.25 25.09
C SER B 247 23.90 67.80 25.92
N GLY B 248 23.75 66.76 26.75
CA GLY B 248 24.85 66.24 27.53
C GLY B 248 24.59 64.86 28.09
N VAL B 249 25.63 64.02 28.10
CA VAL B 249 25.57 62.70 28.70
C VAL B 249 26.85 62.48 29.48
N GLU B 250 26.79 62.64 30.80
CA GLU B 250 27.95 62.54 31.67
C GLU B 250 27.84 61.29 32.53
N ARG B 251 28.96 60.59 32.67
CA ARG B 251 29.05 59.46 33.59
C ARG B 251 29.57 59.96 34.93
N ASN B 252 28.79 59.77 35.98
CA ASN B 252 29.16 60.16 37.33
C ASN B 252 29.25 58.90 38.17
N GLY B 253 30.35 58.18 38.00
CA GLY B 253 30.58 56.93 38.72
C GLY B 253 29.74 55.78 38.22
N ASP B 254 28.85 55.27 39.08
CA ASP B 254 27.96 54.17 38.74
C ASP B 254 26.63 54.64 38.18
N THR B 255 26.52 55.92 37.82
CA THR B 255 25.27 56.51 37.36
C THR B 255 25.59 57.41 36.17
N VAL B 256 24.69 57.45 35.20
CA VAL B 256 24.81 58.33 34.04
C VAL B 256 23.70 59.37 34.11
N LYS B 257 24.07 60.62 33.87
CA LYS B 257 23.12 61.73 33.88
C LYS B 257 23.02 62.28 32.46
N VAL B 258 21.81 62.24 31.91
CA VAL B 258 21.54 62.75 30.57
C VAL B 258 20.77 64.05 30.74
N THR B 259 21.33 65.13 30.25
CA THR B 259 20.72 66.45 30.34
C THR B 259 20.18 66.84 28.97
N ALA B 260 18.98 67.43 28.98
CA ALA B 260 18.29 67.76 27.74
C ALA B 260 17.26 68.84 28.05
N LYS B 261 16.56 69.27 27.00
CA LYS B 261 15.49 70.24 27.12
C LYS B 261 14.27 69.69 26.41
N ASP B 262 13.08 69.98 26.95
CA ASP B 262 11.84 69.48 26.38
C ASP B 262 11.31 70.50 25.37
N LYS B 263 10.11 70.25 24.85
CA LYS B 263 9.58 71.09 23.78
C LYS B 263 9.26 72.51 24.27
N LYS B 264 9.03 72.70 25.57
CA LYS B 264 8.80 74.01 26.15
C LYS B 264 10.08 74.75 26.51
N GLY B 265 11.26 74.14 26.28
CA GLY B 265 12.50 74.77 26.65
C GLY B 265 12.92 74.54 28.09
N GLU B 266 12.12 73.82 28.87
CA GLU B 266 12.45 73.60 30.27
C GLU B 266 13.51 72.52 30.40
N ASP B 267 14.33 72.62 31.44
CA ASP B 267 15.41 71.68 31.64
C ASP B 267 14.87 70.34 32.10
N VAL B 268 15.46 69.26 31.59
CA VAL B 268 15.08 67.90 31.93
C VAL B 268 16.35 67.12 32.25
N VAL B 269 16.30 66.30 33.30
CA VAL B 269 17.42 65.47 33.72
C VAL B 269 16.92 64.07 33.97
N VAL B 270 17.61 63.07 33.41
CA VAL B 270 17.28 61.66 33.59
C VAL B 270 18.52 60.93 34.07
N GLU B 271 18.36 60.12 35.12
CA GLU B 271 19.47 59.38 35.69
C GLU B 271 19.20 57.88 35.63
N GLY B 272 20.21 57.12 35.21
CA GLY B 272 20.13 55.67 35.21
C GLY B 272 21.52 55.11 35.45
N ASP B 273 21.58 53.79 35.57
CA ASP B 273 22.87 53.11 35.75
C ASP B 273 23.43 52.58 34.44
N TYR B 274 22.67 52.64 33.34
CA TYR B 274 23.14 52.27 32.02
C TYR B 274 22.51 53.20 31.00
N CYS B 275 23.30 53.62 30.01
CA CYS B 275 22.85 54.52 28.95
C CYS B 275 23.24 53.94 27.60
N LEU B 276 22.24 53.70 26.75
CA LEU B 276 22.45 53.14 25.43
C LEU B 276 22.26 54.23 24.38
N VAL B 277 23.27 54.43 23.55
CA VAL B 277 23.25 55.44 22.49
C VAL B 277 22.82 54.75 21.19
N SER B 278 21.58 55.03 20.76
CA SER B 278 21.01 54.44 19.55
C SER B 278 20.48 55.57 18.67
N VAL B 279 21.39 56.35 18.09
CA VAL B 279 21.00 57.49 17.27
C VAL B 279 21.18 57.19 15.78
N GLY B 280 21.41 55.93 15.43
CA GLY B 280 21.54 55.51 14.06
C GLY B 280 22.87 54.81 13.81
N ARG B 281 23.05 54.41 12.56
CA ARG B 281 24.26 53.74 12.10
C ARG B 281 24.86 54.56 10.97
N ARG B 282 26.19 54.53 10.88
CA ARG B 282 26.95 55.32 9.91
C ARG B 282 27.81 54.41 9.04
N PRO B 283 27.98 54.73 7.75
CA PRO B 283 28.83 53.90 6.89
C PRO B 283 30.27 53.86 7.38
N TYR B 284 30.89 52.68 7.24
CA TYR B 284 32.24 52.44 7.73
C TYR B 284 33.19 52.24 6.55
N THR B 285 34.22 53.07 6.48
CA THR B 285 35.22 52.95 5.43
C THR B 285 36.64 53.07 5.95
N ASP B 286 36.85 53.06 7.27
CA ASP B 286 38.16 53.32 7.84
C ASP B 286 39.18 52.29 7.37
N GLY B 287 40.32 52.80 6.89
CA GLY B 287 41.43 51.97 6.50
C GLY B 287 41.27 51.28 5.17
N LEU B 288 40.20 51.57 4.43
CA LEU B 288 39.91 50.90 3.17
C LEU B 288 40.80 51.38 2.03
N GLY B 289 41.50 52.50 2.20
CA GLY B 289 42.40 52.98 1.16
C GLY B 289 41.70 53.41 -0.10
N LEU B 290 40.52 54.02 0.02
CA LEU B 290 39.78 54.45 -1.17
C LEU B 290 40.53 55.53 -1.94
N GLU B 291 41.27 56.39 -1.25
CA GLU B 291 42.04 57.43 -1.94
C GLU B 291 43.11 56.81 -2.85
N LYS B 292 43.70 55.69 -2.44
CA LYS B 292 44.70 55.03 -3.26
C LYS B 292 44.09 54.32 -4.46
N ALA B 293 42.76 54.17 -4.51
CA ALA B 293 42.07 53.63 -5.67
C ALA B 293 41.29 54.68 -6.45
N GLY B 294 40.94 55.80 -5.83
CA GLY B 294 40.21 56.86 -6.49
C GLY B 294 38.70 56.85 -6.30
N VAL B 295 38.18 56.06 -5.37
CA VAL B 295 36.73 55.93 -5.17
C VAL B 295 36.25 57.09 -4.31
N GLU B 296 35.20 57.78 -4.77
CA GLU B 296 34.68 58.95 -4.10
C GLU B 296 33.51 58.60 -3.19
N LEU B 297 33.42 59.33 -2.08
CA LEU B 297 32.31 59.25 -1.14
C LEU B 297 31.36 60.43 -1.34
N ASP B 298 30.18 60.33 -0.74
CA ASP B 298 29.25 61.45 -0.75
C ASP B 298 29.43 62.25 0.55
N GLU B 299 28.56 63.23 0.79
CA GLU B 299 28.70 64.07 1.97
C GLU B 299 28.44 63.29 3.26
N ARG B 300 27.67 62.21 3.20
CA ARG B 300 27.35 61.43 4.38
C ARG B 300 28.36 60.32 4.67
N GLY B 301 29.41 60.20 3.86
CA GLY B 301 30.41 59.18 4.07
C GLY B 301 30.15 57.85 3.42
N ARG B 302 29.22 57.79 2.47
CA ARG B 302 28.87 56.54 1.82
C ARG B 302 29.57 56.44 0.46
N VAL B 303 29.89 55.21 0.06
CA VAL B 303 30.47 54.99 -1.25
C VAL B 303 29.43 55.33 -2.31
N LYS B 304 29.76 56.30 -3.18
CA LYS B 304 28.85 56.72 -4.22
C LYS B 304 28.60 55.60 -5.23
N THR B 305 27.36 55.45 -5.65
CA THR B 305 26.97 54.42 -6.60
C THR B 305 25.99 55.01 -7.61
N ASN B 306 25.83 54.31 -8.73
CA ASN B 306 24.90 54.66 -9.79
C ASN B 306 23.77 53.63 -9.86
N ASP B 307 23.17 53.46 -11.05
CA ASP B 307 22.07 52.53 -11.22
C ASP B 307 22.48 51.08 -10.99
N HIS B 308 23.73 50.75 -11.31
CA HIS B 308 24.24 49.39 -11.18
C HIS B 308 25.10 49.20 -9.94
N LEU B 309 24.93 50.06 -8.92
CA LEU B 309 25.77 50.04 -7.71
C LEU B 309 27.24 50.16 -8.05
N GLN B 310 27.54 50.89 -9.12
CA GLN B 310 28.89 51.07 -9.62
C GLN B 310 29.43 52.40 -9.10
N THR B 311 30.68 52.38 -8.66
CA THR B 311 31.34 53.61 -8.27
C THR B 311 31.83 54.35 -9.50
N ASN B 312 32.53 55.47 -9.29
CA ASN B 312 33.10 56.19 -10.42
C ASN B 312 34.23 55.40 -11.07
N VAL B 313 34.90 54.54 -10.31
CA VAL B 313 35.88 53.61 -10.88
C VAL B 313 35.11 52.40 -11.38
N PRO B 314 35.08 52.17 -12.70
CA PRO B 314 34.07 51.27 -13.27
C PRO B 314 34.14 49.82 -12.80
N ASN B 315 35.31 49.33 -12.40
CA ASN B 315 35.44 47.93 -12.03
C ASN B 315 35.19 47.65 -10.54
N ILE B 316 34.89 48.68 -9.74
CA ILE B 316 34.66 48.53 -8.30
C ILE B 316 33.19 48.86 -8.00
N TYR B 317 32.52 47.96 -7.30
CA TYR B 317 31.13 48.12 -6.89
C TYR B 317 31.07 48.18 -5.36
N ALA B 318 29.90 48.55 -4.85
CA ALA B 318 29.72 48.67 -3.40
C ALA B 318 28.28 48.35 -3.04
N ILE B 319 28.10 47.67 -1.90
CA ILE B 319 26.79 47.18 -1.47
C ILE B 319 26.62 47.35 0.03
N GLY B 320 25.37 47.24 0.47
CA GLY B 320 25.09 47.09 1.89
C GLY B 320 25.03 48.42 2.62
N ASP B 321 25.38 48.38 3.91
CA ASP B 321 25.29 49.53 4.78
C ASP B 321 26.25 50.66 4.37
N VAL B 322 27.23 50.37 3.51
CA VAL B 322 28.20 51.40 3.10
C VAL B 322 27.68 52.24 1.94
N VAL B 323 26.51 51.91 1.38
CA VAL B 323 25.96 52.67 0.27
C VAL B 323 24.58 53.22 0.63
N LYS B 324 24.01 54.00 -0.29
CA LYS B 324 22.70 54.62 -0.06
C LYS B 324 21.61 53.55 0.04
N GLY B 325 20.54 53.88 0.75
CA GLY B 325 19.42 52.99 0.93
C GLY B 325 19.27 52.54 2.39
N ALA B 326 18.19 51.81 2.63
CA ALA B 326 17.89 51.32 3.97
C ALA B 326 18.96 50.36 4.46
N MET B 327 19.45 50.60 5.68
CA MET B 327 20.56 49.83 6.23
C MET B 327 20.01 48.54 6.86
N LEU B 328 19.62 47.63 5.97
CA LEU B 328 18.97 46.39 6.34
C LEU B 328 19.75 45.20 5.82
N ALA B 329 19.66 44.08 6.55
CA ALA B 329 20.48 42.92 6.22
C ALA B 329 20.09 42.33 4.87
N HIS B 330 18.80 42.11 4.64
CA HIS B 330 18.37 41.57 3.36
C HIS B 330 18.56 42.57 2.22
N LYS B 331 18.67 43.87 2.53
CA LYS B 331 19.02 44.84 1.51
C LYS B 331 20.46 44.63 1.03
N ALA B 332 21.37 44.33 1.96
CA ALA B 332 22.74 44.04 1.57
C ALA B 332 22.82 42.73 0.80
N GLU B 333 22.06 41.72 1.22
CA GLU B 333 22.04 40.44 0.52
C GLU B 333 21.62 40.61 -0.94
N GLU B 334 20.51 41.33 -1.16
CA GLU B 334 20.00 41.51 -2.50
C GLU B 334 20.96 42.30 -3.37
N GLU B 335 21.55 43.35 -2.81
CA GLU B 335 22.52 44.13 -3.56
C GLU B 335 23.76 43.31 -3.88
N GLY B 336 24.13 42.39 -3.00
CA GLY B 336 25.24 41.50 -3.30
C GLY B 336 24.93 40.59 -4.49
N VAL B 337 23.71 40.05 -4.52
CA VAL B 337 23.30 39.23 -5.65
C VAL B 337 23.22 40.08 -6.93
N PHE B 338 22.78 41.34 -6.80
CA PHE B 338 22.65 42.23 -7.95
C PHE B 338 24.01 42.48 -8.61
N VAL B 339 25.00 42.83 -7.80
CA VAL B 339 26.33 43.12 -8.36
C VAL B 339 26.92 41.86 -8.97
N ALA B 340 26.76 40.73 -8.29
CA ALA B 340 27.29 39.47 -8.81
C ALA B 340 26.68 39.13 -10.16
N GLU B 341 25.35 39.24 -10.27
CA GLU B 341 24.71 38.95 -11.55
C GLU B 341 25.03 40.00 -12.60
N THR B 342 25.20 41.26 -12.20
CA THR B 342 25.60 42.29 -13.14
C THR B 342 26.98 42.00 -13.71
N LEU B 343 27.91 41.56 -12.85
CA LEU B 343 29.25 41.21 -13.32
C LEU B 343 29.20 40.07 -14.33
N ALA B 344 28.17 39.23 -14.27
CA ALA B 344 28.04 38.08 -15.15
C ALA B 344 27.38 38.42 -16.48
N GLY B 345 27.06 39.70 -16.71
CA GLY B 345 26.45 40.13 -17.95
C GLY B 345 24.95 40.07 -17.97
N GLU B 346 24.32 39.68 -16.87
CA GLU B 346 22.87 39.65 -16.82
C GLU B 346 22.34 41.04 -16.46
N LYS B 347 21.02 41.19 -16.50
CA LYS B 347 20.36 42.48 -16.26
C LYS B 347 19.35 42.35 -15.13
N PRO B 348 19.82 42.26 -13.88
CA PRO B 348 18.90 42.16 -12.75
C PRO B 348 18.35 43.54 -12.40
N HIS B 349 17.35 43.53 -11.51
CA HIS B 349 16.72 44.75 -11.03
C HIS B 349 16.38 44.59 -9.56
N VAL B 350 16.57 45.68 -8.80
CA VAL B 350 16.19 45.75 -7.39
C VAL B 350 15.10 46.81 -7.26
N ASN B 351 13.95 46.40 -6.72
CA ASN B 351 12.84 47.32 -6.44
C ASN B 351 12.95 47.73 -4.98
N TYR B 352 13.53 48.90 -4.75
CA TYR B 352 13.77 49.36 -3.38
C TYR B 352 12.48 49.74 -2.67
N ASN B 353 11.40 49.99 -3.40
CA ASN B 353 10.11 50.26 -2.78
C ASN B 353 9.52 49.01 -2.14
N LEU B 354 10.00 47.83 -2.53
CA LEU B 354 9.43 46.57 -2.08
C LEU B 354 10.38 45.82 -1.15
N ILE B 355 11.30 46.53 -0.49
CA ILE B 355 12.15 45.93 0.54
C ILE B 355 11.49 46.17 1.89
N PRO B 356 11.09 45.13 2.61
CA PRO B 356 10.38 45.32 3.88
C PRO B 356 11.31 45.70 5.01
N GLY B 357 10.74 46.40 5.98
CA GLY B 357 11.43 46.73 7.22
C GLY B 357 10.69 46.14 8.40
N VAL B 358 11.44 45.52 9.31
CA VAL B 358 10.86 44.79 10.43
C VAL B 358 11.47 45.31 11.74
N VAL B 359 10.61 45.48 12.74
CA VAL B 359 11.01 45.73 14.12
C VAL B 359 10.59 44.50 14.93
N TYR B 360 11.55 43.89 15.62
CA TYR B 360 11.30 42.59 16.26
C TYR B 360 10.86 42.72 17.71
N THR B 361 10.08 43.75 18.03
CA THR B 361 9.42 43.84 19.32
C THR B 361 8.30 42.80 19.37
N TRP B 362 7.57 42.77 20.48
CA TRP B 362 6.37 41.93 20.58
C TRP B 362 5.21 42.78 21.07
N PRO B 363 4.21 43.08 20.22
CA PRO B 363 4.05 42.58 18.84
C PRO B 363 5.13 43.04 17.88
N GLU B 364 5.37 42.25 16.84
CA GLU B 364 6.31 42.65 15.80
C GLU B 364 5.70 43.74 14.92
N VAL B 365 6.57 44.52 14.30
CA VAL B 365 6.18 45.61 13.42
C VAL B 365 6.85 45.40 12.07
N ALA B 366 6.09 45.56 11.00
CA ALA B 366 6.64 45.37 9.67
C ALA B 366 5.89 46.27 8.70
N GLY B 367 6.61 46.83 7.74
CA GLY B 367 5.99 47.65 6.72
C GLY B 367 6.71 47.46 5.39
N VAL B 368 5.95 47.65 4.31
CA VAL B 368 6.53 47.65 2.97
C VAL B 368 5.77 48.61 2.08
N GLY B 369 6.48 49.22 1.15
CA GLY B 369 5.89 50.15 0.21
C GLY B 369 5.90 51.57 0.73
N LYS B 370 4.97 52.35 0.22
CA LYS B 370 4.85 53.74 0.63
C LYS B 370 4.13 53.85 1.96
N THR B 371 4.56 54.81 2.77
CA THR B 371 3.84 55.16 3.97
C THR B 371 2.70 56.12 3.64
N GLU B 372 1.77 56.29 4.59
CA GLU B 372 0.69 57.25 4.37
C GLU B 372 1.25 58.65 4.24
N GLU B 373 2.23 59.00 5.07
CA GLU B 373 2.84 60.33 4.99
C GLU B 373 3.45 60.57 3.62
N GLN B 374 4.07 59.55 3.02
CA GLN B 374 4.62 59.72 1.68
C GLN B 374 3.53 59.94 0.64
N LEU B 375 2.42 59.21 0.76
CA LEU B 375 1.32 59.39 -0.19
C LEU B 375 0.73 60.79 -0.08
N LYS B 376 0.64 61.32 1.13
CA LYS B 376 0.16 62.68 1.30
C LYS B 376 1.15 63.69 0.70
N GLU B 377 2.44 63.51 0.95
CA GLU B 377 3.45 64.42 0.45
C GLU B 377 3.51 64.42 -1.08
N ALA B 378 3.12 63.32 -1.70
CA ALA B 378 3.07 63.21 -3.15
C ALA B 378 1.70 63.52 -3.74
N GLY B 379 0.70 63.78 -2.88
CA GLY B 379 -0.63 64.10 -3.37
C GLY B 379 -1.36 62.97 -4.07
N VAL B 380 -1.05 61.73 -3.72
CA VAL B 380 -1.71 60.57 -4.31
C VAL B 380 -3.07 60.37 -3.65
N ALA B 381 -4.10 60.17 -4.45
CA ALA B 381 -5.42 59.83 -3.92
C ALA B 381 -5.43 58.36 -3.56
N TYR B 382 -5.65 58.06 -2.28
CA TYR B 382 -5.53 56.70 -1.78
C TYR B 382 -6.69 56.37 -0.86
N LYS B 383 -6.96 55.07 -0.75
CA LYS B 383 -7.91 54.53 0.20
C LYS B 383 -7.14 53.87 1.35
N THR B 384 -7.78 53.81 2.51
CA THR B 384 -7.17 53.19 3.68
C THR B 384 -8.05 52.03 4.14
N GLY B 385 -7.41 50.89 4.38
CA GLY B 385 -8.06 49.76 5.03
C GLY B 385 -7.33 49.44 6.32
N SER B 386 -8.09 49.03 7.33
CA SER B 386 -7.50 48.88 8.66
C SER B 386 -8.34 47.89 9.44
N PHE B 387 -7.71 46.81 9.93
CA PHE B 387 -8.37 45.80 10.75
C PHE B 387 -7.56 45.60 12.03
N PRO B 388 -8.20 45.55 13.19
CA PRO B 388 -7.46 45.39 14.45
C PRO B 388 -7.20 43.94 14.80
N MET B 389 -6.01 43.69 15.37
CA MET B 389 -5.62 42.31 15.69
C MET B 389 -6.48 41.72 16.80
N ARG B 390 -6.97 42.54 17.73
CA ARG B 390 -7.76 42.03 18.85
C ARG B 390 -9.06 41.37 18.40
N ALA B 391 -9.51 41.63 17.17
CA ALA B 391 -10.72 41.05 16.62
C ALA B 391 -10.51 39.67 16.00
N LEU B 392 -9.27 39.21 15.87
CA LEU B 392 -8.98 37.88 15.34
C LEU B 392 -9.18 36.84 16.42
N GLY B 393 -9.83 35.72 16.04
CA GLY B 393 -9.94 34.60 16.97
C GLY B 393 -8.59 34.03 17.35
N ARG B 394 -7.65 33.99 16.40
CA ARG B 394 -6.30 33.51 16.70
C ARG B 394 -5.62 34.34 17.79
N SER B 395 -5.80 35.67 17.72
CA SER B 395 -5.19 36.55 18.72
C SER B 395 -5.84 36.38 20.08
N ARG B 396 -7.17 36.21 20.10
CA ARG B 396 -7.87 35.97 21.35
C ARG B 396 -7.35 34.70 22.01
N ALA B 397 -7.02 33.69 21.19
CA ALA B 397 -6.59 32.40 21.72
C ALA B 397 -5.20 32.46 22.34
N SER B 398 -4.31 33.28 21.77
CA SER B 398 -2.93 33.37 22.26
C SER B 398 -2.73 34.51 23.24
N MET B 399 -3.70 35.42 23.35
CA MET B 399 -3.65 36.65 24.14
C MET B 399 -2.72 37.68 23.53
N ASP B 400 -2.31 37.49 22.27
CA ASP B 400 -1.51 38.48 21.54
C ASP B 400 -2.48 39.33 20.72
N THR B 401 -3.13 40.28 21.40
CA THR B 401 -4.23 41.01 20.80
C THR B 401 -3.87 42.43 20.38
N ASP B 402 -2.65 42.88 20.67
CA ASP B 402 -2.26 44.25 20.33
C ASP B 402 -1.97 44.39 18.84
N GLY B 403 -2.37 45.52 18.28
CA GLY B 403 -1.88 45.92 16.98
C GLY B 403 -2.98 46.04 15.94
N VAL B 404 -2.54 46.28 14.71
CA VAL B 404 -3.43 46.58 13.60
C VAL B 404 -2.70 46.23 12.31
N ILE B 405 -3.46 45.92 11.27
CA ILE B 405 -2.96 45.80 9.91
C ILE B 405 -3.55 46.95 9.10
N LYS B 406 -2.70 47.65 8.38
CA LYS B 406 -3.10 48.84 7.64
C LYS B 406 -2.66 48.69 6.20
N ILE B 407 -3.62 48.83 5.27
CA ILE B 407 -3.37 48.70 3.84
C ILE B 407 -3.75 50.01 3.17
N LEU B 408 -2.86 50.50 2.30
CA LEU B 408 -3.09 51.69 1.49
C LEU B 408 -3.25 51.28 0.05
N ALA B 409 -4.31 51.77 -0.60
CA ALA B 409 -4.61 51.40 -1.98
C ALA B 409 -4.92 52.65 -2.79
N ASP B 410 -4.54 52.61 -4.07
CA ASP B 410 -4.83 53.71 -4.99
C ASP B 410 -6.34 53.84 -5.22
N GLU B 411 -6.84 55.07 -5.14
CA GLU B 411 -8.27 55.34 -5.26
C GLU B 411 -8.82 55.01 -6.63
N LYS B 412 -8.04 55.17 -7.69
CA LYS B 412 -8.58 54.89 -9.02
C LYS B 412 -8.48 53.42 -9.39
N THR B 413 -7.30 52.82 -9.18
CA THR B 413 -7.04 51.46 -9.67
C THR B 413 -7.18 50.39 -8.60
N ASP B 414 -7.31 50.76 -7.34
CA ASP B 414 -7.38 49.82 -6.22
C ASP B 414 -6.08 49.08 -5.98
N GLU B 415 -5.00 49.47 -6.66
CA GLU B 415 -3.73 48.79 -6.46
C GLU B 415 -3.18 49.09 -5.08
N ILE B 416 -2.69 48.05 -4.40
CA ILE B 416 -2.08 48.22 -3.08
C ILE B 416 -0.78 49.00 -3.23
N LEU B 417 -0.65 50.09 -2.45
CA LEU B 417 0.54 50.93 -2.50
C LEU B 417 1.46 50.76 -1.30
N GLY B 418 0.96 50.23 -0.19
CA GLY B 418 1.76 50.00 0.99
C GLY B 418 0.99 49.18 2.01
N VAL B 419 1.69 48.32 2.74
CA VAL B 419 1.06 47.52 3.79
C VAL B 419 1.88 47.68 5.05
N HIS B 420 1.22 48.02 6.16
CA HIS B 420 1.89 48.36 7.40
C HIS B 420 1.25 47.60 8.54
N MET B 421 2.05 46.83 9.26
CA MET B 421 1.58 45.85 10.23
C MET B 421 2.22 46.08 11.59
N ILE B 422 1.42 45.92 12.65
CA ILE B 422 1.93 45.73 13.99
C ILE B 422 1.03 44.66 14.63
N GLY B 423 1.63 43.56 15.06
CA GLY B 423 0.87 42.44 15.56
C GLY B 423 1.74 41.21 15.65
N ALA B 424 1.12 40.12 16.11
CA ALA B 424 1.87 38.87 16.24
C ALA B 424 2.34 38.40 14.87
N ARG B 425 3.58 37.92 14.82
CA ARG B 425 4.16 37.31 13.61
C ARG B 425 4.21 38.27 12.43
N ALA B 426 4.22 39.57 12.68
CA ALA B 426 4.30 40.53 11.58
C ALA B 426 5.58 40.35 10.79
N ALA B 427 6.66 39.91 11.45
CA ALA B 427 7.93 39.73 10.77
C ALA B 427 7.82 38.75 9.61
N ASP B 428 6.88 37.80 9.70
CA ASP B 428 6.69 36.84 8.63
C ASP B 428 5.44 37.09 7.80
N MET B 429 4.43 37.77 8.36
CA MET B 429 3.26 38.10 7.56
C MET B 429 3.61 39.11 6.46
N ILE B 430 4.61 39.95 6.69
CA ILE B 430 4.93 41.00 5.72
C ILE B 430 5.29 40.38 4.38
N ALA B 431 5.73 39.12 4.37
CA ALA B 431 6.12 38.47 3.12
C ALA B 431 4.94 38.38 2.15
N GLU B 432 3.73 38.15 2.67
CA GLU B 432 2.56 38.15 1.80
C GLU B 432 2.40 39.51 1.11
N ALA B 433 2.61 40.59 1.86
CA ALA B 433 2.44 41.92 1.28
C ALA B 433 3.52 42.21 0.22
N VAL B 434 4.74 41.75 0.46
CA VAL B 434 5.82 41.98 -0.50
C VAL B 434 5.51 41.29 -1.83
N VAL B 435 5.13 40.02 -1.76
CA VAL B 435 4.79 39.28 -2.97
C VAL B 435 3.56 39.89 -3.64
N ALA B 436 2.58 40.34 -2.84
CA ALA B 436 1.40 40.98 -3.39
C ALA B 436 1.76 42.23 -4.20
N MET B 437 2.57 43.10 -3.61
CA MET B 437 2.90 44.34 -4.31
C MET B 437 3.81 44.08 -5.51
N GLU B 438 4.67 43.07 -5.42
CA GLU B 438 5.55 42.73 -6.54
C GLU B 438 4.74 42.34 -7.76
N PHE B 439 3.56 41.75 -7.56
CA PHE B 439 2.65 41.42 -8.66
C PHE B 439 1.58 42.49 -8.86
N ARG B 440 1.77 43.69 -8.32
CA ARG B 440 0.87 44.81 -8.55
C ARG B 440 -0.57 44.46 -8.16
N ALA B 441 -0.72 43.77 -7.02
CA ALA B 441 -2.03 43.29 -6.61
C ALA B 441 -2.93 44.44 -6.15
N SER B 442 -4.22 44.28 -6.39
CA SER B 442 -5.19 45.25 -5.90
C SER B 442 -5.67 44.85 -4.51
N ALA B 443 -6.29 45.81 -3.82
CA ALA B 443 -6.89 45.48 -2.53
C ALA B 443 -7.95 44.40 -2.69
N GLU B 444 -8.74 44.47 -3.77
CA GLU B 444 -9.75 43.45 -4.03
C GLU B 444 -9.11 42.08 -4.22
N ASP B 445 -7.99 42.01 -4.93
CA ASP B 445 -7.30 40.74 -5.17
C ASP B 445 -7.02 40.01 -3.86
N ILE B 446 -6.38 40.69 -2.91
CA ILE B 446 -6.03 40.04 -1.66
C ILE B 446 -7.29 39.69 -0.88
N ALA B 447 -8.32 40.54 -0.97
CA ALA B 447 -9.57 40.29 -0.24
C ALA B 447 -10.28 39.05 -0.74
N ARG B 448 -9.98 38.58 -1.95
CA ARG B 448 -10.67 37.44 -2.51
C ARG B 448 -9.86 36.16 -2.40
N ILE B 449 -8.63 36.23 -1.92
CA ILE B 449 -7.73 35.09 -1.83
C ILE B 449 -7.99 34.36 -0.52
N SER B 450 -7.93 33.02 -0.57
CA SER B 450 -8.15 32.22 0.63
C SER B 450 -7.07 32.49 1.67
N HIS B 451 -7.50 32.82 2.88
CA HIS B 451 -6.60 32.93 4.02
C HIS B 451 -6.98 31.89 5.08
N ALA B 452 -6.01 31.08 5.49
CA ALA B 452 -6.27 30.01 6.44
C ALA B 452 -6.93 30.56 7.70
N HIS B 453 -7.89 29.79 8.22
CA HIS B 453 -8.61 30.13 9.44
C HIS B 453 -8.37 29.06 10.49
N PRO B 454 -8.01 29.44 11.72
CA PRO B 454 -7.70 30.80 12.16
C PRO B 454 -6.21 31.15 12.09
N THR B 455 -5.85 32.26 11.41
CA THR B 455 -4.48 32.72 11.37
C THR B 455 -4.44 34.23 11.52
N TYR B 456 -3.24 34.75 11.79
CA TYR B 456 -3.08 36.19 11.89
C TYR B 456 -3.19 36.86 10.53
N THR B 457 -2.89 36.13 9.45
CA THR B 457 -2.99 36.70 8.11
C THR B 457 -4.42 37.03 7.72
N GLU B 458 -5.42 36.52 8.46
CA GLU B 458 -6.79 36.90 8.16
C GLU B 458 -7.01 38.40 8.36
N ALA B 459 -6.21 39.04 9.21
CA ALA B 459 -6.29 40.49 9.36
C ALA B 459 -5.85 41.20 8.08
N ILE B 460 -4.94 40.59 7.31
CA ILE B 460 -4.59 41.16 6.02
C ILE B 460 -5.78 41.10 5.07
N LYS B 461 -6.43 39.93 4.99
CA LYS B 461 -7.59 39.80 4.12
C LYS B 461 -8.68 40.79 4.53
N GLU B 462 -8.91 40.95 5.84
CA GLU B 462 -9.94 41.85 6.31
C GLU B 462 -9.58 43.30 6.04
N ALA B 463 -8.32 43.68 6.27
CA ALA B 463 -7.89 45.04 5.95
C ALA B 463 -8.04 45.32 4.46
N ALA B 464 -7.73 44.33 3.62
CA ALA B 464 -7.90 44.51 2.18
C ALA B 464 -9.35 44.70 1.82
N LEU B 465 -10.25 43.97 2.48
CA LEU B 465 -11.69 44.20 2.30
C LEU B 465 -12.09 45.60 2.72
N ASP B 466 -11.51 46.11 3.81
CA ASP B 466 -11.82 47.47 4.25
C ASP B 466 -11.32 48.50 3.26
N ALA B 467 -10.14 48.28 2.69
CA ALA B 467 -9.56 49.24 1.77
C ALA B 467 -10.29 49.25 0.44
N THR B 468 -10.67 48.07 -0.07
CA THR B 468 -11.21 47.99 -1.42
C THR B 468 -12.61 48.59 -1.49
N GLY B 469 -13.42 48.43 -0.44
CA GLY B 469 -14.79 48.89 -0.48
C GLY B 469 -15.48 49.02 0.85
N LYS B 470 -14.71 49.25 1.92
CA LYS B 470 -15.24 49.41 3.28
C LYS B 470 -16.19 48.25 3.63
N ARG B 471 -15.81 47.05 3.23
CA ARG B 471 -16.71 45.89 3.37
C ARG B 471 -15.97 44.71 4.03
N ALA B 472 -15.26 44.99 5.11
CA ALA B 472 -14.71 43.92 5.93
C ALA B 472 -15.85 43.12 6.56
N ILE B 473 -15.59 41.85 6.82
CA ILE B 473 -16.60 40.92 7.31
C ILE B 473 -16.65 40.88 8.84
N HIS B 474 -15.49 40.85 9.51
CA HIS B 474 -15.43 40.61 10.95
C HIS B 474 -15.21 41.89 11.74
N MET B 475 -15.60 43.04 11.18
CA MET B 475 -15.40 44.34 11.81
C MET B 475 -16.67 45.18 11.71
N HIS C 6 -21.66 -48.62 43.24
CA HIS C 6 -22.93 -49.31 43.05
C HIS C 6 -23.12 -49.74 41.59
N HIS C 7 -22.60 -48.92 40.68
CA HIS C 7 -22.68 -49.20 39.25
C HIS C 7 -21.37 -49.79 38.74
N HIS C 8 -21.07 -49.58 37.47
CA HIS C 8 -19.83 -50.05 36.86
C HIS C 8 -19.21 -48.92 36.07
N MET C 9 -17.90 -49.05 35.81
CA MET C 9 -17.16 -48.06 35.02
C MET C 9 -16.25 -48.78 34.05
N ASN C 10 -16.47 -48.58 32.76
CA ASN C 10 -15.63 -49.21 31.76
C ASN C 10 -14.22 -48.62 31.74
N GLN C 11 -13.28 -49.42 31.25
CA GLN C 11 -11.88 -49.06 31.16
C GLN C 11 -11.39 -49.27 29.74
N PHE C 12 -10.61 -48.32 29.23
CA PHE C 12 -10.03 -48.40 27.90
C PHE C 12 -8.56 -48.03 27.96
N ASP C 13 -7.82 -48.47 26.95
CA ASP C 13 -6.41 -48.08 26.88
C ASP C 13 -6.25 -46.65 26.38
N VAL C 14 -7.02 -46.27 25.36
CA VAL C 14 -6.96 -44.92 24.78
C VAL C 14 -8.38 -44.43 24.52
N ALA C 15 -8.63 -43.18 24.89
CA ALA C 15 -9.89 -42.50 24.58
C ALA C 15 -9.60 -41.29 23.69
N VAL C 16 -10.45 -41.06 22.70
CA VAL C 16 -10.29 -39.96 21.75
C VAL C 16 -11.52 -39.08 21.82
N ILE C 17 -11.33 -37.81 22.18
CA ILE C 17 -12.42 -36.85 22.28
C ILE C 17 -12.45 -36.03 21.00
N GLY C 18 -13.46 -36.27 20.17
CA GLY C 18 -13.58 -35.64 18.87
C GLY C 18 -13.46 -36.65 17.75
N SER C 19 -14.39 -36.62 16.79
CA SER C 19 -14.40 -37.60 15.70
C SER C 19 -14.10 -36.95 14.35
N GLY C 20 -13.32 -35.86 14.35
CA GLY C 20 -12.84 -35.28 13.13
C GLY C 20 -11.72 -36.10 12.51
N PRO C 21 -11.16 -35.60 11.41
CA PRO C 21 -10.05 -36.34 10.76
C PRO C 21 -8.91 -36.67 11.71
N GLY C 22 -8.53 -35.74 12.60
CA GLY C 22 -7.53 -36.09 13.59
C GLY C 22 -8.01 -37.16 14.54
N GLY C 23 -9.22 -36.99 15.07
CA GLY C 23 -9.78 -37.90 16.04
C GLY C 23 -9.94 -39.33 15.56
N TYR C 24 -10.68 -39.53 14.46
CA TYR C 24 -11.00 -40.89 14.07
C TYR C 24 -9.82 -41.58 13.37
N VAL C 25 -8.93 -40.82 12.73
CA VAL C 25 -7.74 -41.45 12.18
C VAL C 25 -6.83 -41.91 13.31
N ALA C 26 -6.73 -41.11 14.38
CA ALA C 26 -5.98 -41.54 15.54
C ALA C 26 -6.54 -42.82 16.12
N ALA C 27 -7.87 -42.90 16.24
CA ALA C 27 -8.50 -44.08 16.81
C ALA C 27 -8.20 -45.33 15.97
N ILE C 28 -8.28 -45.21 14.65
CA ILE C 28 -8.02 -46.36 13.80
C ILE C 28 -6.58 -46.84 13.98
N ARG C 29 -5.63 -45.90 14.03
CA ARG C 29 -4.24 -46.29 14.24
C ARG C 29 -4.03 -46.89 15.62
N CYS C 30 -4.80 -46.44 16.61
CA CYS C 30 -4.71 -47.00 17.95
C CYS C 30 -5.21 -48.45 17.98
N ALA C 31 -6.32 -48.73 17.29
CA ALA C 31 -6.81 -50.10 17.21
C ALA C 31 -5.82 -50.99 16.48
N GLN C 32 -5.16 -50.45 15.46
CA GLN C 32 -4.19 -51.24 14.71
C GLN C 32 -2.99 -51.63 15.57
N LEU C 33 -2.65 -50.82 16.57
CA LEU C 33 -1.51 -51.08 17.43
C LEU C 33 -1.84 -51.95 18.64
N GLY C 34 -3.10 -52.33 18.82
CA GLY C 34 -3.48 -53.26 19.86
C GLY C 34 -4.17 -52.66 21.07
N PHE C 35 -4.54 -51.38 21.02
CA PHE C 35 -5.19 -50.72 22.15
C PHE C 35 -6.69 -50.92 22.11
N LYS C 36 -7.29 -51.08 23.28
CA LYS C 36 -8.74 -50.97 23.40
C LYS C 36 -9.09 -49.49 23.35
N THR C 37 -9.71 -49.05 22.26
CA THR C 37 -9.86 -47.64 21.95
C THR C 37 -11.33 -47.25 21.93
N VAL C 38 -11.63 -46.08 22.49
CA VAL C 38 -12.97 -45.53 22.48
C VAL C 38 -12.88 -44.09 21.97
N ILE C 39 -13.88 -43.67 21.21
CA ILE C 39 -13.93 -42.33 20.66
C ILE C 39 -15.27 -41.70 21.05
N ILE C 40 -15.24 -40.41 21.39
CA ILE C 40 -16.39 -39.70 21.91
C ILE C 40 -16.71 -38.56 20.95
N GLU C 41 -17.98 -38.44 20.59
CA GLU C 41 -18.43 -37.37 19.70
C GLU C 41 -19.77 -36.83 20.19
N LYS C 42 -19.84 -35.51 20.37
CA LYS C 42 -21.08 -34.87 20.81
C LYS C 42 -22.06 -34.68 19.66
N TYR C 43 -21.56 -34.61 18.42
CA TYR C 43 -22.41 -34.41 17.27
C TYR C 43 -23.23 -35.68 17.00
N SER C 44 -24.33 -35.51 16.27
CA SER C 44 -25.20 -36.66 15.98
C SER C 44 -24.49 -37.70 15.14
N THR C 45 -23.58 -37.29 14.26
CA THR C 45 -22.84 -38.20 13.39
C THR C 45 -21.34 -37.95 13.53
N LEU C 46 -20.57 -38.90 13.03
CA LEU C 46 -19.11 -38.84 13.09
C LEU C 46 -18.58 -38.08 11.88
N GLY C 47 -17.34 -37.61 12.01
CA GLY C 47 -16.71 -36.94 10.88
C GLY C 47 -16.10 -35.59 11.19
N GLY C 48 -16.58 -34.97 12.27
CA GLY C 48 -16.00 -33.70 12.68
C GLY C 48 -16.40 -32.54 11.78
N THR C 49 -15.58 -31.49 11.85
CA THR C 49 -15.83 -30.30 11.04
C THR C 49 -15.68 -30.60 9.56
N CYS C 50 -14.63 -31.33 9.19
CA CYS C 50 -14.30 -31.53 7.78
C CYS C 50 -15.41 -32.26 7.03
N LEU C 51 -16.07 -33.20 7.68
CA LEU C 51 -17.10 -33.99 7.00
C LEU C 51 -18.46 -33.31 7.01
N ASN C 52 -18.88 -32.78 8.16
CA ASN C 52 -20.25 -32.32 8.28
C ASN C 52 -20.43 -30.86 7.89
N VAL C 53 -19.46 -29.99 8.18
CA VAL C 53 -19.62 -28.56 7.91
C VAL C 53 -18.31 -27.96 7.38
N GLY C 54 -17.45 -28.80 6.81
CA GLY C 54 -16.14 -28.33 6.39
C GLY C 54 -15.69 -28.70 4.99
N CYS C 55 -14.61 -29.48 4.89
CA CYS C 55 -13.98 -29.73 3.59
C CYS C 55 -14.96 -30.36 2.61
N ILE C 56 -15.49 -31.52 2.97
CA ILE C 56 -16.34 -32.27 2.04
C ILE C 56 -17.52 -31.43 1.55
N PRO C 57 -18.32 -30.79 2.42
CA PRO C 57 -19.41 -29.95 1.88
C PRO C 57 -18.92 -28.89 0.90
N SER C 58 -17.84 -28.18 1.23
CA SER C 58 -17.36 -27.10 0.37
C SER C 58 -16.93 -27.62 -0.99
N LYS C 59 -16.13 -28.70 -1.00
CA LYS C 59 -15.65 -29.25 -2.26
C LYS C 59 -16.80 -29.72 -3.15
N ALA C 60 -17.84 -30.30 -2.54
CA ALA C 60 -19.00 -30.74 -3.33
C ALA C 60 -19.69 -29.56 -4.02
N LEU C 61 -19.89 -28.46 -3.28
CA LEU C 61 -20.50 -27.28 -3.89
C LEU C 61 -19.57 -26.64 -4.90
N LEU C 62 -18.25 -26.75 -4.69
CA LEU C 62 -17.31 -26.22 -5.67
C LEU C 62 -17.38 -27.01 -6.97
N ASP C 63 -17.55 -28.33 -6.87
CA ASP C 63 -17.63 -29.16 -8.07
C ASP C 63 -18.92 -28.90 -8.85
N SER C 64 -20.05 -28.76 -8.16
CA SER C 64 -21.30 -28.47 -8.86
C SER C 64 -21.26 -27.11 -9.52
N SER C 65 -20.74 -26.09 -8.81
CA SER C 65 -20.73 -24.74 -9.36
C SER C 65 -19.78 -24.63 -10.55
N GLU C 66 -18.66 -25.36 -10.53
CA GLU C 66 -17.74 -25.28 -11.66
C GLU C 66 -18.37 -25.86 -12.92
N HIS C 67 -19.18 -26.92 -12.77
CA HIS C 67 -19.94 -27.43 -13.90
C HIS C 67 -20.86 -26.36 -14.47
N PHE C 68 -21.61 -25.68 -13.59
CA PHE C 68 -22.50 -24.61 -14.03
C PHE C 68 -21.72 -23.48 -14.71
N GLU C 69 -20.54 -23.16 -14.19
CA GLU C 69 -19.72 -22.11 -14.79
C GLU C 69 -19.36 -22.44 -16.23
N ASN C 70 -18.96 -23.69 -16.49
CA ASN C 70 -18.59 -24.10 -17.84
C ASN C 70 -19.78 -24.03 -18.78
N ALA C 71 -20.91 -24.58 -18.33
CA ALA C 71 -22.11 -24.57 -19.17
C ALA C 71 -22.50 -23.15 -19.58
N LYS C 72 -22.28 -22.19 -18.68
CA LYS C 72 -22.69 -20.82 -18.96
C LYS C 72 -21.69 -20.09 -19.84
N HIS C 73 -20.41 -20.48 -19.81
CA HIS C 73 -19.37 -19.70 -20.47
C HIS C 73 -18.53 -20.44 -21.50
N THR C 74 -18.50 -21.78 -21.48
CA THR C 74 -17.62 -22.51 -22.39
C THR C 74 -18.31 -23.56 -23.25
N PHE C 75 -19.56 -23.92 -22.95
CA PHE C 75 -20.20 -25.01 -23.70
C PHE C 75 -20.38 -24.67 -25.17
N ALA C 76 -20.70 -23.42 -25.48
CA ALA C 76 -20.84 -23.03 -26.88
C ALA C 76 -19.54 -23.21 -27.64
N THR C 77 -18.42 -22.79 -27.04
CA THR C 77 -17.11 -23.01 -27.66
C THR C 77 -16.81 -24.50 -27.77
N HIS C 78 -17.22 -25.28 -26.77
CA HIS C 78 -17.01 -26.72 -26.75
C HIS C 78 -17.86 -27.48 -27.76
N GLY C 79 -18.78 -26.81 -28.44
CA GLY C 79 -19.65 -27.50 -29.39
C GLY C 79 -20.85 -28.16 -28.77
N ILE C 80 -21.26 -27.71 -27.58
CA ILE C 80 -22.44 -28.23 -26.90
C ILE C 80 -23.53 -27.16 -26.94
N LEU C 81 -24.68 -27.51 -27.51
CA LEU C 81 -25.79 -26.58 -27.69
C LEU C 81 -26.78 -26.78 -26.54
N ILE C 82 -26.88 -25.79 -25.67
CA ILE C 82 -27.85 -25.79 -24.58
C ILE C 82 -28.44 -24.39 -24.45
N ASP C 83 -29.53 -24.29 -23.70
CA ASP C 83 -30.04 -22.98 -23.32
C ASP C 83 -29.32 -22.51 -22.06
N GLU C 84 -29.65 -21.29 -21.63
CA GLU C 84 -29.07 -20.70 -20.42
C GLU C 84 -29.27 -21.63 -19.23
N PRO C 85 -28.22 -22.07 -18.56
CA PRO C 85 -28.39 -22.96 -17.41
C PRO C 85 -28.99 -22.22 -16.22
N LYS C 86 -29.83 -22.93 -15.47
CA LYS C 86 -30.47 -22.39 -14.29
C LYS C 86 -30.13 -23.24 -13.07
N VAL C 87 -30.08 -22.59 -11.91
CA VAL C 87 -29.64 -23.24 -10.67
C VAL C 87 -30.84 -23.74 -9.91
N ASP C 88 -30.85 -25.03 -9.60
CA ASP C 88 -31.79 -25.61 -8.65
C ASP C 88 -31.03 -25.73 -7.33
N ILE C 89 -31.07 -24.64 -6.55
CA ILE C 89 -30.24 -24.54 -5.35
C ILE C 89 -30.62 -25.61 -4.34
N ALA C 90 -31.90 -25.98 -4.26
CA ALA C 90 -32.33 -27.01 -3.32
C ALA C 90 -31.73 -28.37 -3.66
N GLN C 91 -31.60 -28.68 -4.96
CA GLN C 91 -31.00 -29.94 -5.37
C GLN C 91 -29.49 -29.95 -5.15
N MET C 92 -28.83 -28.81 -5.37
CA MET C 92 -27.40 -28.71 -5.09
C MET C 92 -27.11 -29.05 -3.63
N ILE C 93 -27.79 -28.36 -2.70
CA ILE C 93 -27.56 -28.59 -1.29
C ILE C 93 -27.96 -30.02 -0.92
N SER C 94 -29.06 -30.49 -1.49
CA SER C 94 -29.52 -31.85 -1.21
C SER C 94 -28.45 -32.87 -1.59
N ARG C 95 -27.83 -32.70 -2.77
CA ARG C 95 -26.79 -33.64 -3.19
C ARG C 95 -25.59 -33.56 -2.27
N LYS C 96 -25.19 -32.35 -1.86
CA LYS C 96 -24.09 -32.22 -0.91
C LYS C 96 -24.40 -32.95 0.40
N ASN C 97 -25.63 -32.76 0.92
CA ASN C 97 -26.04 -33.47 2.14
C ASN C 97 -25.98 -34.98 1.96
N ASP C 98 -26.35 -35.47 0.77
CA ASP C 98 -26.27 -36.90 0.52
C ASP C 98 -24.81 -37.36 0.48
N VAL C 99 -23.92 -36.51 -0.07
CA VAL C 99 -22.50 -36.83 -0.07
C VAL C 99 -21.96 -36.92 1.36
N VAL C 100 -22.38 -35.99 2.22
CA VAL C 100 -21.95 -36.05 3.62
C VAL C 100 -22.47 -37.32 4.29
N ASP C 101 -23.76 -37.62 4.09
CA ASP C 101 -24.33 -38.84 4.65
C ASP C 101 -23.59 -40.07 4.13
N GLN C 102 -23.12 -40.02 2.88
CA GLN C 102 -22.31 -41.12 2.33
C GLN C 102 -21.04 -41.32 3.14
N THR C 103 -20.27 -40.26 3.35
CA THR C 103 -18.98 -40.39 4.02
C THR C 103 -19.15 -40.73 5.50
N THR C 104 -20.19 -40.19 6.15
CA THR C 104 -20.43 -40.52 7.55
C THR C 104 -20.67 -42.02 7.72
N LYS C 105 -21.46 -42.62 6.84
CA LYS C 105 -21.66 -44.06 6.91
C LYS C 105 -20.34 -44.79 6.69
N GLY C 106 -19.46 -44.23 5.86
CA GLY C 106 -18.15 -44.83 5.67
C GLY C 106 -17.31 -44.81 6.93
N ILE C 107 -17.36 -43.71 7.69
CA ILE C 107 -16.62 -43.65 8.95
C ILE C 107 -17.20 -44.60 9.97
N ASN C 108 -18.53 -44.70 10.03
CA ASN C 108 -19.15 -45.69 10.91
C ASN C 108 -18.64 -47.09 10.57
N PHE C 109 -18.55 -47.41 9.28
CA PHE C 109 -18.01 -48.70 8.86
C PHE C 109 -16.59 -48.89 9.39
N LEU C 110 -15.77 -47.83 9.34
CA LEU C 110 -14.38 -47.94 9.76
C LEU C 110 -14.28 -48.17 11.27
N MET C 111 -15.16 -47.56 12.06
CA MET C 111 -15.13 -47.77 13.50
C MET C 111 -15.46 -49.22 13.85
N ASP C 112 -16.48 -49.79 13.22
CA ASP C 112 -16.86 -51.17 13.49
C ASP C 112 -15.80 -52.14 13.00
N LYS C 113 -15.21 -51.89 11.83
CA LYS C 113 -14.15 -52.78 11.34
C LYS C 113 -12.98 -52.85 12.31
N ASN C 114 -12.61 -51.71 12.88
CA ASN C 114 -11.50 -51.66 13.80
C ASN C 114 -11.93 -51.90 15.25
N LYS C 115 -13.19 -52.27 15.47
CA LYS C 115 -13.68 -52.63 16.81
C LYS C 115 -13.47 -51.50 17.81
N ILE C 116 -13.76 -50.28 17.37
CA ILE C 116 -13.66 -49.10 18.22
C ILE C 116 -15.02 -48.80 18.83
N THR C 117 -15.04 -48.55 20.13
CA THR C 117 -16.27 -48.14 20.80
C THR C 117 -16.57 -46.68 20.50
N VAL C 118 -17.81 -46.40 20.11
CA VAL C 118 -18.25 -45.05 19.79
C VAL C 118 -19.30 -44.63 20.81
N LEU C 119 -19.03 -43.53 21.50
CA LEU C 119 -19.95 -42.96 22.48
C LEU C 119 -20.39 -41.59 21.97
N GLN C 120 -21.70 -41.35 22.02
CA GLN C 120 -22.27 -40.06 21.63
C GLN C 120 -22.50 -39.22 22.88
N GLY C 121 -21.99 -38.01 22.88
CA GLY C 121 -22.18 -37.10 23.99
C GLY C 121 -21.00 -36.14 24.12
N VAL C 122 -21.14 -35.22 25.06
CA VAL C 122 -20.06 -34.28 25.34
C VAL C 122 -19.09 -34.93 26.32
N GLY C 123 -17.82 -34.95 25.96
CA GLY C 123 -16.80 -35.48 26.82
C GLY C 123 -16.19 -34.40 27.70
N SER C 124 -16.23 -34.59 29.01
CA SER C 124 -15.63 -33.67 29.96
C SER C 124 -14.71 -34.46 30.87
N PHE C 125 -13.59 -33.86 31.24
CA PHE C 125 -12.65 -34.53 32.12
C PHE C 125 -13.19 -34.51 33.56
N GLU C 126 -13.17 -35.67 34.21
CA GLU C 126 -13.38 -35.75 35.65
C GLU C 126 -12.06 -35.78 36.42
N SER C 127 -11.04 -36.40 35.82
CA SER C 127 -9.68 -36.42 36.34
C SER C 127 -8.75 -36.64 35.15
N ALA C 128 -7.49 -36.94 35.43
CA ALA C 128 -6.55 -37.20 34.34
C ALA C 128 -6.77 -38.56 33.69
N THR C 129 -7.69 -39.36 34.23
CA THR C 129 -7.93 -40.71 33.75
C THR C 129 -9.41 -41.02 33.61
N GLN C 130 -10.30 -40.20 34.14
CA GLN C 130 -11.74 -40.40 34.03
C GLN C 130 -12.34 -39.32 33.15
N ILE C 131 -13.28 -39.73 32.31
CA ILE C 131 -13.99 -38.84 31.38
C ILE C 131 -15.48 -39.12 31.51
N LYS C 132 -16.26 -38.09 31.78
CA LYS C 132 -17.70 -38.20 31.82
C LYS C 132 -18.25 -37.90 30.42
N VAL C 133 -19.19 -38.72 29.97
CA VAL C 133 -19.84 -38.54 28.68
C VAL C 133 -21.29 -38.24 28.96
N THR C 134 -21.68 -36.97 28.75
CA THR C 134 -23.04 -36.52 29.01
C THR C 134 -23.81 -36.48 27.70
N LYS C 135 -24.92 -37.21 27.64
CA LYS C 135 -25.76 -37.22 26.45
C LYS C 135 -26.60 -35.95 26.40
N ALA C 136 -27.41 -35.82 25.34
CA ALA C 136 -28.22 -34.62 25.17
C ALA C 136 -29.29 -34.51 26.26
N ASP C 137 -29.94 -35.62 26.61
CA ASP C 137 -31.00 -35.61 27.60
C ASP C 137 -30.50 -35.34 29.01
N GLY C 138 -29.19 -35.33 29.24
CA GLY C 138 -28.62 -35.03 30.54
C GLY C 138 -27.99 -36.21 31.25
N SER C 139 -28.26 -37.44 30.79
CA SER C 139 -27.65 -38.61 31.41
C SER C 139 -26.16 -38.65 31.12
N SER C 140 -25.42 -39.32 32.02
CA SER C 140 -23.97 -39.37 31.89
C SER C 140 -23.47 -40.77 32.22
N GLU C 141 -22.32 -41.10 31.63
CA GLU C 141 -21.56 -42.29 31.98
C GLU C 141 -20.09 -41.87 32.03
N VAL C 142 -19.36 -42.39 33.01
CA VAL C 142 -17.96 -42.04 33.21
C VAL C 142 -17.11 -43.27 32.86
N ILE C 143 -16.09 -43.06 32.05
CA ILE C 143 -15.17 -44.12 31.64
C ILE C 143 -13.77 -43.80 32.15
N GLU C 144 -12.95 -44.83 32.28
CA GLU C 144 -11.57 -44.70 32.69
C GLU C 144 -10.68 -45.06 31.51
N ALA C 145 -9.66 -44.23 31.27
CA ALA C 145 -8.76 -44.44 30.14
C ALA C 145 -7.33 -44.11 30.55
N LYS C 146 -6.42 -45.06 30.28
CA LYS C 146 -5.01 -44.87 30.59
C LYS C 146 -4.43 -43.64 29.90
N ASN C 147 -4.80 -43.45 28.64
CA ASN C 147 -4.36 -42.30 27.84
C ASN C 147 -5.56 -41.65 27.18
N THR C 148 -5.42 -40.37 26.88
CA THR C 148 -6.48 -39.61 26.22
C THR C 148 -5.87 -38.72 25.16
N ILE C 149 -6.50 -38.67 23.99
CA ILE C 149 -6.09 -37.79 22.89
C ILE C 149 -7.17 -36.74 22.73
N ILE C 150 -6.83 -35.49 23.00
CA ILE C 150 -7.76 -34.37 22.80
C ILE C 150 -7.75 -34.02 21.33
N ALA C 151 -8.91 -34.09 20.69
CA ALA C 151 -9.05 -33.79 19.26
C ALA C 151 -10.35 -33.02 19.01
N THR C 152 -10.56 -31.97 19.80
CA THR C 152 -11.83 -31.27 19.80
C THR C 152 -11.98 -30.25 18.67
N GLY C 153 -10.92 -30.00 17.90
CA GLY C 153 -11.07 -29.22 16.68
C GLY C 153 -11.24 -27.72 16.93
N SER C 154 -12.02 -27.08 16.05
CA SER C 154 -12.11 -25.64 15.98
C SER C 154 -13.54 -25.20 15.76
N LYS C 155 -13.77 -23.90 15.93
CA LYS C 155 -15.02 -23.23 15.59
C LYS C 155 -14.70 -22.00 14.74
N PRO C 156 -15.69 -21.48 14.01
CA PRO C 156 -15.48 -20.23 13.26
C PRO C 156 -15.14 -19.07 14.18
N SER C 157 -14.17 -18.27 13.75
CA SER C 157 -13.87 -17.00 14.39
C SER C 157 -14.89 -15.95 13.96
N SER C 158 -14.92 -14.84 14.71
CA SER C 158 -15.78 -13.71 14.37
C SER C 158 -15.12 -12.43 14.87
N LEU C 159 -15.83 -11.32 14.71
CA LEU C 159 -15.43 -10.03 15.26
C LEU C 159 -16.40 -9.63 16.37
N PRO C 160 -15.90 -9.02 17.45
CA PRO C 160 -16.75 -8.81 18.63
C PRO C 160 -18.01 -8.00 18.35
N PHE C 161 -18.00 -7.12 17.36
CA PHE C 161 -19.16 -6.27 17.07
C PHE C 161 -20.15 -6.91 16.10
N ILE C 162 -19.86 -8.10 15.58
CA ILE C 162 -20.75 -8.79 14.66
C ILE C 162 -21.71 -9.69 15.45
N THR C 163 -23.00 -9.60 15.14
CA THR C 163 -24.03 -10.45 15.73
C THR C 163 -24.49 -11.46 14.68
N LEU C 164 -23.98 -12.69 14.77
CA LEU C 164 -24.37 -13.72 13.82
C LEU C 164 -25.79 -14.22 14.09
N ASP C 165 -26.60 -14.34 13.02
CA ASP C 165 -27.99 -14.73 13.18
C ASP C 165 -28.37 -16.01 12.43
N LYS C 166 -27.42 -16.69 11.79
CA LYS C 166 -27.67 -17.93 11.05
C LYS C 166 -28.68 -17.75 9.92
N GLU C 167 -28.91 -16.52 9.48
CA GLU C 167 -29.84 -16.26 8.40
C GLU C 167 -29.14 -15.46 7.31
N ARG C 168 -28.83 -14.20 7.59
CA ARG C 168 -28.14 -13.32 6.66
C ARG C 168 -26.77 -12.89 7.14
N VAL C 169 -26.51 -12.91 8.45
CA VAL C 169 -25.17 -12.68 8.98
C VAL C 169 -24.62 -14.02 9.47
N ILE C 170 -23.89 -14.72 8.60
CA ILE C 170 -23.69 -16.16 8.76
C ILE C 170 -22.21 -16.52 8.69
N THR C 171 -21.92 -17.74 9.11
CA THR C 171 -20.62 -18.37 8.96
C THR C 171 -20.68 -19.43 7.87
N SER C 172 -19.56 -20.11 7.69
CA SER C 172 -19.47 -21.16 6.66
C SER C 172 -20.51 -22.25 6.90
N THR C 173 -20.82 -22.54 8.16
CA THR C 173 -21.78 -23.59 8.46
C THR C 173 -23.11 -23.31 7.76
N GLU C 174 -23.60 -22.08 7.88
CA GLU C 174 -24.88 -21.72 7.26
C GLU C 174 -24.74 -21.41 5.77
N ALA C 175 -23.60 -20.87 5.34
CA ALA C 175 -23.42 -20.57 3.92
C ALA C 175 -23.51 -21.83 3.08
N LEU C 176 -23.13 -22.99 3.63
CA LEU C 176 -23.25 -24.26 2.91
C LEU C 176 -24.68 -24.76 2.81
N ASN C 177 -25.66 -24.07 3.40
CA ASN C 177 -27.03 -24.54 3.44
C ASN C 177 -28.01 -23.46 3.03
N LEU C 178 -27.58 -22.56 2.15
CA LEU C 178 -28.43 -21.46 1.72
C LEU C 178 -29.64 -21.99 0.96
N LYS C 179 -30.77 -21.31 1.15
CA LYS C 179 -32.02 -21.64 0.50
C LYS C 179 -32.24 -20.85 -0.78
N GLU C 180 -31.28 -19.99 -1.15
CA GLU C 180 -31.40 -19.16 -2.34
C GLU C 180 -30.02 -18.67 -2.71
N VAL C 181 -29.84 -18.37 -3.99
CA VAL C 181 -28.57 -17.84 -4.48
C VAL C 181 -28.52 -16.36 -4.12
N PRO C 182 -27.53 -15.90 -3.36
CA PRO C 182 -27.53 -14.51 -2.92
C PRO C 182 -27.51 -13.55 -4.10
N LYS C 183 -28.19 -12.42 -3.94
CA LYS C 183 -28.09 -11.36 -4.93
C LYS C 183 -26.72 -10.69 -4.85
N HIS C 184 -26.27 -10.39 -3.63
CA HIS C 184 -24.96 -9.81 -3.39
C HIS C 184 -24.40 -10.43 -2.12
N LEU C 185 -23.39 -11.28 -2.26
CA LEU C 185 -22.75 -11.93 -1.13
C LEU C 185 -21.53 -11.12 -0.72
N ILE C 186 -21.50 -10.66 0.52
CA ILE C 186 -20.35 -9.96 1.08
C ILE C 186 -19.55 -10.96 1.89
N VAL C 187 -18.25 -11.03 1.60
CA VAL C 187 -17.34 -11.95 2.29
C VAL C 187 -16.36 -11.12 3.10
N ILE C 188 -16.35 -11.32 4.40
CA ILE C 188 -15.45 -10.63 5.31
C ILE C 188 -14.28 -11.56 5.58
N GLY C 189 -13.12 -11.21 5.06
CA GLY C 189 -11.91 -11.99 5.22
C GLY C 189 -11.49 -12.70 3.94
N GLY C 190 -10.21 -12.61 3.60
CA GLY C 190 -9.74 -13.16 2.35
C GLY C 190 -9.11 -14.53 2.53
N GLY C 191 -9.64 -15.27 3.51
CA GLY C 191 -9.16 -16.61 3.78
C GLY C 191 -9.62 -17.60 2.72
N VAL C 192 -9.06 -18.80 2.81
CA VAL C 192 -9.43 -19.88 1.89
C VAL C 192 -10.94 -20.11 1.90
N ILE C 193 -11.54 -20.15 3.09
CA ILE C 193 -12.96 -20.43 3.21
C ILE C 193 -13.78 -19.36 2.48
N GLY C 194 -13.46 -18.10 2.71
CA GLY C 194 -14.19 -17.03 2.04
C GLY C 194 -14.04 -17.08 0.54
N LEU C 195 -12.81 -17.30 0.05
CA LEU C 195 -12.58 -17.36 -1.39
C LEU C 195 -13.25 -18.58 -2.01
N GLU C 196 -13.26 -19.71 -1.31
CA GLU C 196 -13.90 -20.90 -1.85
C GLU C 196 -15.41 -20.73 -1.93
N LEU C 197 -16.04 -20.35 -0.82
CA LEU C 197 -17.48 -20.17 -0.81
C LEU C 197 -17.90 -18.97 -1.65
N GLY C 198 -17.06 -17.93 -1.70
CA GLY C 198 -17.33 -16.82 -2.60
C GLY C 198 -17.33 -17.26 -4.05
N SER C 199 -16.39 -18.13 -4.42
CA SER C 199 -16.36 -18.67 -5.78
C SER C 199 -17.61 -19.48 -6.07
N VAL C 200 -18.08 -20.27 -5.10
CA VAL C 200 -19.26 -21.10 -5.29
C VAL C 200 -20.44 -20.25 -5.75
N TYR C 201 -20.76 -19.22 -4.98
CA TYR C 201 -21.97 -18.46 -5.29
C TYR C 201 -21.73 -17.45 -6.40
N LEU C 202 -20.49 -17.02 -6.62
CA LEU C 202 -20.19 -16.22 -7.80
C LEU C 202 -20.57 -16.98 -9.07
N ARG C 203 -20.16 -18.25 -9.16
CA ARG C 203 -20.49 -19.07 -10.32
C ARG C 203 -22.00 -19.25 -10.47
N LEU C 204 -22.71 -19.34 -9.36
CA LEU C 204 -24.15 -19.55 -9.38
C LEU C 204 -24.92 -18.28 -9.67
N GLY C 205 -24.23 -17.17 -9.96
CA GLY C 205 -24.89 -15.94 -10.36
C GLY C 205 -24.73 -14.78 -9.40
N SER C 206 -24.25 -15.00 -8.18
CA SER C 206 -24.17 -13.92 -7.19
C SER C 206 -23.08 -12.93 -7.54
N ASP C 207 -23.29 -11.69 -7.13
CA ASP C 207 -22.21 -10.72 -7.01
C ASP C 207 -21.51 -10.96 -5.67
N VAL C 208 -20.19 -11.00 -5.69
CA VAL C 208 -19.41 -11.31 -4.50
C VAL C 208 -18.39 -10.21 -4.29
N THR C 209 -18.39 -9.62 -3.11
CA THR C 209 -17.42 -8.61 -2.74
C THR C 209 -16.67 -9.09 -1.52
N VAL C 210 -15.35 -9.15 -1.62
CA VAL C 210 -14.50 -9.59 -0.53
C VAL C 210 -13.95 -8.35 0.16
N VAL C 211 -14.23 -8.22 1.45
CA VAL C 211 -13.74 -7.09 2.24
C VAL C 211 -12.72 -7.63 3.23
N GLU C 212 -11.49 -7.13 3.13
CA GLU C 212 -10.36 -7.69 3.87
C GLU C 212 -9.51 -6.53 4.35
N TYR C 213 -9.10 -6.57 5.63
CA TYR C 213 -8.27 -5.49 6.14
C TYR C 213 -6.81 -5.62 5.72
N LEU C 214 -6.34 -6.84 5.46
CA LEU C 214 -4.98 -6.99 5.00
C LEU C 214 -4.88 -6.63 3.51
N ASP C 215 -3.65 -6.42 3.06
CA ASP C 215 -3.43 -5.90 1.72
C ASP C 215 -3.43 -6.97 0.63
N LYS C 216 -3.63 -8.24 0.98
CA LYS C 216 -3.63 -9.29 -0.03
C LYS C 216 -4.49 -10.44 0.46
N ILE C 217 -5.04 -11.20 -0.49
CA ILE C 217 -5.82 -12.37 -0.15
C ILE C 217 -4.87 -13.55 0.10
N ILE C 218 -5.39 -14.59 0.77
CA ILE C 218 -4.64 -15.74 1.27
C ILE C 218 -3.23 -15.32 1.70
N PRO C 219 -3.11 -14.44 2.70
CA PRO C 219 -1.79 -13.87 3.01
C PRO C 219 -0.79 -14.87 3.57
N GLY C 220 -1.21 -16.07 3.98
CA GLY C 220 -0.23 -16.99 4.50
C GLY C 220 0.55 -17.75 3.45
N MET C 221 0.19 -17.60 2.18
CA MET C 221 0.83 -18.34 1.11
C MET C 221 1.78 -17.43 0.35
N ASP C 222 2.42 -18.01 -0.67
CA ASP C 222 3.42 -17.27 -1.45
C ASP C 222 2.80 -16.08 -2.17
N GLY C 223 3.55 -14.97 -2.20
CA GLY C 223 3.04 -13.75 -2.80
C GLY C 223 2.61 -13.89 -4.24
N THR C 224 3.32 -14.72 -5.02
CA THR C 224 2.91 -14.98 -6.39
C THR C 224 1.51 -15.61 -6.44
N LEU C 225 1.24 -16.57 -5.56
CA LEU C 225 -0.08 -17.19 -5.52
C LEU C 225 -1.14 -16.18 -5.11
N SER C 226 -0.83 -15.32 -4.13
CA SER C 226 -1.78 -14.28 -3.74
C SER C 226 -2.16 -13.40 -4.93
N LYS C 227 -1.15 -12.92 -5.67
CA LYS C 227 -1.41 -12.05 -6.81
C LYS C 227 -2.18 -12.79 -7.90
N GLU C 228 -1.68 -13.97 -8.29
CA GLU C 228 -2.29 -14.67 -9.41
C GLU C 228 -3.70 -15.14 -9.09
N LEU C 229 -3.96 -15.52 -7.83
CA LEU C 229 -5.32 -15.92 -7.48
C LEU C 229 -6.28 -14.75 -7.52
N GLN C 230 -5.85 -13.59 -7.01
CA GLN C 230 -6.69 -12.40 -7.10
C GLN C 230 -6.92 -12.00 -8.55
N LYS C 231 -5.87 -12.11 -9.37
CA LYS C 231 -5.96 -11.73 -10.78
C LYS C 231 -7.02 -12.56 -11.51
N THR C 232 -7.08 -13.86 -11.23
CA THR C 232 -8.03 -14.73 -11.91
C THR C 232 -9.43 -14.64 -11.29
N LEU C 233 -9.52 -14.50 -9.96
CA LEU C 233 -10.84 -14.40 -9.34
C LEU C 233 -11.56 -13.15 -9.80
N LYS C 234 -10.82 -12.05 -9.99
CA LYS C 234 -11.36 -10.84 -10.60
C LYS C 234 -11.77 -11.10 -12.03
N LYS C 235 -10.96 -11.85 -12.77
CA LYS C 235 -11.31 -12.23 -14.14
C LYS C 235 -12.61 -13.01 -14.19
N GLN C 236 -12.90 -13.77 -13.14
CA GLN C 236 -14.10 -14.59 -13.03
C GLN C 236 -15.31 -13.83 -12.52
N GLY C 237 -15.14 -12.59 -12.11
CA GLY C 237 -16.25 -11.76 -11.67
C GLY C 237 -16.20 -11.32 -10.23
N MET C 238 -15.26 -11.82 -9.42
CA MET C 238 -15.20 -11.41 -8.02
C MET C 238 -14.60 -10.01 -7.90
N LYS C 239 -15.18 -9.22 -7.01
CA LYS C 239 -14.66 -7.91 -6.67
C LYS C 239 -14.00 -7.99 -5.30
N PHE C 240 -12.93 -7.22 -5.13
CA PHE C 240 -12.14 -7.27 -3.90
C PHE C 240 -11.98 -5.86 -3.37
N MET C 241 -12.24 -5.70 -2.07
CA MET C 241 -11.99 -4.46 -1.36
C MET C 241 -10.93 -4.78 -0.31
N LEU C 242 -9.66 -4.75 -0.74
CA LEU C 242 -8.54 -5.05 0.13
C LEU C 242 -8.09 -3.77 0.84
N SER C 243 -7.26 -3.95 1.87
CA SER C 243 -6.81 -2.84 2.72
C SER C 243 -8.00 -2.03 3.23
N THR C 244 -9.02 -2.75 3.68
CA THR C 244 -10.29 -2.17 4.11
C THR C 244 -10.65 -2.78 5.46
N ALA C 245 -10.72 -1.95 6.51
CA ALA C 245 -10.93 -2.41 7.87
C ALA C 245 -12.40 -2.29 8.25
N VAL C 246 -13.08 -3.44 8.41
CA VAL C 246 -14.50 -3.41 8.78
C VAL C 246 -14.65 -2.88 10.19
N SER C 247 -15.64 -2.00 10.38
CA SER C 247 -15.94 -1.43 11.69
C SER C 247 -17.37 -1.68 12.16
N GLY C 248 -18.23 -2.26 11.33
CA GLY C 248 -19.60 -2.54 11.73
C GLY C 248 -20.31 -3.48 10.79
N VAL C 249 -21.15 -4.36 11.34
CA VAL C 249 -22.00 -5.21 10.50
C VAL C 249 -23.39 -5.23 11.12
N GLU C 250 -24.31 -4.48 10.52
CA GLU C 250 -25.68 -4.35 10.99
C GLU C 250 -26.62 -5.03 9.99
N ARG C 251 -27.62 -5.75 10.50
CA ARG C 251 -28.67 -6.33 9.67
C ARG C 251 -29.85 -5.36 9.62
N ASN C 252 -30.24 -4.97 8.42
CA ASN C 252 -31.37 -4.06 8.20
C ASN C 252 -32.42 -4.81 7.40
N GLY C 253 -33.16 -5.68 8.09
CA GLY C 253 -34.22 -6.44 7.46
C GLY C 253 -33.71 -7.54 6.55
N ASP C 254 -33.98 -7.42 5.25
CA ASP C 254 -33.53 -8.39 4.26
C ASP C 254 -32.17 -8.03 3.68
N THR C 255 -31.46 -7.09 4.30
CA THR C 255 -30.22 -6.53 3.79
C THR C 255 -29.24 -6.41 4.95
N VAL C 256 -27.95 -6.58 4.64
CA VAL C 256 -26.88 -6.39 5.60
C VAL C 256 -26.02 -5.21 5.15
N LYS C 257 -25.69 -4.33 6.07
CA LYS C 257 -24.88 -3.14 5.80
C LYS C 257 -23.55 -3.27 6.52
N VAL C 258 -22.45 -3.24 5.75
CA VAL C 258 -21.10 -3.36 6.28
C VAL C 258 -20.40 -2.00 6.17
N THR C 259 -19.98 -1.46 7.30
CA THR C 259 -19.27 -0.18 7.38
C THR C 259 -17.80 -0.43 7.67
N ALA C 260 -16.92 0.34 7.03
CA ALA C 260 -15.48 0.10 7.14
C ALA C 260 -14.71 1.38 6.83
N LYS C 261 -13.38 1.29 6.91
CA LYS C 261 -12.49 2.41 6.62
C LYS C 261 -11.43 2.00 5.60
N ASP C 262 -11.11 2.94 4.68
CA ASP C 262 -10.08 2.70 3.68
C ASP C 262 -8.76 3.38 4.09
N LYS C 263 -7.78 3.29 3.19
CA LYS C 263 -6.45 3.82 3.47
C LYS C 263 -6.41 5.34 3.47
N LYS C 264 -7.41 6.00 2.87
CA LYS C 264 -7.51 7.45 2.94
C LYS C 264 -8.21 7.92 4.21
N GLY C 265 -8.66 7.00 5.06
CA GLY C 265 -9.37 7.34 6.27
C GLY C 265 -10.84 7.57 6.09
N GLU C 266 -11.35 7.48 4.87
CA GLU C 266 -12.73 7.77 4.54
C GLU C 266 -13.66 6.60 4.86
N ASP C 267 -14.91 6.93 5.11
CA ASP C 267 -15.92 5.93 5.43
C ASP C 267 -16.27 5.10 4.20
N VAL C 268 -16.54 3.82 4.41
CA VAL C 268 -16.90 2.89 3.36
C VAL C 268 -18.16 2.15 3.80
N VAL C 269 -19.09 1.95 2.87
CA VAL C 269 -20.33 1.22 3.13
C VAL C 269 -20.55 0.21 1.99
N VAL C 270 -20.83 -1.03 2.37
CA VAL C 270 -21.15 -2.09 1.42
C VAL C 270 -22.45 -2.74 1.85
N GLU C 271 -23.38 -2.92 0.90
CA GLU C 271 -24.66 -3.52 1.19
C GLU C 271 -24.87 -4.78 0.34
N GLY C 272 -25.36 -5.83 0.99
CA GLY C 272 -25.72 -7.07 0.33
C GLY C 272 -26.87 -7.71 1.06
N ASP C 273 -27.37 -8.81 0.50
CA ASP C 273 -28.44 -9.55 1.16
C ASP C 273 -27.92 -10.72 1.96
N TYR C 274 -26.63 -11.04 1.86
CA TYR C 274 -26.02 -12.06 2.68
C TYR C 274 -24.59 -11.62 3.00
N CYS C 275 -24.17 -11.90 4.23
CA CYS C 275 -22.84 -11.54 4.68
C CYS C 275 -22.21 -12.78 5.31
N LEU C 276 -21.07 -13.19 4.77
CA LEU C 276 -20.34 -14.36 5.25
C LEU C 276 -19.13 -13.88 6.03
N VAL C 277 -19.04 -14.31 7.29
CA VAL C 277 -17.92 -13.97 8.15
C VAL C 277 -16.93 -15.12 8.12
N SER C 278 -15.81 -14.94 7.43
CA SER C 278 -14.77 -15.95 7.30
C SER C 278 -13.44 -15.30 7.65
N VAL C 279 -13.25 -15.00 8.94
CA VAL C 279 -12.08 -14.28 9.41
C VAL C 279 -11.07 -15.20 10.10
N GLY C 280 -11.24 -16.51 9.97
CA GLY C 280 -10.34 -17.49 10.53
C GLY C 280 -11.07 -18.48 11.41
N ARG C 281 -10.30 -19.41 11.97
CA ARG C 281 -10.82 -20.46 12.85
C ARG C 281 -10.10 -20.42 14.19
N ARG C 282 -10.83 -20.75 15.25
CA ARG C 282 -10.31 -20.73 16.60
C ARG C 282 -10.46 -22.10 17.25
N PRO C 283 -9.49 -22.54 18.05
CA PRO C 283 -9.60 -23.84 18.72
C PRO C 283 -10.81 -23.89 19.63
N TYR C 284 -11.43 -25.07 19.71
CA TYR C 284 -12.66 -25.27 20.49
C TYR C 284 -12.35 -26.18 21.68
N THR C 285 -12.60 -25.68 22.89
CA THR C 285 -12.36 -26.45 24.10
C THR C 285 -13.53 -26.38 25.08
N ASP C 286 -14.67 -25.83 24.65
CA ASP C 286 -15.79 -25.60 25.55
C ASP C 286 -16.31 -26.89 26.16
N GLY C 287 -16.48 -26.89 27.49
CA GLY C 287 -17.08 -27.99 28.21
C GLY C 287 -16.19 -29.20 28.38
N LEU C 288 -14.93 -29.12 27.97
CA LEU C 288 -14.02 -30.26 28.04
C LEU C 288 -13.48 -30.50 29.45
N GLY C 289 -13.67 -29.55 30.36
CA GLY C 289 -13.27 -29.75 31.75
C GLY C 289 -11.78 -29.89 31.96
N LEU C 290 -10.98 -29.13 31.20
CA LEU C 290 -9.53 -29.30 31.29
C LEU C 290 -8.99 -28.97 32.68
N GLU C 291 -9.63 -28.03 33.39
CA GLU C 291 -9.17 -27.71 34.73
C GLU C 291 -9.29 -28.91 35.68
N LYS C 292 -10.31 -29.76 35.48
CA LYS C 292 -10.46 -30.95 36.32
C LYS C 292 -9.41 -32.00 36.01
N ALA C 293 -8.69 -31.87 34.88
CA ALA C 293 -7.55 -32.72 34.58
C ALA C 293 -6.22 -31.99 34.74
N GLY C 294 -6.23 -30.66 34.70
CA GLY C 294 -5.02 -29.89 34.85
C GLY C 294 -4.34 -29.48 33.56
N VAL C 295 -5.02 -29.57 32.42
CA VAL C 295 -4.39 -29.29 31.14
C VAL C 295 -4.34 -27.80 30.90
N GLU C 296 -3.17 -27.29 30.51
CA GLU C 296 -2.97 -25.86 30.32
C GLU C 296 -3.21 -25.46 28.87
N LEU C 297 -3.76 -24.27 28.69
CA LEU C 297 -3.92 -23.66 27.38
C LEU C 297 -2.88 -22.55 27.17
N ASP C 298 -2.72 -22.15 25.92
CA ASP C 298 -1.85 -21.03 25.62
C ASP C 298 -2.67 -19.75 25.52
N GLU C 299 -2.03 -18.66 25.12
CA GLU C 299 -2.70 -17.37 25.05
C GLU C 299 -3.77 -17.33 23.96
N ARG C 300 -3.60 -18.15 22.92
CA ARG C 300 -4.52 -18.15 21.78
C ARG C 300 -5.69 -19.12 21.96
N GLY C 301 -5.78 -19.82 23.08
CA GLY C 301 -6.85 -20.75 23.31
C GLY C 301 -6.57 -22.17 22.85
N ARG C 302 -5.33 -22.51 22.56
CA ARG C 302 -4.94 -23.84 22.10
C ARG C 302 -4.35 -24.67 23.24
N VAL C 303 -4.50 -25.99 23.13
CA VAL C 303 -3.86 -26.91 24.05
C VAL C 303 -2.34 -26.85 23.83
N LYS C 304 -1.60 -26.52 24.89
CA LYS C 304 -0.15 -26.52 24.80
C LYS C 304 0.38 -27.93 24.61
N THR C 305 1.38 -28.07 23.74
CA THR C 305 1.98 -29.36 23.43
C THR C 305 3.50 -29.20 23.36
N ASN C 306 4.20 -30.33 23.46
CA ASN C 306 5.65 -30.32 23.32
C ASN C 306 6.02 -31.00 21.99
N ASP C 307 7.24 -31.53 21.93
CA ASP C 307 7.71 -32.18 20.70
C ASP C 307 6.90 -33.41 20.37
N HIS C 308 6.32 -34.07 21.37
CA HIS C 308 5.55 -35.29 21.20
C HIS C 308 4.04 -35.04 21.26
N LEU C 309 3.59 -33.81 21.01
CA LEU C 309 2.17 -33.44 21.11
C LEU C 309 1.59 -33.81 22.48
N GLN C 310 2.43 -33.72 23.50
CA GLN C 310 2.09 -34.09 24.86
C GLN C 310 1.70 -32.85 25.66
N THR C 311 0.62 -32.97 26.45
CA THR C 311 0.26 -31.89 27.34
C THR C 311 1.14 -31.93 28.59
N ASN C 312 0.90 -31.01 29.52
CA ASN C 312 1.62 -31.06 30.80
C ASN C 312 1.21 -32.27 31.61
N VAL C 313 -0.02 -32.75 31.41
CA VAL C 313 -0.47 -33.99 32.03
C VAL C 313 0.06 -35.13 31.16
N PRO C 314 0.96 -35.97 31.69
CA PRO C 314 1.74 -36.86 30.81
C PRO C 314 0.93 -37.85 30.01
N ASN C 315 -0.23 -38.27 30.52
CA ASN C 315 -1.03 -39.29 29.82
C ASN C 315 -2.03 -38.68 28.85
N ILE C 316 -2.09 -37.36 28.73
CA ILE C 316 -3.04 -36.68 27.87
C ILE C 316 -2.28 -36.02 26.73
N TYR C 317 -2.69 -36.31 25.49
CA TYR C 317 -2.12 -35.74 24.28
C TYR C 317 -3.18 -34.90 23.56
N ALA C 318 -2.75 -34.14 22.57
CA ALA C 318 -3.66 -33.28 21.82
C ALA C 318 -3.19 -33.13 20.39
N ILE C 319 -4.15 -33.13 19.45
CA ILE C 319 -3.86 -33.09 18.01
C ILE C 319 -4.86 -32.18 17.32
N GLY C 320 -4.54 -31.84 16.07
CA GLY C 320 -5.50 -31.21 15.17
C GLY C 320 -5.58 -29.71 15.36
N ASP C 321 -6.77 -29.17 15.05
CA ASP C 321 -7.01 -27.73 15.08
C ASP C 321 -6.93 -27.14 16.47
N VAL C 322 -6.96 -27.98 17.51
CA VAL C 322 -6.92 -27.50 18.88
C VAL C 322 -5.49 -27.29 19.39
N VAL C 323 -4.47 -27.56 18.57
CA VAL C 323 -3.08 -27.29 18.95
C VAL C 323 -2.43 -26.36 17.92
N LYS C 324 -1.18 -25.96 18.17
CA LYS C 324 -0.49 -25.05 17.28
C LYS C 324 -0.23 -25.71 15.93
N GLY C 325 -0.05 -24.89 14.91
CA GLY C 325 0.23 -25.37 13.57
C GLY C 325 -0.89 -25.07 12.60
N ALA C 326 -0.64 -25.41 11.34
CA ALA C 326 -1.60 -25.18 10.28
C ALA C 326 -2.89 -25.92 10.55
N MET C 327 -4.02 -25.21 10.46
CA MET C 327 -5.32 -25.81 10.78
C MET C 327 -5.88 -26.49 9.53
N LEU C 328 -5.25 -27.61 9.21
CA LEU C 328 -5.56 -28.40 8.03
C LEU C 328 -5.95 -29.82 8.43
N ALA C 329 -6.81 -30.43 7.62
CA ALA C 329 -7.33 -31.75 7.94
C ALA C 329 -6.23 -32.80 7.88
N HIS C 330 -5.45 -32.81 6.79
CA HIS C 330 -4.37 -33.79 6.68
C HIS C 330 -3.25 -33.51 7.67
N LYS C 331 -3.17 -32.28 8.17
CA LYS C 331 -2.26 -32.01 9.28
C LYS C 331 -2.72 -32.70 10.55
N ALA C 332 -4.04 -32.71 10.78
CA ALA C 332 -4.61 -33.40 11.94
C ALA C 332 -4.48 -34.92 11.79
N GLU C 333 -4.71 -35.45 10.59
CA GLU C 333 -4.55 -36.87 10.36
C GLU C 333 -3.14 -37.33 10.70
N GLU C 334 -2.13 -36.59 10.21
CA GLU C 334 -0.75 -36.98 10.47
C GLU C 334 -0.43 -36.93 11.97
N GLU C 335 -0.94 -35.90 12.66
CA GLU C 335 -0.71 -35.81 14.09
C GLU C 335 -1.41 -36.93 14.86
N GLY C 336 -2.56 -37.39 14.37
CA GLY C 336 -3.23 -38.51 15.03
C GLY C 336 -2.43 -39.79 14.94
N VAL C 337 -1.88 -40.08 13.76
CA VAL C 337 -1.00 -41.24 13.60
C VAL C 337 0.26 -41.07 14.44
N PHE C 338 0.74 -39.83 14.57
CA PHE C 338 1.94 -39.57 15.37
C PHE C 338 1.71 -39.95 16.82
N VAL C 339 0.58 -39.53 17.40
CA VAL C 339 0.34 -39.80 18.82
C VAL C 339 0.17 -41.30 19.05
N ALA C 340 -0.58 -41.98 18.18
CA ALA C 340 -0.80 -43.41 18.36
C ALA C 340 0.52 -44.18 18.30
N GLU C 341 1.36 -43.88 17.31
CA GLU C 341 2.63 -44.57 17.21
C GLU C 341 3.55 -44.20 18.36
N THR C 342 3.45 -42.97 18.87
CA THR C 342 4.19 -42.59 20.07
C THR C 342 3.72 -43.36 21.29
N LEU C 343 2.40 -43.55 21.44
CA LEU C 343 1.86 -44.32 22.56
C LEU C 343 2.33 -45.76 22.55
N ALA C 344 2.68 -46.29 21.39
CA ALA C 344 3.13 -47.67 21.27
C ALA C 344 4.64 -47.82 21.46
N GLY C 345 5.35 -46.74 21.77
CA GLY C 345 6.78 -46.79 21.99
C GLY C 345 7.65 -46.53 20.78
N GLU C 346 7.07 -46.19 19.63
CA GLU C 346 7.86 -45.88 18.45
C GLU C 346 8.32 -44.42 18.48
N LYS C 347 9.16 -44.06 17.52
CA LYS C 347 9.78 -42.74 17.45
C LYS C 347 9.46 -42.09 16.11
N PRO C 348 8.22 -41.61 15.92
CA PRO C 348 7.85 -40.98 14.65
C PRO C 348 8.32 -39.53 14.56
N HIS C 349 8.16 -38.97 13.37
CA HIS C 349 8.51 -37.59 13.08
C HIS C 349 7.49 -36.97 12.13
N VAL C 350 7.15 -35.71 12.37
CA VAL C 350 6.33 -34.92 11.48
C VAL C 350 7.19 -33.78 10.97
N ASN C 351 7.30 -33.67 9.65
CA ASN C 351 8.00 -32.56 9.00
C ASN C 351 6.96 -31.51 8.65
N TYR C 352 6.81 -30.49 9.50
CA TYR C 352 5.75 -29.51 9.27
C TYR C 352 6.05 -28.61 8.08
N ASN C 353 7.31 -28.51 7.66
CA ASN C 353 7.60 -27.71 6.48
C ASN C 353 7.07 -28.35 5.20
N LEU C 354 6.77 -29.65 5.24
CA LEU C 354 6.38 -30.39 4.04
C LEU C 354 4.91 -30.80 4.08
N ILE C 355 4.08 -30.07 4.83
CA ILE C 355 2.64 -30.25 4.81
C ILE C 355 2.05 -29.28 3.79
N PRO C 356 1.43 -29.76 2.72
CA PRO C 356 0.93 -28.85 1.70
C PRO C 356 -0.36 -28.15 2.11
N GLY C 357 -0.58 -26.96 1.53
CA GLY C 357 -1.83 -26.25 1.73
C GLY C 357 -2.51 -26.02 0.39
N VAL C 358 -3.82 -26.27 0.32
CA VAL C 358 -4.55 -26.25 -0.93
C VAL C 358 -5.76 -25.33 -0.82
N VAL C 359 -6.00 -24.54 -1.88
CA VAL C 359 -7.23 -23.78 -2.06
C VAL C 359 -7.96 -24.37 -3.25
N TYR C 360 -9.20 -24.78 -3.05
CA TYR C 360 -9.92 -25.54 -4.07
C TYR C 360 -10.75 -24.66 -5.00
N THR C 361 -10.27 -23.47 -5.34
CA THR C 361 -10.88 -22.68 -6.39
C THR C 361 -10.54 -23.30 -7.74
N TRP C 362 -10.98 -22.63 -8.80
CA TRP C 362 -10.59 -23.02 -10.16
C TRP C 362 -10.07 -21.79 -10.89
N PRO C 363 -8.76 -21.71 -11.16
CA PRO C 363 -7.74 -22.75 -10.92
C PRO C 363 -7.49 -23.08 -9.44
N GLU C 364 -7.04 -24.31 -9.17
CA GLU C 364 -6.66 -24.67 -7.81
C GLU C 364 -5.32 -24.03 -7.45
N VAL C 365 -5.11 -23.86 -6.15
CA VAL C 365 -3.88 -23.29 -5.62
C VAL C 365 -3.32 -24.25 -4.57
N ALA C 366 -2.02 -24.50 -4.62
CA ALA C 366 -1.38 -25.39 -3.66
C ALA C 366 0.07 -25.00 -3.48
N GLY C 367 0.56 -25.08 -2.25
CA GLY C 367 1.95 -24.76 -1.95
C GLY C 367 2.52 -25.65 -0.88
N VAL C 368 3.84 -25.86 -0.96
CA VAL C 368 4.56 -26.62 0.05
C VAL C 368 5.96 -26.02 0.20
N GLY C 369 6.49 -26.10 1.41
CA GLY C 369 7.83 -25.58 1.67
C GLY C 369 7.84 -24.12 2.08
N LYS C 370 8.98 -23.48 1.86
CA LYS C 370 9.15 -22.07 2.19
C LYS C 370 8.58 -21.21 1.07
N THR C 371 8.00 -20.07 1.47
CA THR C 371 7.60 -19.05 0.51
C THR C 371 8.77 -18.13 0.16
N GLU C 372 8.59 -17.36 -0.91
CA GLU C 372 9.62 -16.39 -1.29
C GLU C 372 9.79 -15.33 -0.21
N GLU C 373 8.68 -14.90 0.40
CA GLU C 373 8.77 -13.91 1.47
C GLU C 373 9.60 -14.45 2.64
N GLN C 374 9.42 -15.73 2.97
CA GLN C 374 10.18 -16.34 4.06
C GLN C 374 11.67 -16.43 3.74
N LEU C 375 12.01 -16.76 2.49
CA LEU C 375 13.42 -16.83 2.11
C LEU C 375 14.08 -15.45 2.18
N LYS C 376 13.37 -14.41 1.76
CA LYS C 376 13.92 -13.06 1.83
C LYS C 376 14.14 -12.63 3.28
N GLU C 377 13.14 -12.88 4.14
CA GLU C 377 13.27 -12.49 5.54
C GLU C 377 14.42 -13.24 6.21
N ALA C 378 14.77 -14.42 5.72
CA ALA C 378 15.87 -15.18 6.25
C ALA C 378 17.20 -14.87 5.57
N GLY C 379 17.19 -14.00 4.56
CA GLY C 379 18.41 -13.65 3.85
C GLY C 379 19.02 -14.80 3.07
N VAL C 380 18.21 -15.75 2.64
CA VAL C 380 18.69 -16.91 1.90
C VAL C 380 18.88 -16.52 0.44
N ALA C 381 20.02 -16.90 -0.14
CA ALA C 381 20.24 -16.72 -1.57
C ALA C 381 19.54 -17.84 -2.31
N TYR C 382 18.58 -17.50 -3.17
CA TYR C 382 17.73 -18.48 -3.83
C TYR C 382 17.56 -18.12 -5.30
N LYS C 383 17.27 -19.13 -6.09
CA LYS C 383 16.88 -18.99 -7.49
C LYS C 383 15.38 -19.21 -7.63
N THR C 384 14.81 -18.62 -8.68
CA THR C 384 13.40 -18.75 -8.97
C THR C 384 13.21 -19.32 -10.37
N GLY C 385 12.35 -20.33 -10.48
CA GLY C 385 11.90 -20.83 -11.76
C GLY C 385 10.39 -20.71 -11.83
N SER C 386 9.89 -20.42 -13.03
CA SER C 386 8.47 -20.08 -13.17
C SER C 386 8.04 -20.40 -14.59
N PHE C 387 7.01 -21.24 -14.73
CA PHE C 387 6.47 -21.59 -16.04
C PHE C 387 4.97 -21.34 -16.05
N PRO C 388 4.44 -20.70 -17.11
CA PRO C 388 3.01 -20.38 -17.14
C PRO C 388 2.16 -21.54 -17.65
N MET C 389 0.96 -21.67 -17.08
CA MET C 389 0.08 -22.77 -17.46
C MET C 389 -0.44 -22.62 -18.88
N ARG C 390 -0.63 -21.39 -19.37
CA ARG C 390 -1.20 -21.17 -20.69
C ARG C 390 -0.32 -21.72 -21.81
N ALA C 391 0.96 -21.96 -21.54
CA ALA C 391 1.88 -22.46 -22.56
C ALA C 391 1.80 -23.98 -22.73
N LEU C 392 1.09 -24.67 -21.84
CA LEU C 392 0.95 -26.11 -21.94
C LEU C 392 -0.10 -26.47 -22.98
N GLY C 393 0.23 -27.44 -23.85
CA GLY C 393 -0.75 -27.94 -24.79
C GLY C 393 -1.94 -28.55 -24.10
N ARG C 394 -1.71 -29.20 -22.95
CA ARG C 394 -2.80 -29.77 -22.18
C ARG C 394 -3.78 -28.68 -21.74
N SER C 395 -3.26 -27.51 -21.34
CA SER C 395 -4.14 -26.43 -20.92
C SER C 395 -4.91 -25.86 -22.11
N ARG C 396 -4.26 -25.74 -23.26
CA ARG C 396 -4.93 -25.23 -24.45
C ARG C 396 -6.07 -26.13 -24.87
N ALA C 397 -5.92 -27.45 -24.70
CA ALA C 397 -6.96 -28.37 -25.14
C ALA C 397 -8.19 -28.28 -24.24
N SER C 398 -7.99 -28.01 -22.94
CA SER C 398 -9.09 -27.94 -21.99
C SER C 398 -9.60 -26.51 -21.76
N MET C 399 -8.85 -25.50 -22.21
CA MET C 399 -9.12 -24.08 -21.99
C MET C 399 -8.86 -23.64 -20.56
N ASP C 400 -8.23 -24.48 -19.74
CA ASP C 400 -7.89 -24.13 -18.37
C ASP C 400 -6.46 -23.59 -18.36
N THR C 401 -6.35 -22.32 -18.77
CA THR C 401 -5.06 -21.71 -19.09
C THR C 401 -4.56 -20.74 -18.03
N ASP C 402 -5.34 -20.46 -17.00
CA ASP C 402 -4.91 -19.51 -15.98
C ASP C 402 -3.89 -20.15 -15.06
N GLY C 403 -2.89 -19.38 -14.66
CA GLY C 403 -2.03 -19.76 -13.55
C GLY C 403 -0.58 -19.92 -13.93
N VAL C 404 0.21 -20.38 -12.96
CA VAL C 404 1.66 -20.48 -13.10
C VAL C 404 2.18 -21.45 -12.06
N ILE C 405 3.31 -22.09 -12.35
CA ILE C 405 4.03 -22.94 -11.41
C ILE C 405 5.35 -22.26 -11.07
N LYS C 406 5.66 -22.16 -9.77
CA LYS C 406 6.84 -21.44 -9.29
C LYS C 406 7.65 -22.31 -8.35
N ILE C 407 8.94 -22.46 -8.63
CA ILE C 407 9.85 -23.27 -7.83
C ILE C 407 10.97 -22.39 -7.30
N LEU C 408 11.27 -22.53 -6.01
CA LEU C 408 12.37 -21.84 -5.36
C LEU C 408 13.48 -22.83 -5.04
N ALA C 409 14.72 -22.47 -5.38
CA ALA C 409 15.84 -23.38 -5.22
C ALA C 409 17.01 -22.65 -4.56
N ASP C 410 17.77 -23.40 -3.77
CA ASP C 410 18.95 -22.84 -3.12
C ASP C 410 19.98 -22.45 -4.17
N GLU C 411 20.56 -21.27 -4.03
CA GLU C 411 21.51 -20.78 -5.02
C GLU C 411 22.77 -21.63 -5.07
N LYS C 412 23.21 -22.15 -3.93
CA LYS C 412 24.46 -22.93 -3.87
C LYS C 412 24.26 -24.41 -4.22
N THR C 413 23.25 -25.06 -3.66
CA THR C 413 23.10 -26.50 -3.79
C THR C 413 22.06 -26.92 -4.83
N ASP C 414 21.24 -26.00 -5.32
CA ASP C 414 20.13 -26.23 -6.24
C ASP C 414 18.99 -27.01 -5.60
N GLU C 415 19.01 -27.22 -4.28
CA GLU C 415 17.95 -27.94 -3.61
C GLU C 415 16.65 -27.14 -3.64
N ILE C 416 15.55 -27.82 -3.95
CA ILE C 416 14.24 -27.19 -3.96
C ILE C 416 13.84 -26.82 -2.53
N LEU C 417 13.52 -25.54 -2.31
CA LEU C 417 13.13 -25.08 -1.00
C LEU C 417 11.64 -24.81 -0.87
N GLY C 418 10.94 -24.63 -1.99
CA GLY C 418 9.51 -24.43 -1.95
C GLY C 418 8.92 -24.50 -3.35
N VAL C 419 7.73 -25.07 -3.47
CA VAL C 419 7.04 -25.20 -4.74
C VAL C 419 5.63 -24.65 -4.56
N HIS C 420 5.25 -23.72 -5.43
CA HIS C 420 3.99 -22.99 -5.29
C HIS C 420 3.27 -22.97 -6.62
N MET C 421 2.03 -23.46 -6.62
CA MET C 421 1.28 -23.71 -7.84
C MET C 421 -0.04 -22.97 -7.82
N ILE C 422 -0.43 -22.45 -8.99
CA ILE C 422 -1.81 -22.10 -9.24
C ILE C 422 -2.12 -22.53 -10.66
N GLY C 423 -3.11 -23.40 -10.80
CA GLY C 423 -3.43 -23.96 -12.11
C GLY C 423 -4.36 -25.15 -11.95
N ALA C 424 -4.72 -25.70 -13.09
CA ALA C 424 -5.63 -26.84 -13.12
C ALA C 424 -5.02 -28.03 -12.39
N ARG C 425 -5.84 -28.71 -11.58
CA ARG C 425 -5.48 -29.93 -10.86
C ARG C 425 -4.30 -29.74 -9.91
N ALA C 426 -4.05 -28.50 -9.47
CA ALA C 426 -2.93 -28.26 -8.57
C ALA C 426 -3.08 -29.02 -7.26
N ALA C 427 -4.33 -29.25 -6.82
CA ALA C 427 -4.55 -29.94 -5.55
C ALA C 427 -3.91 -31.32 -5.53
N ASP C 428 -3.73 -31.92 -6.71
CA ASP C 428 -3.06 -33.20 -6.82
C ASP C 428 -1.65 -33.12 -7.38
N MET C 429 -1.33 -32.06 -8.13
CA MET C 429 0.05 -31.88 -8.59
C MET C 429 0.99 -31.60 -7.43
N ILE C 430 0.50 -30.98 -6.35
CA ILE C 430 1.37 -30.60 -5.25
C ILE C 430 2.04 -31.81 -4.62
N ALA C 431 1.45 -33.00 -4.76
CA ALA C 431 2.04 -34.20 -4.18
C ALA C 431 3.42 -34.48 -4.76
N GLU C 432 3.60 -34.25 -6.06
CA GLU C 432 4.91 -34.41 -6.65
C GLU C 432 5.92 -33.51 -5.97
N ALA C 433 5.54 -32.27 -5.68
CA ALA C 433 6.46 -31.36 -5.01
C ALA C 433 6.73 -31.82 -3.58
N VAL C 434 5.70 -32.32 -2.89
CA VAL C 434 5.89 -32.80 -1.52
C VAL C 434 6.85 -33.98 -1.50
N VAL C 435 6.64 -34.96 -2.37
CA VAL C 435 7.52 -36.13 -2.43
C VAL C 435 8.91 -35.71 -2.86
N ALA C 436 9.00 -34.76 -3.80
CA ALA C 436 10.32 -34.27 -4.22
C ALA C 436 11.07 -33.68 -3.04
N MET C 437 10.42 -32.80 -2.27
CA MET C 437 11.11 -32.14 -1.17
C MET C 437 11.42 -33.10 -0.03
N GLU C 438 10.59 -34.13 0.15
CA GLU C 438 10.87 -35.12 1.18
C GLU C 438 12.20 -35.83 0.93
N PHE C 439 12.57 -36.04 -0.33
CA PHE C 439 13.85 -36.64 -0.66
C PHE C 439 14.92 -35.60 -0.97
N ARG C 440 14.69 -34.34 -0.55
CA ARG C 440 15.66 -33.25 -0.70
C ARG C 440 16.06 -33.07 -2.16
N ALA C 441 15.08 -33.11 -3.04
CA ALA C 441 15.34 -33.06 -4.48
C ALA C 441 15.82 -31.68 -4.90
N SER C 442 16.68 -31.66 -5.91
CA SER C 442 17.14 -30.42 -6.51
C SER C 442 16.26 -30.05 -7.69
N ALA C 443 16.36 -28.79 -8.12
CA ALA C 443 15.65 -28.37 -9.32
C ALA C 443 16.09 -29.18 -10.53
N GLU C 444 17.40 -29.46 -10.63
CA GLU C 444 17.90 -30.26 -11.75
C GLU C 444 17.35 -31.68 -11.71
N ASP C 445 17.26 -32.27 -10.51
CA ASP C 445 16.71 -33.62 -10.38
C ASP C 445 15.32 -33.71 -11.02
N ILE C 446 14.42 -32.79 -10.63
CA ILE C 446 13.08 -32.79 -11.18
C ILE C 446 13.12 -32.46 -12.67
N ALA C 447 14.03 -31.59 -13.08
CA ALA C 447 14.12 -31.19 -14.48
C ALA C 447 14.50 -32.35 -15.40
N ARG C 448 15.11 -33.42 -14.87
CA ARG C 448 15.55 -34.53 -15.69
C ARG C 448 14.61 -35.73 -15.65
N ILE C 449 13.58 -35.67 -14.82
CA ILE C 449 12.65 -36.80 -14.66
C ILE C 449 11.60 -36.77 -15.77
N SER C 450 11.23 -37.95 -16.26
CA SER C 450 10.20 -38.03 -17.29
C SER C 450 8.86 -37.55 -16.74
N HIS C 451 8.27 -36.57 -17.42
CA HIS C 451 6.92 -36.11 -17.11
C HIS C 451 6.02 -36.40 -18.32
N ALA C 452 4.93 -37.11 -18.07
CA ALA C 452 4.04 -37.55 -19.14
C ALA C 452 3.50 -36.36 -19.94
N HIS C 453 3.43 -36.54 -21.26
CA HIS C 453 2.98 -35.53 -22.20
C HIS C 453 1.73 -36.01 -22.93
N PRO C 454 0.66 -35.18 -23.01
CA PRO C 454 0.52 -33.87 -22.37
C PRO C 454 -0.15 -33.94 -21.00
N THR C 455 0.47 -33.35 -19.99
CA THR C 455 -0.11 -33.27 -18.66
C THR C 455 0.17 -31.88 -18.10
N TYR C 456 -0.55 -31.54 -17.03
CA TYR C 456 -0.31 -30.28 -16.35
C TYR C 456 1.01 -30.32 -15.58
N THR C 457 1.44 -31.52 -15.17
CA THR C 457 2.66 -31.67 -14.40
C THR C 457 3.90 -31.29 -15.21
N GLU C 458 3.78 -31.19 -16.54
CA GLU C 458 4.89 -30.74 -17.35
C GLU C 458 5.29 -29.32 -17.00
N ALA C 459 4.36 -28.53 -16.46
CA ALA C 459 4.69 -27.20 -15.98
C ALA C 459 5.64 -27.24 -14.79
N ILE C 460 5.58 -28.28 -13.97
CA ILE C 460 6.55 -28.45 -12.90
C ILE C 460 7.95 -28.70 -13.48
N LYS C 461 8.04 -29.63 -14.45
CA LYS C 461 9.31 -29.93 -15.08
C LYS C 461 9.93 -28.70 -15.70
N GLU C 462 9.12 -27.90 -16.41
CA GLU C 462 9.63 -26.71 -17.08
C GLU C 462 10.06 -25.65 -16.07
N ALA C 463 9.28 -25.45 -15.01
CA ALA C 463 9.68 -24.50 -13.97
C ALA C 463 11.01 -24.90 -13.35
N ALA C 464 11.22 -26.21 -13.16
CA ALA C 464 12.48 -26.68 -12.61
C ALA C 464 13.63 -26.40 -13.56
N LEU C 465 13.41 -26.58 -14.87
CA LEU C 465 14.42 -26.21 -15.85
C LEU C 465 14.73 -24.72 -15.75
N ASP C 466 13.71 -23.90 -15.54
CA ASP C 466 13.94 -22.46 -15.38
C ASP C 466 14.71 -22.17 -14.10
N ALA C 467 14.41 -22.89 -13.03
CA ALA C 467 15.06 -22.63 -11.74
C ALA C 467 16.50 -23.12 -11.73
N THR C 468 16.77 -24.30 -12.28
CA THR C 468 18.10 -24.88 -12.13
C THR C 468 19.13 -24.15 -12.99
N GLY C 469 18.74 -23.65 -14.16
CA GLY C 469 19.68 -23.00 -15.05
C GLY C 469 19.07 -22.14 -16.15
N LYS C 470 17.84 -21.65 -15.92
CA LYS C 470 17.13 -20.79 -16.88
C LYS C 470 17.12 -21.40 -18.28
N ARG C 471 16.86 -22.70 -18.37
CA ARG C 471 16.95 -23.42 -19.63
C ARG C 471 15.69 -24.25 -19.86
N ALA C 472 14.53 -23.65 -19.63
CA ALA C 472 13.28 -24.30 -19.97
C ALA C 472 13.19 -24.51 -21.48
N ILE C 473 12.44 -25.55 -21.88
CA ILE C 473 12.37 -25.93 -23.28
C ILE C 473 11.24 -25.19 -24.00
N HIS C 474 10.07 -25.09 -23.39
CA HIS C 474 8.86 -24.60 -24.05
C HIS C 474 8.52 -23.16 -23.68
N MET C 475 9.52 -22.37 -23.32
CA MET C 475 9.26 -21.01 -22.86
C MET C 475 10.20 -20.00 -23.52
N ASN D 10 23.68 -24.01 -46.92
CA ASN D 10 24.28 -23.67 -45.63
C ASN D 10 24.82 -24.90 -44.93
N GLN D 11 25.70 -24.68 -43.95
CA GLN D 11 26.32 -25.73 -43.17
C GLN D 11 25.94 -25.51 -41.70
N PHE D 12 25.61 -26.59 -41.01
CA PHE D 12 25.15 -26.53 -39.64
C PHE D 12 25.89 -27.55 -38.79
N ASP D 13 25.86 -27.31 -37.47
CA ASP D 13 26.47 -28.27 -36.54
C ASP D 13 25.58 -29.50 -36.35
N VAL D 14 24.27 -29.30 -36.25
CA VAL D 14 23.32 -30.38 -36.04
C VAL D 14 22.11 -30.15 -36.95
N ALA D 15 21.66 -31.22 -37.59
CA ALA D 15 20.43 -31.22 -38.37
C ALA D 15 19.42 -32.18 -37.76
N VAL D 16 18.16 -31.77 -37.73
CA VAL D 16 17.08 -32.58 -37.19
C VAL D 16 16.03 -32.76 -38.28
N ILE D 17 15.77 -34.01 -38.65
CA ILE D 17 14.77 -34.35 -39.65
C ILE D 17 13.52 -34.80 -38.89
N GLY D 18 12.47 -33.97 -38.95
CA GLY D 18 11.25 -34.23 -38.22
C GLY D 18 11.01 -33.19 -37.15
N SER D 19 9.79 -32.65 -37.08
CA SER D 19 9.47 -31.59 -36.13
C SER D 19 8.46 -32.06 -35.08
N GLY D 20 8.44 -33.36 -34.78
CA GLY D 20 7.61 -33.86 -33.71
C GLY D 20 8.18 -33.50 -32.36
N PRO D 21 7.52 -33.98 -31.30
CA PRO D 21 8.01 -33.70 -29.94
C PRO D 21 9.47 -34.10 -29.74
N GLY D 22 9.88 -35.24 -30.28
CA GLY D 22 11.30 -35.59 -30.22
C GLY D 22 12.15 -34.63 -31.03
N GLY D 23 11.74 -34.38 -32.27
CA GLY D 23 12.51 -33.53 -33.15
C GLY D 23 12.73 -32.12 -32.64
N TYR D 24 11.65 -31.38 -32.37
CA TYR D 24 11.82 -29.97 -32.07
C TYR D 24 12.35 -29.75 -30.66
N VAL D 25 12.08 -30.65 -29.72
CA VAL D 25 12.68 -30.53 -28.41
C VAL D 25 14.18 -30.81 -28.49
N ALA D 26 14.57 -31.80 -29.29
CA ALA D 26 15.99 -32.03 -29.55
C ALA D 26 16.64 -30.79 -30.14
N ALA D 27 15.97 -30.15 -31.10
CA ALA D 27 16.52 -28.96 -31.74
C ALA D 27 16.72 -27.83 -30.73
N ILE D 28 15.73 -27.61 -29.86
CA ILE D 28 15.84 -26.54 -28.86
C ILE D 28 17.00 -26.80 -27.91
N ARG D 29 17.14 -28.04 -27.43
CA ARG D 29 18.24 -28.35 -26.52
C ARG D 29 19.59 -28.17 -27.22
N CYS D 30 19.66 -28.48 -28.52
CA CYS D 30 20.90 -28.26 -29.26
C CYS D 30 21.23 -26.77 -29.34
N ALA D 31 20.21 -25.95 -29.58
CA ALA D 31 20.42 -24.51 -29.61
C ALA D 31 20.86 -23.98 -28.25
N GLN D 32 20.32 -24.54 -27.17
CA GLN D 32 20.70 -24.06 -25.84
C GLN D 32 22.17 -24.34 -25.55
N LEU D 33 22.72 -25.42 -26.11
CA LEU D 33 24.09 -25.82 -25.85
C LEU D 33 25.09 -25.16 -26.79
N GLY D 34 24.63 -24.36 -27.74
CA GLY D 34 25.51 -23.58 -28.58
C GLY D 34 25.70 -24.07 -30.01
N PHE D 35 24.91 -25.04 -30.47
CA PHE D 35 25.05 -25.57 -31.81
C PHE D 35 24.27 -24.75 -32.81
N LYS D 36 24.82 -24.62 -34.02
CA LYS D 36 24.07 -24.10 -35.16
C LYS D 36 23.17 -25.22 -35.63
N THR D 37 21.87 -25.06 -35.41
CA THR D 37 20.90 -26.14 -35.56
C THR D 37 19.86 -25.80 -36.63
N VAL D 38 19.49 -26.81 -37.42
CA VAL D 38 18.46 -26.71 -38.43
C VAL D 38 17.48 -27.86 -38.24
N ILE D 39 16.20 -27.59 -38.51
CA ILE D 39 15.15 -28.61 -38.42
C ILE D 39 14.38 -28.61 -39.73
N ILE D 40 14.04 -29.80 -40.21
CA ILE D 40 13.38 -29.98 -41.51
C ILE D 40 12.06 -30.69 -41.28
N GLU D 41 10.99 -30.17 -41.88
CA GLU D 41 9.66 -30.75 -41.74
C GLU D 41 8.95 -30.76 -43.09
N LYS D 42 8.43 -31.93 -43.47
CA LYS D 42 7.73 -32.08 -44.75
C LYS D 42 6.30 -31.55 -44.68
N TYR D 43 5.69 -31.58 -43.49
CA TYR D 43 4.33 -31.10 -43.31
C TYR D 43 4.32 -29.58 -43.40
N SER D 44 3.14 -29.01 -43.67
CA SER D 44 3.04 -27.56 -43.81
C SER D 44 3.34 -26.84 -42.51
N THR D 45 3.02 -27.44 -41.36
CA THR D 45 3.25 -26.83 -40.06
C THR D 45 4.05 -27.78 -39.18
N LEU D 46 4.57 -27.22 -38.10
CA LEU D 46 5.40 -27.96 -37.15
C LEU D 46 4.55 -28.64 -36.09
N GLY D 47 5.16 -29.62 -35.42
CA GLY D 47 4.52 -30.28 -34.30
C GLY D 47 4.52 -31.79 -34.39
N GLY D 48 4.64 -32.33 -35.59
CA GLY D 48 4.67 -33.77 -35.70
C GLY D 48 3.31 -34.40 -35.46
N THR D 49 3.35 -35.70 -35.17
CA THR D 49 2.12 -36.45 -34.94
C THR D 49 1.38 -35.97 -33.71
N CYS D 50 2.11 -35.77 -32.60
CA CYS D 50 1.47 -35.46 -31.32
C CYS D 50 0.67 -34.16 -31.39
N LEU D 51 1.16 -33.16 -32.13
CA LEU D 51 0.50 -31.87 -32.19
C LEU D 51 -0.63 -31.83 -33.22
N ASN D 52 -0.36 -32.34 -34.43
CA ASN D 52 -1.28 -32.13 -35.54
C ASN D 52 -2.35 -33.22 -35.67
N VAL D 53 -2.03 -34.47 -35.37
CA VAL D 53 -2.99 -35.56 -35.58
C VAL D 53 -2.92 -36.56 -34.43
N GLY D 54 -2.43 -36.12 -33.28
CA GLY D 54 -2.21 -37.03 -32.17
C GLY D 54 -2.74 -36.56 -30.82
N CYS D 55 -1.81 -36.30 -29.89
CA CYS D 55 -2.18 -36.03 -28.51
C CYS D 55 -3.16 -34.87 -28.40
N ILE D 56 -2.77 -33.69 -28.93
CA ILE D 56 -3.59 -32.50 -28.76
C ILE D 56 -5.00 -32.68 -29.31
N PRO D 57 -5.21 -33.09 -30.56
CA PRO D 57 -6.60 -33.26 -31.04
C PRO D 57 -7.42 -34.22 -30.18
N SER D 58 -6.86 -35.38 -29.83
CA SER D 58 -7.59 -36.36 -29.03
C SER D 58 -7.94 -35.80 -27.67
N LYS D 59 -6.97 -35.15 -26.99
CA LYS D 59 -7.25 -34.56 -25.69
C LYS D 59 -8.32 -33.48 -25.80
N ALA D 60 -8.28 -32.70 -26.88
CA ALA D 60 -9.30 -31.68 -27.08
C ALA D 60 -10.68 -32.30 -27.26
N LEU D 61 -10.78 -33.34 -28.09
CA LEU D 61 -12.07 -33.99 -28.29
C LEU D 61 -12.50 -34.75 -27.05
N LEU D 62 -11.55 -35.27 -26.27
CA LEU D 62 -11.91 -35.96 -25.04
C LEU D 62 -12.49 -35.00 -24.02
N ASP D 63 -11.91 -33.78 -23.94
CA ASP D 63 -12.42 -32.81 -22.97
C ASP D 63 -13.80 -32.33 -23.34
N SER D 64 -14.05 -32.06 -24.63
CA SER D 64 -15.37 -31.58 -25.04
C SER D 64 -16.42 -32.65 -24.82
N SER D 65 -16.11 -33.91 -25.16
CA SER D 65 -17.09 -34.98 -25.02
C SER D 65 -17.40 -35.28 -23.56
N GLU D 66 -16.40 -35.16 -22.68
CA GLU D 66 -16.65 -35.44 -21.28
C GLU D 66 -17.59 -34.40 -20.67
N HIS D 67 -17.45 -33.14 -21.08
CA HIS D 67 -18.41 -32.12 -20.67
C HIS D 67 -19.82 -32.51 -21.10
N PHE D 68 -19.98 -32.97 -22.34
CA PHE D 68 -21.27 -33.41 -22.83
C PHE D 68 -21.79 -34.60 -22.04
N GLU D 69 -20.91 -35.52 -21.64
CA GLU D 69 -21.33 -36.67 -20.85
C GLU D 69 -21.91 -36.25 -19.51
N ASN D 70 -21.27 -35.28 -18.85
CA ASN D 70 -21.78 -34.78 -17.57
C ASN D 70 -23.16 -34.15 -17.75
N ALA D 71 -23.30 -33.32 -18.78
CA ALA D 71 -24.56 -32.66 -19.04
C ALA D 71 -25.72 -33.65 -19.23
N LYS D 72 -25.43 -34.81 -19.83
CA LYS D 72 -26.49 -35.77 -20.08
C LYS D 72 -26.83 -36.64 -18.86
N HIS D 73 -25.87 -36.87 -17.95
CA HIS D 73 -26.07 -37.85 -16.89
C HIS D 73 -25.94 -37.30 -15.47
N THR D 74 -25.29 -36.16 -15.25
CA THR D 74 -25.06 -35.68 -13.90
C THR D 74 -25.58 -34.27 -13.61
N PHE D 75 -25.90 -33.47 -14.62
CA PHE D 75 -26.28 -32.09 -14.36
C PHE D 75 -27.55 -31.99 -13.54
N ALA D 76 -28.52 -32.86 -13.80
CA ALA D 76 -29.76 -32.83 -13.03
C ALA D 76 -29.47 -33.12 -11.56
N THR D 77 -28.65 -34.13 -11.30
CA THR D 77 -28.24 -34.43 -9.92
C THR D 77 -27.44 -33.28 -9.33
N HIS D 78 -26.62 -32.63 -10.15
CA HIS D 78 -25.81 -31.50 -9.69
C HIS D 78 -26.63 -30.24 -9.43
N GLY D 79 -27.93 -30.25 -9.74
CA GLY D 79 -28.73 -29.06 -9.55
C GLY D 79 -28.63 -28.06 -10.69
N ILE D 80 -28.24 -28.49 -11.88
CA ILE D 80 -28.13 -27.63 -13.06
C ILE D 80 -29.29 -27.99 -13.99
N LEU D 81 -30.14 -27.00 -14.28
CA LEU D 81 -31.33 -27.23 -15.09
C LEU D 81 -31.07 -26.82 -16.53
N ILE D 82 -31.00 -27.82 -17.41
CA ILE D 82 -30.93 -27.62 -18.86
C ILE D 82 -31.82 -28.68 -19.50
N ASP D 83 -32.19 -28.43 -20.75
CA ASP D 83 -32.87 -29.46 -21.51
C ASP D 83 -31.82 -30.35 -22.18
N GLU D 84 -32.27 -31.38 -22.88
CA GLU D 84 -31.36 -32.35 -23.47
C GLU D 84 -30.30 -31.63 -24.31
N PRO D 85 -29.02 -31.76 -23.98
CA PRO D 85 -27.97 -31.11 -24.76
C PRO D 85 -27.80 -31.77 -26.11
N LYS D 86 -27.43 -30.96 -27.10
CA LYS D 86 -27.25 -31.40 -28.48
C LYS D 86 -25.83 -31.12 -28.94
N VAL D 87 -25.34 -31.95 -29.86
CA VAL D 87 -23.96 -31.90 -30.31
C VAL D 87 -23.86 -31.04 -31.56
N ASP D 88 -22.97 -30.05 -31.53
CA ASP D 88 -22.54 -29.33 -32.72
C ASP D 88 -21.19 -29.92 -33.11
N ILE D 89 -21.23 -30.98 -33.93
CA ILE D 89 -19.99 -31.68 -34.24
C ILE D 89 -19.02 -30.79 -35.01
N ALA D 90 -19.54 -29.92 -35.88
CA ALA D 90 -18.67 -29.04 -36.63
C ALA D 90 -17.96 -28.05 -35.72
N GLN D 91 -18.64 -27.58 -34.66
CA GLN D 91 -18.03 -26.66 -33.72
C GLN D 91 -16.99 -27.33 -32.85
N MET D 92 -17.25 -28.58 -32.44
CA MET D 92 -16.25 -29.32 -31.66
C MET D 92 -14.93 -29.43 -32.39
N ILE D 93 -14.97 -29.90 -33.65
CA ILE D 93 -13.76 -30.07 -34.43
C ILE D 93 -13.09 -28.73 -34.68
N SER D 94 -13.90 -27.69 -34.94
CA SER D 94 -13.34 -26.37 -35.21
C SER D 94 -12.51 -25.86 -34.03
N ARG D 95 -13.02 -26.03 -32.80
CA ARG D 95 -12.27 -25.59 -31.62
C ARG D 95 -10.96 -26.34 -31.49
N LYS D 96 -10.97 -27.65 -31.73
CA LYS D 96 -9.73 -28.41 -31.75
C LYS D 96 -8.76 -27.84 -32.76
N ASN D 97 -9.25 -27.50 -33.96
CA ASN D 97 -8.38 -26.91 -34.98
C ASN D 97 -7.73 -25.63 -34.49
N ASP D 98 -8.48 -24.80 -33.74
CA ASP D 98 -7.89 -23.58 -33.20
C ASP D 98 -6.82 -23.89 -32.17
N VAL D 99 -7.05 -24.94 -31.37
CA VAL D 99 -6.04 -25.38 -30.40
C VAL D 99 -4.76 -25.81 -31.11
N VAL D 100 -4.90 -26.53 -32.23
CA VAL D 100 -3.74 -26.92 -33.00
C VAL D 100 -3.01 -25.69 -33.55
N ASP D 101 -3.77 -24.76 -34.13
CA ASP D 101 -3.17 -23.55 -34.68
C ASP D 101 -2.45 -22.74 -33.60
N GLN D 102 -3.03 -22.66 -32.40
CA GLN D 102 -2.38 -21.99 -31.29
C GLN D 102 -1.06 -22.66 -30.94
N THR D 103 -1.08 -23.99 -30.79
CA THR D 103 0.13 -24.71 -30.41
C THR D 103 1.18 -24.66 -31.52
N THR D 104 0.76 -24.72 -32.78
CA THR D 104 1.70 -24.60 -33.88
C THR D 104 2.40 -23.25 -33.86
N LYS D 105 1.64 -22.17 -33.64
CA LYS D 105 2.27 -20.84 -33.56
C LYS D 105 3.22 -20.76 -32.38
N GLY D 106 2.91 -21.46 -31.28
CA GLY D 106 3.82 -21.48 -30.15
C GLY D 106 5.15 -22.13 -30.46
N ILE D 107 5.12 -23.24 -31.23
CA ILE D 107 6.37 -23.89 -31.62
C ILE D 107 7.14 -23.00 -32.59
N ASN D 108 6.45 -22.33 -33.50
CA ASN D 108 7.12 -21.35 -34.36
C ASN D 108 7.84 -20.31 -33.53
N PHE D 109 7.19 -19.82 -32.47
CA PHE D 109 7.82 -18.88 -31.55
C PHE D 109 9.07 -19.48 -30.93
N LEU D 110 9.01 -20.76 -30.54
CA LEU D 110 10.17 -21.39 -29.90
C LEU D 110 11.34 -21.53 -30.88
N MET D 111 11.05 -21.83 -32.14
CA MET D 111 12.11 -21.92 -33.13
C MET D 111 12.77 -20.56 -33.35
N ASP D 112 11.95 -19.51 -33.47
CA ASP D 112 12.48 -18.17 -33.70
C ASP D 112 13.24 -17.67 -32.49
N LYS D 113 12.75 -17.94 -31.29
CA LYS D 113 13.44 -17.50 -30.08
C LYS D 113 14.82 -18.16 -29.96
N ASN D 114 14.92 -19.45 -30.27
CA ASN D 114 16.17 -20.17 -30.15
C ASN D 114 17.04 -20.08 -31.41
N LYS D 115 16.63 -19.25 -32.38
CA LYS D 115 17.40 -18.99 -33.60
C LYS D 115 17.67 -20.29 -34.37
N ILE D 116 16.66 -21.14 -34.43
CA ILE D 116 16.74 -22.40 -35.17
C ILE D 116 16.21 -22.17 -36.58
N THR D 117 16.97 -22.63 -37.57
CA THR D 117 16.55 -22.53 -38.96
C THR D 117 15.51 -23.60 -39.27
N VAL D 118 14.40 -23.19 -39.89
CA VAL D 118 13.31 -24.09 -40.24
C VAL D 118 13.22 -24.17 -41.76
N LEU D 119 13.34 -25.38 -42.30
CA LEU D 119 13.20 -25.62 -43.73
C LEU D 119 12.02 -26.55 -43.93
N GLN D 120 11.15 -26.19 -44.87
CA GLN D 120 9.98 -26.99 -45.20
C GLN D 120 10.28 -27.86 -46.41
N GLY D 121 10.04 -29.16 -46.27
CA GLY D 121 10.26 -30.10 -47.36
C GLY D 121 10.61 -31.47 -46.83
N VAL D 122 10.73 -32.41 -47.76
CA VAL D 122 11.10 -33.79 -47.41
C VAL D 122 12.61 -33.89 -47.32
N GLY D 123 13.11 -34.36 -46.18
CA GLY D 123 14.53 -34.55 -45.99
C GLY D 123 15.00 -35.94 -46.33
N SER D 124 15.96 -36.04 -47.25
CA SER D 124 16.54 -37.31 -47.64
C SER D 124 18.06 -37.22 -47.56
N PHE D 125 18.70 -38.32 -47.17
CA PHE D 125 20.15 -38.34 -47.05
C PHE D 125 20.83 -38.39 -48.41
N GLU D 126 21.83 -37.53 -48.59
CA GLU D 126 22.78 -37.64 -49.69
C GLU D 126 24.05 -38.37 -49.28
N SER D 127 24.49 -38.17 -48.05
CA SER D 127 25.58 -38.89 -47.43
C SER D 127 25.38 -38.83 -45.92
N ALA D 128 26.41 -39.19 -45.17
CA ALA D 128 26.35 -39.09 -43.72
C ALA D 128 26.48 -37.65 -43.23
N THR D 129 26.72 -36.70 -44.14
CA THR D 129 26.97 -35.32 -43.78
C THR D 129 26.19 -34.33 -44.63
N GLN D 130 25.61 -34.77 -45.74
CA GLN D 130 24.79 -33.94 -46.62
C GLN D 130 23.36 -34.44 -46.59
N ILE D 131 22.41 -33.51 -46.62
CA ILE D 131 20.98 -33.84 -46.62
C ILE D 131 20.29 -33.04 -47.72
N LYS D 132 19.57 -33.75 -48.58
CA LYS D 132 18.77 -33.11 -49.62
C LYS D 132 17.36 -32.86 -49.07
N VAL D 133 16.85 -31.65 -49.32
CA VAL D 133 15.54 -31.24 -48.86
C VAL D 133 14.68 -31.01 -50.10
N THR D 134 13.72 -31.89 -50.33
CA THR D 134 12.86 -31.84 -51.51
C THR D 134 11.55 -31.15 -51.11
N LYS D 135 11.26 -30.02 -51.75
CA LYS D 135 10.03 -29.28 -51.49
C LYS D 135 8.86 -29.94 -52.20
N ALA D 136 7.66 -29.36 -52.01
CA ALA D 136 6.47 -29.93 -52.62
C ALA D 136 6.50 -29.82 -54.14
N ASP D 137 6.93 -28.67 -54.67
CA ASP D 137 6.95 -28.44 -56.10
C ASP D 137 8.03 -29.23 -56.84
N GLY D 138 8.95 -29.87 -56.12
CA GLY D 138 10.01 -30.63 -56.74
C GLY D 138 11.39 -29.99 -56.62
N SER D 139 11.45 -28.73 -56.19
CA SER D 139 12.73 -28.04 -56.02
C SER D 139 13.52 -28.65 -54.85
N SER D 140 14.83 -28.44 -54.88
CA SER D 140 15.71 -29.05 -53.90
C SER D 140 16.76 -28.06 -53.41
N GLU D 141 17.19 -28.26 -52.16
CA GLU D 141 18.32 -27.56 -51.58
C GLU D 141 19.14 -28.57 -50.79
N VAL D 142 20.46 -28.44 -50.84
CA VAL D 142 21.37 -29.36 -50.14
C VAL D 142 22.04 -28.61 -49.01
N ILE D 143 22.02 -29.20 -47.81
CA ILE D 143 22.66 -28.65 -46.64
C ILE D 143 23.70 -29.64 -46.12
N GLU D 144 24.68 -29.13 -45.41
CA GLU D 144 25.71 -29.94 -44.77
C GLU D 144 25.56 -29.81 -43.26
N ALA D 145 25.65 -30.94 -42.56
CA ALA D 145 25.52 -30.96 -41.11
C ALA D 145 26.49 -31.98 -40.53
N LYS D 146 27.30 -31.55 -39.56
CA LYS D 146 28.23 -32.47 -38.93
C LYS D 146 27.49 -33.65 -38.31
N ASN D 147 26.38 -33.38 -37.62
CA ASN D 147 25.59 -34.41 -37.00
C ASN D 147 24.13 -34.26 -37.43
N THR D 148 23.40 -35.38 -37.42
CA THR D 148 22.00 -35.41 -37.80
C THR D 148 21.22 -36.27 -36.81
N ILE D 149 20.05 -35.79 -36.40
CA ILE D 149 19.17 -36.51 -35.49
C ILE D 149 17.92 -36.92 -36.26
N ILE D 150 17.73 -38.23 -36.41
CA ILE D 150 16.55 -38.77 -37.08
C ILE D 150 15.38 -38.78 -36.09
N ALA D 151 14.30 -38.08 -36.46
CA ALA D 151 13.11 -37.99 -35.62
C ALA D 151 11.87 -38.02 -36.52
N THR D 152 11.82 -39.00 -37.42
CA THR D 152 10.80 -39.03 -38.45
C THR D 152 9.46 -39.60 -37.98
N GLY D 153 9.41 -40.18 -36.78
CA GLY D 153 8.13 -40.54 -36.20
C GLY D 153 7.50 -41.78 -36.80
N SER D 154 6.16 -41.79 -36.78
CA SER D 154 5.40 -43.00 -37.06
C SER D 154 4.17 -42.69 -37.93
N LYS D 155 3.58 -43.75 -38.43
CA LYS D 155 2.30 -43.76 -39.14
C LYS D 155 1.41 -44.82 -38.53
N PRO D 156 0.09 -44.74 -38.75
CA PRO D 156 -0.80 -45.82 -38.28
C PRO D 156 -0.45 -47.15 -38.91
N SER D 157 -0.47 -48.20 -38.09
CA SER D 157 -0.35 -49.56 -38.60
C SER D 157 -1.65 -49.98 -39.24
N SER D 158 -1.60 -51.06 -40.03
CA SER D 158 -2.81 -51.60 -40.62
C SER D 158 -2.65 -53.10 -40.81
N LEU D 159 -3.70 -53.71 -41.36
CA LEU D 159 -3.78 -55.11 -41.72
C LEU D 159 -3.83 -55.24 -43.24
N PRO D 160 -3.20 -56.27 -43.80
CA PRO D 160 -3.01 -56.31 -45.27
C PRO D 160 -4.27 -56.24 -46.10
N PHE D 161 -5.40 -56.76 -45.59
CA PHE D 161 -6.64 -56.85 -46.35
C PHE D 161 -7.56 -55.64 -46.21
N ILE D 162 -7.21 -54.65 -45.39
CA ILE D 162 -8.06 -53.48 -45.19
C ILE D 162 -7.72 -52.43 -46.23
N THR D 163 -8.75 -51.92 -46.91
CA THR D 163 -8.60 -50.85 -47.90
C THR D 163 -9.10 -49.56 -47.26
N LEU D 164 -8.16 -48.75 -46.75
CA LEU D 164 -8.50 -47.51 -46.09
C LEU D 164 -8.96 -46.48 -47.12
N ASP D 165 -10.07 -45.80 -46.84
CA ASP D 165 -10.67 -44.85 -47.77
C ASP D 165 -10.77 -43.43 -47.25
N LYS D 166 -10.26 -43.16 -46.04
CA LYS D 166 -10.28 -41.83 -45.44
C LYS D 166 -11.70 -41.26 -45.33
N GLU D 167 -12.72 -42.11 -45.38
CA GLU D 167 -14.12 -41.69 -45.26
C GLU D 167 -14.82 -42.46 -44.15
N ARG D 168 -15.02 -43.76 -44.36
CA ARG D 168 -15.63 -44.62 -43.35
C ARG D 168 -14.70 -45.71 -42.84
N VAL D 169 -13.68 -46.11 -43.60
CA VAL D 169 -12.65 -47.02 -43.12
C VAL D 169 -11.40 -46.20 -42.87
N ILE D 170 -11.20 -45.76 -41.63
CA ILE D 170 -10.33 -44.63 -41.32
C ILE D 170 -9.33 -45.00 -40.24
N THR D 171 -8.32 -44.14 -40.09
CA THR D 171 -7.35 -44.20 -39.01
C THR D 171 -7.63 -43.08 -38.01
N SER D 172 -6.75 -42.96 -37.01
CA SER D 172 -6.92 -41.92 -36.00
C SER D 172 -6.94 -40.55 -36.64
N THR D 173 -6.16 -40.35 -37.70
CA THR D 173 -6.08 -39.04 -38.36
C THR D 173 -7.45 -38.59 -38.85
N GLU D 174 -8.16 -39.46 -39.56
CA GLU D 174 -9.46 -39.06 -40.10
C GLU D 174 -10.55 -39.10 -39.04
N ALA D 175 -10.43 -39.99 -38.05
CA ALA D 175 -11.41 -40.05 -36.99
C ALA D 175 -11.51 -38.75 -36.22
N LEU D 176 -10.41 -38.01 -36.12
CA LEU D 176 -10.40 -36.72 -35.43
C LEU D 176 -11.09 -35.61 -36.21
N ASN D 177 -11.61 -35.89 -37.40
CA ASN D 177 -12.20 -34.86 -38.28
C ASN D 177 -13.54 -35.32 -38.83
N LEU D 178 -14.26 -36.16 -38.10
CA LEU D 178 -15.54 -36.65 -38.60
C LEU D 178 -16.54 -35.52 -38.77
N LYS D 179 -17.37 -35.63 -39.80
CA LYS D 179 -18.39 -34.64 -40.10
C LYS D 179 -19.73 -35.00 -39.48
N GLU D 180 -19.81 -36.11 -38.75
CA GLU D 180 -21.06 -36.57 -38.13
C GLU D 180 -20.71 -37.54 -37.02
N VAL D 181 -21.58 -37.59 -36.01
CA VAL D 181 -21.40 -38.52 -34.90
C VAL D 181 -21.90 -39.90 -35.34
N PRO D 182 -21.02 -40.92 -35.36
CA PRO D 182 -21.41 -42.22 -35.91
C PRO D 182 -22.58 -42.84 -35.17
N LYS D 183 -23.38 -43.60 -35.92
CA LYS D 183 -24.44 -44.40 -35.31
C LYS D 183 -23.84 -45.61 -34.58
N HIS D 184 -22.94 -46.34 -35.24
CA HIS D 184 -22.26 -47.47 -34.62
C HIS D 184 -20.83 -47.49 -35.12
N LEU D 185 -19.89 -47.15 -34.24
CA LEU D 185 -18.48 -47.13 -34.55
C LEU D 185 -17.85 -48.46 -34.13
N ILE D 186 -17.22 -49.15 -35.07
CA ILE D 186 -16.45 -50.36 -34.79
C ILE D 186 -14.99 -49.96 -34.68
N VAL D 187 -14.34 -50.35 -33.59
CA VAL D 187 -12.93 -50.04 -33.36
C VAL D 187 -12.13 -51.33 -33.41
N ILE D 188 -11.18 -51.40 -34.33
CA ILE D 188 -10.32 -52.57 -34.48
C ILE D 188 -9.04 -52.29 -33.71
N GLY D 189 -8.88 -52.98 -32.58
CA GLY D 189 -7.73 -52.84 -31.71
C GLY D 189 -8.07 -52.12 -30.42
N GLY D 190 -7.64 -52.69 -29.30
CA GLY D 190 -7.97 -52.14 -27.99
C GLY D 190 -6.86 -51.28 -27.45
N GLY D 191 -6.16 -50.59 -28.35
CA GLY D 191 -5.07 -49.74 -27.97
C GLY D 191 -5.52 -48.47 -27.28
N VAL D 192 -4.54 -47.75 -26.72
CA VAL D 192 -4.83 -46.47 -26.08
C VAL D 192 -5.59 -45.56 -27.04
N ILE D 193 -5.15 -45.50 -28.29
CA ILE D 193 -5.79 -44.63 -29.27
C ILE D 193 -7.24 -45.04 -29.48
N GLY D 194 -7.47 -46.33 -29.70
CA GLY D 194 -8.82 -46.82 -29.97
C GLY D 194 -9.77 -46.59 -28.81
N LEU D 195 -9.30 -46.87 -27.59
CA LEU D 195 -10.15 -46.66 -26.42
C LEU D 195 -10.42 -45.17 -26.21
N GLU D 196 -9.43 -44.32 -26.52
CA GLU D 196 -9.64 -42.88 -26.37
C GLU D 196 -10.66 -42.35 -27.37
N LEU D 197 -10.47 -42.66 -28.65
CA LEU D 197 -11.41 -42.17 -29.66
C LEU D 197 -12.77 -42.84 -29.52
N GLY D 198 -12.81 -44.10 -29.09
CA GLY D 198 -14.08 -44.74 -28.80
C GLY D 198 -14.82 -44.06 -27.66
N SER D 199 -14.10 -43.67 -26.61
CA SER D 199 -14.71 -42.94 -25.53
C SER D 199 -15.30 -41.61 -26.01
N VAL D 200 -14.59 -40.93 -26.91
CA VAL D 200 -15.07 -39.66 -27.47
C VAL D 200 -16.48 -39.82 -28.04
N TYR D 201 -16.63 -40.77 -28.98
CA TYR D 201 -17.90 -40.88 -29.69
C TYR D 201 -18.96 -41.66 -28.92
N LEU D 202 -18.56 -42.55 -28.01
CA LEU D 202 -19.53 -43.18 -27.13
C LEU D 202 -20.32 -42.12 -26.35
N ARG D 203 -19.61 -41.14 -25.79
CA ARG D 203 -20.24 -40.06 -25.04
C ARG D 203 -21.17 -39.24 -25.93
N LEU D 204 -20.78 -39.03 -27.20
CA LEU D 204 -21.56 -38.21 -28.12
C LEU D 204 -22.77 -38.94 -28.70
N GLY D 205 -23.05 -40.17 -28.25
CA GLY D 205 -24.24 -40.89 -28.64
C GLY D 205 -24.00 -42.14 -29.45
N SER D 206 -22.79 -42.36 -29.96
CA SER D 206 -22.54 -43.50 -30.82
C SER D 206 -22.56 -44.81 -30.02
N ASP D 207 -22.95 -45.89 -30.68
CA ASP D 207 -22.64 -47.21 -30.19
C ASP D 207 -21.22 -47.57 -30.62
N VAL D 208 -20.44 -48.10 -29.67
CA VAL D 208 -19.04 -48.41 -29.91
C VAL D 208 -18.79 -49.86 -29.53
N THR D 209 -18.26 -50.63 -30.47
CA THR D 209 -17.85 -52.00 -30.23
C THR D 209 -16.36 -52.10 -30.54
N VAL D 210 -15.58 -52.52 -29.54
CA VAL D 210 -14.14 -52.68 -29.70
C VAL D 210 -13.84 -54.15 -29.97
N VAL D 211 -13.16 -54.39 -31.09
CA VAL D 211 -12.77 -55.74 -31.52
C VAL D 211 -11.26 -55.85 -31.39
N GLU D 212 -10.80 -56.84 -30.63
CA GLU D 212 -9.40 -56.96 -30.26
C GLU D 212 -8.95 -58.42 -30.38
N TYR D 213 -7.72 -58.60 -30.87
CA TYR D 213 -7.19 -59.95 -31.06
C TYR D 213 -6.81 -60.60 -29.74
N LEU D 214 -6.27 -59.83 -28.80
CA LEU D 214 -5.88 -60.36 -27.50
C LEU D 214 -7.08 -60.46 -26.56
N ASP D 215 -6.87 -61.17 -25.45
CA ASP D 215 -7.92 -61.45 -24.49
C ASP D 215 -8.15 -60.31 -23.50
N LYS D 216 -7.42 -59.20 -23.62
CA LYS D 216 -7.60 -58.06 -22.73
C LYS D 216 -7.20 -56.79 -23.46
N ILE D 217 -7.84 -55.67 -23.07
CA ILE D 217 -7.51 -54.38 -23.65
C ILE D 217 -6.28 -53.79 -22.95
N ILE D 218 -5.70 -52.77 -23.58
CA ILE D 218 -4.41 -52.16 -23.22
C ILE D 218 -3.46 -53.23 -22.71
N PRO D 219 -3.08 -54.19 -23.55
CA PRO D 219 -2.31 -55.35 -23.04
C PRO D 219 -0.90 -55.01 -22.59
N GLY D 220 -0.38 -53.83 -22.93
CA GLY D 220 0.96 -53.48 -22.48
C GLY D 220 1.04 -52.91 -21.07
N MET D 221 -0.09 -52.69 -20.41
CA MET D 221 -0.11 -52.10 -19.08
C MET D 221 -0.45 -53.17 -18.04
N ASP D 222 -0.48 -52.77 -16.78
CA ASP D 222 -0.67 -53.73 -15.69
C ASP D 222 -2.05 -54.39 -15.80
N GLY D 223 -2.08 -55.69 -15.50
CA GLY D 223 -3.29 -56.47 -15.69
C GLY D 223 -4.48 -55.96 -14.89
N THR D 224 -4.24 -55.41 -13.70
CA THR D 224 -5.32 -54.81 -12.93
C THR D 224 -5.93 -53.63 -13.67
N LEU D 225 -5.08 -52.77 -14.26
CA LEU D 225 -5.59 -51.63 -15.01
C LEU D 225 -6.35 -52.09 -16.25
N SER D 226 -5.84 -53.10 -16.95
CA SER D 226 -6.54 -53.63 -18.12
C SER D 226 -7.95 -54.06 -17.75
N LYS D 227 -8.09 -54.80 -16.65
CA LYS D 227 -9.42 -55.25 -16.23
C LYS D 227 -10.30 -54.07 -15.86
N GLU D 228 -9.78 -53.17 -15.01
CA GLU D 228 -10.60 -52.07 -14.50
C GLU D 228 -11.03 -51.12 -15.62
N LEU D 229 -10.17 -50.91 -16.61
CA LEU D 229 -10.54 -50.00 -17.70
C LEU D 229 -11.69 -50.56 -18.54
N GLN D 230 -11.66 -51.86 -18.85
CA GLN D 230 -12.79 -52.46 -19.54
C GLN D 230 -14.03 -52.46 -18.64
N LYS D 231 -13.83 -52.69 -17.34
CA LYS D 231 -14.96 -52.72 -16.41
C LYS D 231 -15.68 -51.37 -16.36
N THR D 232 -14.94 -50.26 -16.42
CA THR D 232 -15.59 -48.97 -16.38
C THR D 232 -16.13 -48.56 -17.75
N LEU D 233 -15.41 -48.89 -18.83
CA LEU D 233 -15.89 -48.58 -20.17
C LEU D 233 -17.15 -49.38 -20.49
N LYS D 234 -17.21 -50.63 -20.01
CA LYS D 234 -18.42 -51.42 -20.18
C LYS D 234 -19.59 -50.77 -19.44
N LYS D 235 -19.32 -50.26 -18.24
CA LYS D 235 -20.31 -49.52 -17.47
C LYS D 235 -20.74 -48.21 -18.14
N GLN D 236 -19.85 -47.60 -18.94
CA GLN D 236 -20.19 -46.37 -19.65
C GLN D 236 -20.95 -46.61 -20.95
N GLY D 237 -21.10 -47.86 -21.39
CA GLY D 237 -21.84 -48.17 -22.59
C GLY D 237 -21.04 -48.83 -23.70
N MET D 238 -19.72 -48.92 -23.58
CA MET D 238 -18.91 -49.55 -24.61
C MET D 238 -19.06 -51.07 -24.56
N LYS D 239 -19.15 -51.69 -25.73
CA LYS D 239 -19.17 -53.14 -25.87
C LYS D 239 -17.83 -53.62 -26.40
N PHE D 240 -17.42 -54.81 -25.96
CA PHE D 240 -16.09 -55.33 -26.26
C PHE D 240 -16.18 -56.74 -26.82
N MET D 241 -15.48 -56.97 -27.93
CA MET D 241 -15.36 -58.30 -28.53
C MET D 241 -13.89 -58.71 -28.47
N LEU D 242 -13.49 -59.28 -27.35
CA LEU D 242 -12.12 -59.68 -27.13
C LEU D 242 -11.87 -61.08 -27.68
N SER D 243 -10.59 -61.44 -27.80
CA SER D 243 -10.17 -62.75 -28.32
C SER D 243 -10.84 -63.03 -29.68
N THR D 244 -10.81 -62.01 -30.55
CA THR D 244 -11.49 -62.03 -31.84
C THR D 244 -10.51 -61.63 -32.92
N ALA D 245 -10.31 -62.50 -33.90
CA ALA D 245 -9.35 -62.30 -34.98
C ALA D 245 -10.07 -61.79 -36.22
N VAL D 246 -9.88 -60.51 -36.55
CA VAL D 246 -10.50 -59.92 -37.73
C VAL D 246 -9.86 -60.48 -38.99
N SER D 247 -10.70 -60.83 -39.97
CA SER D 247 -10.23 -61.35 -41.25
C SER D 247 -10.73 -60.57 -42.46
N GLY D 248 -11.62 -59.59 -42.28
CA GLY D 248 -12.11 -58.84 -43.41
C GLY D 248 -12.79 -57.55 -43.08
N VAL D 249 -12.63 -56.53 -43.93
CA VAL D 249 -13.32 -55.26 -43.77
C VAL D 249 -13.87 -54.82 -45.12
N GLU D 250 -15.17 -54.98 -45.32
CA GLU D 250 -15.82 -54.63 -46.58
C GLU D 250 -16.68 -53.40 -46.36
N ARG D 251 -16.59 -52.44 -47.28
CA ARG D 251 -17.46 -51.28 -47.29
C ARG D 251 -18.58 -51.53 -48.30
N ASN D 252 -19.82 -51.53 -47.82
CA ASN D 252 -21.00 -51.72 -48.66
C ASN D 252 -21.82 -50.44 -48.59
N GLY D 253 -21.40 -49.44 -49.36
CA GLY D 253 -22.09 -48.16 -49.40
C GLY D 253 -21.86 -47.35 -48.15
N ASP D 254 -22.93 -47.10 -47.40
CA ASP D 254 -22.88 -46.35 -46.16
C ASP D 254 -22.62 -47.24 -44.94
N THR D 255 -22.19 -48.48 -45.16
CA THR D 255 -22.04 -49.46 -44.09
C THR D 255 -20.70 -50.17 -44.23
N VAL D 256 -20.07 -50.47 -43.10
CA VAL D 256 -18.83 -51.22 -43.05
C VAL D 256 -19.13 -52.56 -42.37
N LYS D 257 -18.65 -53.65 -42.97
CA LYS D 257 -18.87 -54.99 -42.45
C LYS D 257 -17.54 -55.54 -41.98
N VAL D 258 -17.46 -55.88 -40.69
CA VAL D 258 -16.26 -56.45 -40.10
C VAL D 258 -16.52 -57.92 -39.83
N THR D 259 -15.75 -58.78 -40.50
CA THR D 259 -15.88 -60.22 -40.33
C THR D 259 -14.67 -60.75 -39.57
N ALA D 260 -14.92 -61.67 -38.64
CA ALA D 260 -13.88 -62.15 -37.74
C ALA D 260 -14.33 -63.50 -37.16
N LYS D 261 -13.46 -64.10 -36.36
CA LYS D 261 -13.72 -65.34 -35.65
C LYS D 261 -13.40 -65.16 -34.18
N ASP D 262 -14.19 -65.77 -33.31
CA ASP D 262 -14.03 -65.62 -31.88
C ASP D 262 -13.13 -66.72 -31.32
N LYS D 263 -12.99 -66.78 -29.99
CA LYS D 263 -12.08 -67.72 -29.35
C LYS D 263 -12.54 -69.17 -29.51
N LYS D 264 -13.83 -69.40 -29.72
CA LYS D 264 -14.34 -70.75 -29.98
C LYS D 264 -14.25 -71.13 -31.45
N GLY D 265 -13.73 -70.24 -32.30
CA GLY D 265 -13.62 -70.48 -33.72
C GLY D 265 -14.84 -70.15 -34.54
N GLU D 266 -15.93 -69.72 -33.92
CA GLU D 266 -17.16 -69.42 -34.64
C GLU D 266 -17.09 -68.04 -35.30
N ASP D 267 -17.77 -67.91 -36.43
CA ASP D 267 -17.76 -66.64 -37.18
C ASP D 267 -18.62 -65.58 -36.50
N VAL D 268 -18.11 -64.35 -36.51
CA VAL D 268 -18.80 -63.19 -35.98
C VAL D 268 -18.72 -62.09 -37.03
N VAL D 269 -19.82 -61.37 -37.24
CA VAL D 269 -19.88 -60.27 -38.20
C VAL D 269 -20.51 -59.07 -37.49
N VAL D 270 -19.87 -57.92 -37.60
CA VAL D 270 -20.36 -56.68 -36.99
C VAL D 270 -20.42 -55.61 -38.07
N GLU D 271 -21.53 -54.88 -38.12
CA GLU D 271 -21.73 -53.79 -39.06
C GLU D 271 -21.92 -52.48 -38.32
N GLY D 272 -21.28 -51.44 -38.84
CA GLY D 272 -21.43 -50.08 -38.35
C GLY D 272 -21.30 -49.14 -39.52
N ASP D 273 -21.49 -47.86 -39.24
CA ASP D 273 -21.35 -46.83 -40.28
C ASP D 273 -19.97 -46.20 -40.30
N TYR D 274 -19.13 -46.48 -39.31
CA TYR D 274 -17.74 -46.04 -39.28
C TYR D 274 -16.89 -47.12 -38.65
N CYS D 275 -15.70 -47.34 -39.21
CA CYS D 275 -14.77 -48.33 -38.71
C CYS D 275 -13.41 -47.68 -38.48
N LEU D 276 -12.92 -47.75 -37.26
CA LEU D 276 -11.64 -47.15 -36.88
C LEU D 276 -10.60 -48.25 -36.75
N VAL D 277 -9.53 -48.13 -37.52
CA VAL D 277 -8.44 -49.10 -37.48
C VAL D 277 -7.37 -48.51 -36.57
N SER D 278 -7.25 -49.07 -35.36
CA SER D 278 -6.26 -48.63 -34.37
C SER D 278 -5.52 -49.87 -33.88
N VAL D 279 -4.67 -50.43 -34.74
CA VAL D 279 -3.97 -51.66 -34.42
C VAL D 279 -2.51 -51.40 -34.04
N GLY D 280 -2.14 -50.16 -33.82
CA GLY D 280 -0.81 -49.79 -33.40
C GLY D 280 -0.17 -48.79 -34.34
N ARG D 281 1.06 -48.44 -34.02
CA ARG D 281 1.82 -47.49 -34.82
C ARG D 281 3.11 -48.15 -35.30
N ARG D 282 3.54 -47.75 -36.49
CA ARG D 282 4.73 -48.29 -37.12
C ARG D 282 5.73 -47.17 -37.40
N PRO D 283 7.02 -47.44 -37.25
CA PRO D 283 8.03 -46.40 -37.54
C PRO D 283 7.98 -45.96 -38.99
N TYR D 284 8.22 -44.68 -39.21
CA TYR D 284 8.13 -44.08 -40.53
C TYR D 284 9.53 -43.72 -41.03
N THR D 285 9.92 -44.28 -42.16
CA THR D 285 11.22 -43.98 -42.76
C THR D 285 11.11 -43.74 -44.26
N ASP D 286 9.91 -43.65 -44.81
CA ASP D 286 9.72 -43.52 -46.25
C ASP D 286 10.35 -42.24 -46.76
N GLY D 287 11.16 -42.36 -47.82
CA GLY D 287 11.75 -41.23 -48.50
C GLY D 287 12.92 -40.58 -47.81
N LEU D 288 13.39 -41.15 -46.69
CA LEU D 288 14.49 -40.57 -45.92
C LEU D 288 15.86 -40.83 -46.53
N GLY D 289 15.96 -41.77 -47.47
CA GLY D 289 17.25 -42.05 -48.10
C GLY D 289 18.29 -42.67 -47.20
N LEU D 290 17.86 -43.55 -46.28
CA LEU D 290 18.81 -44.16 -45.35
C LEU D 290 19.86 -44.97 -46.08
N GLU D 291 19.48 -45.60 -47.19
CA GLU D 291 20.44 -46.39 -47.97
C GLU D 291 21.56 -45.50 -48.48
N LYS D 292 21.26 -44.25 -48.82
CA LYS D 292 22.27 -43.32 -49.30
C LYS D 292 23.19 -42.84 -48.18
N ALA D 293 22.82 -43.05 -46.92
CA ALA D 293 23.67 -42.73 -45.78
C ALA D 293 24.30 -43.93 -45.09
N GLY D 294 23.74 -45.13 -45.28
CA GLY D 294 24.26 -46.34 -44.67
C GLY D 294 23.62 -46.76 -43.36
N VAL D 295 22.47 -46.18 -43.00
CA VAL D 295 21.83 -46.48 -41.72
C VAL D 295 20.97 -47.74 -41.86
N GLU D 296 21.11 -48.65 -40.89
CA GLU D 296 20.41 -49.93 -40.91
C GLU D 296 19.11 -49.86 -40.12
N LEU D 297 18.11 -50.62 -40.58
CA LEU D 297 16.85 -50.81 -39.88
C LEU D 297 16.83 -52.18 -39.21
N ASP D 298 15.91 -52.35 -38.28
CA ASP D 298 15.70 -53.66 -37.67
C ASP D 298 14.57 -54.38 -38.39
N GLU D 299 14.19 -55.55 -37.88
CA GLU D 299 13.18 -56.36 -38.55
C GLU D 299 11.80 -55.69 -38.52
N ARG D 300 11.55 -54.85 -37.50
CA ARG D 300 10.26 -54.18 -37.35
C ARG D 300 10.20 -52.84 -38.07
N GLY D 301 11.26 -52.44 -38.76
CA GLY D 301 11.29 -51.19 -39.47
C GLY D 301 11.79 -49.99 -38.71
N ARG D 302 12.43 -50.20 -37.56
CA ARG D 302 12.93 -49.11 -36.74
C ARG D 302 14.40 -48.88 -37.01
N VAL D 303 14.83 -47.63 -36.87
CA VAL D 303 16.24 -47.30 -36.96
C VAL D 303 16.95 -47.92 -35.77
N LYS D 304 17.90 -48.81 -36.04
CA LYS D 304 18.64 -49.46 -34.97
C LYS D 304 19.47 -48.45 -34.19
N THR D 305 19.50 -48.62 -32.87
CA THR D 305 20.24 -47.71 -31.99
C THR D 305 20.99 -48.52 -30.93
N ASN D 306 22.03 -47.90 -30.38
CA ASN D 306 22.86 -48.49 -29.34
C ASN D 306 22.66 -47.75 -28.01
N ASP D 307 23.70 -47.77 -27.16
CA ASP D 307 23.62 -47.13 -25.85
C ASP D 307 23.46 -45.62 -25.96
N HIS D 308 24.00 -45.01 -27.00
CA HIS D 308 23.91 -43.56 -27.17
C HIS D 308 22.81 -43.14 -28.13
N LEU D 309 21.83 -44.01 -28.38
CA LEU D 309 20.81 -43.74 -29.40
C LEU D 309 21.48 -43.45 -30.74
N GLN D 310 22.61 -44.10 -30.96
CA GLN D 310 23.44 -43.92 -32.14
C GLN D 310 23.10 -44.98 -33.18
N THR D 311 23.05 -44.57 -34.44
CA THR D 311 22.86 -45.53 -35.52
C THR D 311 24.17 -46.25 -35.79
N ASN D 312 24.19 -47.10 -36.82
CA ASN D 312 25.46 -47.71 -37.19
C ASN D 312 26.42 -46.67 -37.78
N VAL D 313 25.89 -45.61 -38.40
CA VAL D 313 26.72 -44.50 -38.85
C VAL D 313 26.96 -43.55 -37.68
N PRO D 314 28.21 -43.40 -37.22
CA PRO D 314 28.45 -42.83 -35.88
C PRO D 314 27.98 -41.40 -35.68
N ASN D 315 27.91 -40.58 -36.73
CA ASN D 315 27.55 -39.18 -36.53
C ASN D 315 26.05 -38.94 -36.59
N ILE D 316 25.25 -39.98 -36.84
CA ILE D 316 23.82 -39.85 -36.99
C ILE D 316 23.13 -40.57 -35.83
N TYR D 317 22.23 -39.87 -35.15
CA TYR D 317 21.45 -40.42 -34.05
C TYR D 317 19.98 -40.48 -34.44
N ALA D 318 19.19 -41.16 -33.63
CA ALA D 318 17.77 -41.32 -33.91
C ALA D 318 17.01 -41.42 -32.60
N ILE D 319 15.83 -40.80 -32.57
CA ILE D 319 15.03 -40.69 -31.35
C ILE D 319 13.56 -40.92 -31.68
N GLY D 320 12.77 -41.17 -30.63
CA GLY D 320 11.34 -41.10 -30.75
C GLY D 320 10.71 -42.38 -31.30
N ASP D 321 9.57 -42.19 -31.98
CA ASP D 321 8.78 -43.32 -32.48
C ASP D 321 9.51 -44.12 -33.56
N VAL D 322 10.58 -43.57 -34.14
CA VAL D 322 11.29 -44.27 -35.20
C VAL D 322 12.30 -45.26 -34.64
N VAL D 323 12.50 -45.30 -33.33
CA VAL D 323 13.43 -46.23 -32.71
C VAL D 323 12.70 -47.10 -31.69
N LYS D 324 13.41 -48.05 -31.11
CA LYS D 324 12.84 -48.98 -30.14
C LYS D 324 12.43 -48.24 -28.87
N GLY D 325 11.46 -48.82 -28.17
CA GLY D 325 10.95 -48.29 -26.92
C GLY D 325 9.51 -47.85 -27.05
N ALA D 326 8.95 -47.45 -25.90
CA ALA D 326 7.56 -47.02 -25.86
C ALA D 326 7.35 -45.80 -26.75
N MET D 327 6.31 -45.87 -27.58
CA MET D 327 6.06 -44.84 -28.58
C MET D 327 5.23 -43.71 -27.96
N LEU D 328 5.88 -42.95 -27.10
CA LEU D 328 5.25 -41.89 -26.33
C LEU D 328 5.93 -40.55 -26.60
N ALA D 329 5.16 -39.47 -26.49
CA ALA D 329 5.67 -38.14 -26.83
C ALA D 329 6.77 -37.72 -25.87
N HIS D 330 6.54 -37.86 -24.57
CA HIS D 330 7.56 -37.48 -23.58
C HIS D 330 8.74 -38.44 -23.60
N LYS D 331 8.56 -39.64 -24.13
CA LYS D 331 9.71 -40.52 -24.35
C LYS D 331 10.60 -39.96 -25.46
N ALA D 332 9.99 -39.41 -26.50
CA ALA D 332 10.77 -38.78 -27.57
C ALA D 332 11.44 -37.51 -27.07
N GLU D 333 10.73 -36.72 -26.28
CA GLU D 333 11.32 -35.51 -25.72
C GLU D 333 12.56 -35.82 -24.91
N GLU D 334 12.47 -36.83 -24.04
CA GLU D 334 13.61 -37.19 -23.20
C GLU D 334 14.78 -37.68 -24.05
N GLU D 335 14.50 -38.49 -25.07
CA GLU D 335 15.57 -39.00 -25.93
C GLU D 335 16.22 -37.88 -26.74
N GLY D 336 15.45 -36.88 -27.14
CA GLY D 336 16.05 -35.74 -27.82
C GLY D 336 16.98 -34.97 -26.91
N VAL D 337 16.58 -34.76 -25.66
CA VAL D 337 17.44 -34.08 -24.70
C VAL D 337 18.72 -34.88 -24.48
N PHE D 338 18.59 -36.20 -24.50
CA PHE D 338 19.75 -37.08 -24.33
C PHE D 338 20.75 -36.89 -25.45
N VAL D 339 20.29 -36.92 -26.70
CA VAL D 339 21.21 -36.81 -27.83
C VAL D 339 21.86 -35.44 -27.85
N ALA D 340 21.09 -34.39 -27.62
CA ALA D 340 21.65 -33.05 -27.60
C ALA D 340 22.73 -32.92 -26.52
N GLU D 341 22.45 -33.41 -25.32
CA GLU D 341 23.43 -33.32 -24.25
C GLU D 341 24.63 -34.22 -24.52
N THR D 342 24.42 -35.38 -25.16
CA THR D 342 25.55 -36.25 -25.51
C THR D 342 26.45 -35.60 -26.56
N LEU D 343 25.85 -34.98 -27.59
CA LEU D 343 26.64 -34.32 -28.62
C LEU D 343 27.49 -33.19 -28.04
N ALA D 344 27.06 -32.62 -26.91
CA ALA D 344 27.77 -31.52 -26.29
C ALA D 344 28.86 -32.01 -25.35
N GLY D 345 29.10 -33.32 -25.28
CA GLY D 345 30.13 -33.87 -24.43
C GLY D 345 29.67 -34.22 -23.04
N GLU D 346 28.38 -34.09 -22.73
CA GLU D 346 27.90 -34.49 -21.42
C GLU D 346 27.59 -35.99 -21.42
N LYS D 347 27.31 -36.51 -20.24
CA LYS D 347 27.04 -37.94 -20.05
C LYS D 347 25.69 -38.12 -19.38
N PRO D 348 24.61 -37.91 -20.11
CA PRO D 348 23.26 -38.06 -19.53
C PRO D 348 22.85 -39.53 -19.45
N HIS D 349 21.71 -39.76 -18.81
CA HIS D 349 21.16 -41.09 -18.67
C HIS D 349 19.66 -41.03 -18.84
N VAL D 350 19.10 -42.04 -19.51
CA VAL D 350 17.66 -42.21 -19.63
C VAL D 350 17.28 -43.50 -18.92
N ASN D 351 16.39 -43.40 -17.95
CA ASN D 351 15.85 -44.56 -17.23
C ASN D 351 14.51 -44.93 -17.86
N TYR D 352 14.53 -45.91 -18.77
CA TYR D 352 13.32 -46.28 -19.50
C TYR D 352 12.29 -46.97 -18.61
N ASN D 353 12.70 -47.50 -17.45
CA ASN D 353 11.73 -48.09 -16.54
C ASN D 353 10.83 -47.03 -15.90
N LEU D 354 11.24 -45.77 -15.92
CA LEU D 354 10.52 -44.69 -15.24
C LEU D 354 9.87 -43.70 -16.19
N ILE D 355 9.58 -44.11 -17.43
CA ILE D 355 8.81 -43.30 -18.36
C ILE D 355 7.34 -43.72 -18.21
N PRO D 356 6.46 -42.84 -17.72
CA PRO D 356 5.08 -43.25 -17.46
C PRO D 356 4.26 -43.34 -18.74
N GLY D 357 3.23 -44.18 -18.69
CA GLY D 357 2.27 -44.26 -19.78
C GLY D 357 0.87 -43.91 -19.32
N VAL D 358 0.17 -43.09 -20.10
CA VAL D 358 -1.13 -42.57 -19.70
C VAL D 358 -2.16 -42.87 -20.76
N VAL D 359 -3.34 -43.27 -20.32
CA VAL D 359 -4.53 -43.36 -21.16
C VAL D 359 -5.49 -42.28 -20.70
N TYR D 360 -5.89 -41.40 -21.61
CA TYR D 360 -6.65 -40.20 -21.27
C TYR D 360 -8.15 -40.40 -21.34
N THR D 361 -8.65 -41.58 -20.94
CA THR D 361 -10.08 -41.79 -20.73
C THR D 361 -10.52 -41.11 -19.44
N TRP D 362 -11.79 -41.27 -19.08
CA TRP D 362 -12.29 -40.83 -17.77
C TRP D 362 -13.06 -41.98 -17.14
N PRO D 363 -12.53 -42.61 -16.08
CA PRO D 363 -11.30 -42.25 -15.37
C PRO D 363 -10.03 -42.43 -16.22
N GLU D 364 -9.02 -41.63 -15.91
CA GLU D 364 -7.73 -41.73 -16.56
C GLU D 364 -6.97 -42.97 -16.06
N VAL D 365 -6.07 -43.46 -16.89
CA VAL D 365 -5.24 -44.61 -16.56
C VAL D 365 -3.79 -44.23 -16.72
N ALA D 366 -2.96 -44.62 -15.74
CA ALA D 366 -1.54 -44.30 -15.76
C ALA D 366 -0.78 -45.40 -15.04
N GLY D 367 0.39 -45.73 -15.56
CA GLY D 367 1.26 -46.70 -14.94
C GLY D 367 2.72 -46.33 -15.13
N VAL D 368 3.53 -46.73 -14.16
CA VAL D 368 4.97 -46.53 -14.20
C VAL D 368 5.64 -47.71 -13.51
N GLY D 369 6.82 -48.08 -13.98
CA GLY D 369 7.54 -49.18 -13.38
C GLY D 369 7.17 -50.52 -13.99
N LYS D 370 7.41 -51.56 -13.20
CA LYS D 370 7.07 -52.91 -13.64
C LYS D 370 5.61 -53.21 -13.41
N THR D 371 5.01 -53.98 -14.32
CA THR D 371 3.68 -54.48 -14.09
C THR D 371 3.73 -55.72 -13.22
N GLU D 372 2.58 -56.11 -12.67
CA GLU D 372 2.52 -57.31 -11.86
C GLU D 372 2.93 -58.53 -12.66
N GLU D 373 2.51 -58.59 -13.92
CA GLU D 373 2.88 -59.69 -14.80
C GLU D 373 4.38 -59.77 -14.99
N GLN D 374 5.05 -58.61 -15.11
CA GLN D 374 6.50 -58.60 -15.29
C GLN D 374 7.23 -59.13 -14.06
N LEU D 375 6.76 -58.78 -12.86
CA LEU D 375 7.36 -59.30 -11.64
C LEU D 375 7.19 -60.81 -11.55
N LYS D 376 6.03 -61.31 -11.98
CA LYS D 376 5.78 -62.75 -11.96
C LYS D 376 6.71 -63.48 -12.94
N GLU D 377 6.83 -62.95 -14.17
CA GLU D 377 7.67 -63.60 -15.17
C GLU D 377 9.13 -63.64 -14.73
N ALA D 378 9.55 -62.71 -13.87
CA ALA D 378 10.90 -62.67 -13.32
C ALA D 378 11.00 -63.39 -11.98
N GLY D 379 9.90 -63.87 -11.43
CA GLY D 379 9.93 -64.56 -10.15
C GLY D 379 10.29 -63.70 -8.96
N VAL D 380 10.00 -62.40 -9.01
CA VAL D 380 10.32 -61.51 -7.90
C VAL D 380 9.26 -61.65 -6.80
N ALA D 381 9.70 -61.74 -5.55
CA ALA D 381 8.78 -61.75 -4.42
C ALA D 381 8.34 -60.32 -4.14
N TYR D 382 7.04 -60.06 -4.24
CA TYR D 382 6.53 -58.71 -4.17
C TYR D 382 5.29 -58.67 -3.27
N LYS D 383 5.04 -57.49 -2.71
CA LYS D 383 3.82 -57.19 -1.98
C LYS D 383 2.93 -56.30 -2.84
N THR D 384 1.62 -56.37 -2.60
CA THR D 384 0.66 -55.56 -3.33
C THR D 384 -0.15 -54.70 -2.35
N GLY D 385 -0.27 -53.43 -2.66
CA GLY D 385 -1.18 -52.54 -1.95
C GLY D 385 -2.18 -51.95 -2.93
N SER D 386 -3.42 -51.79 -2.48
CA SER D 386 -4.48 -51.44 -3.41
C SER D 386 -5.61 -50.75 -2.65
N PHE D 387 -5.94 -49.53 -3.07
CA PHE D 387 -7.01 -48.74 -2.47
C PHE D 387 -8.01 -48.27 -3.53
N PRO D 388 -9.31 -48.38 -3.25
CA PRO D 388 -10.32 -48.00 -4.26
C PRO D 388 -10.60 -46.50 -4.26
N MET D 389 -10.87 -45.98 -5.47
CA MET D 389 -11.13 -44.55 -5.61
C MET D 389 -12.48 -44.16 -5.00
N ARG D 390 -13.48 -45.06 -5.02
CA ARG D 390 -14.80 -44.70 -4.50
C ARG D 390 -14.75 -44.38 -3.01
N ALA D 391 -13.68 -44.79 -2.31
CA ALA D 391 -13.59 -44.58 -0.88
C ALA D 391 -13.05 -43.19 -0.52
N LEU D 392 -12.57 -42.43 -1.49
CA LEU D 392 -12.08 -41.08 -1.20
C LEU D 392 -13.27 -40.13 -1.09
N GLY D 393 -13.24 -39.28 -0.06
CA GLY D 393 -14.25 -38.25 0.05
C GLY D 393 -14.24 -37.29 -1.13
N ARG D 394 -13.06 -37.03 -1.69
CA ARG D 394 -12.97 -36.16 -2.87
C ARG D 394 -13.73 -36.76 -4.03
N SER D 395 -13.61 -38.07 -4.24
CA SER D 395 -14.33 -38.72 -5.33
C SER D 395 -15.82 -38.73 -5.07
N ARG D 396 -16.23 -38.90 -3.81
CA ARG D 396 -17.64 -38.83 -3.48
C ARG D 396 -18.21 -37.45 -3.79
N ALA D 397 -17.41 -36.40 -3.55
CA ALA D 397 -17.91 -35.04 -3.75
C ALA D 397 -18.04 -34.72 -5.24
N SER D 398 -17.16 -35.26 -6.07
CA SER D 398 -17.18 -34.98 -7.51
C SER D 398 -17.96 -36.02 -8.30
N MET D 399 -18.31 -37.15 -7.66
CA MET D 399 -18.97 -38.30 -8.26
C MET D 399 -18.06 -39.10 -9.18
N ASP D 400 -16.75 -38.82 -9.17
CA ASP D 400 -15.79 -39.56 -9.96
C ASP D 400 -15.18 -40.66 -9.08
N THR D 401 -15.94 -41.75 -8.93
CA THR D 401 -15.63 -42.77 -7.96
C THR D 401 -15.03 -44.04 -8.58
N ASP D 402 -14.94 -44.11 -9.91
CA ASP D 402 -14.41 -45.30 -10.54
C ASP D 402 -12.90 -45.36 -10.39
N GLY D 403 -12.40 -46.57 -10.20
CA GLY D 403 -10.98 -46.84 -10.34
C GLY D 403 -10.36 -47.34 -9.04
N VAL D 404 -9.03 -47.48 -9.09
CA VAL D 404 -8.26 -48.04 -7.99
C VAL D 404 -6.82 -47.59 -8.18
N ILE D 405 -6.08 -47.50 -7.07
CA ILE D 405 -4.64 -47.28 -7.09
C ILE D 405 -3.97 -48.54 -6.56
N LYS D 406 -2.97 -49.04 -7.29
CA LYS D 406 -2.32 -50.30 -6.98
C LYS D 406 -0.82 -50.08 -6.94
N ILE D 407 -0.17 -50.48 -5.84
CA ILE D 407 1.26 -50.31 -5.64
C ILE D 407 1.91 -51.67 -5.43
N LEU D 408 3.02 -51.92 -6.14
CA LEU D 408 3.82 -53.12 -5.98
C LEU D 408 5.15 -52.78 -5.34
N ALA D 409 5.54 -53.55 -4.31
CA ALA D 409 6.76 -53.29 -3.56
C ALA D 409 7.57 -54.56 -3.37
N ASP D 410 8.89 -54.41 -3.31
CA ASP D 410 9.77 -55.55 -3.06
C ASP D 410 9.51 -56.08 -1.66
N GLU D 411 9.33 -57.39 -1.56
CA GLU D 411 8.96 -57.98 -0.26
C GLU D 411 10.08 -57.85 0.77
N LYS D 412 11.34 -57.86 0.33
CA LYS D 412 12.45 -57.80 1.28
C LYS D 412 12.76 -56.37 1.70
N THR D 413 12.88 -55.45 0.73
CA THR D 413 13.34 -54.10 0.99
C THR D 413 12.21 -53.08 1.14
N ASP D 414 10.97 -53.46 0.79
CA ASP D 414 9.79 -52.59 0.79
C ASP D 414 9.86 -51.51 -0.30
N GLU D 415 10.87 -51.56 -1.17
CA GLU D 415 11.02 -50.57 -2.22
C GLU D 415 9.91 -50.69 -3.25
N ILE D 416 9.34 -49.55 -3.64
CA ILE D 416 8.29 -49.52 -4.65
C ILE D 416 8.85 -49.95 -5.99
N LEU D 417 8.24 -50.97 -6.59
CA LEU D 417 8.69 -51.49 -7.87
C LEU D 417 7.79 -51.07 -9.03
N GLY D 418 6.56 -50.69 -8.76
CA GLY D 418 5.64 -50.24 -9.79
C GLY D 418 4.35 -49.69 -9.21
N VAL D 419 3.81 -48.64 -9.82
CA VAL D 419 2.57 -48.02 -9.40
C VAL D 419 1.65 -47.91 -10.60
N HIS D 420 0.41 -48.37 -10.45
CA HIS D 420 -0.54 -48.45 -11.55
C HIS D 420 -1.87 -47.89 -11.09
N MET D 421 -2.37 -46.89 -11.82
CA MET D 421 -3.50 -46.07 -11.40
C MET D 421 -4.60 -46.10 -12.44
N ILE D 422 -5.84 -46.15 -11.95
CA ILE D 422 -7.02 -45.82 -12.73
C ILE D 422 -7.94 -45.02 -11.82
N GLY D 423 -8.27 -43.81 -12.24
CA GLY D 423 -9.05 -42.92 -11.40
C GLY D 423 -8.97 -41.51 -11.91
N ALA D 424 -9.69 -40.62 -11.23
CA ALA D 424 -9.71 -39.22 -11.60
C ALA D 424 -8.30 -38.62 -11.48
N ARG D 425 -7.92 -37.84 -12.49
CA ARG D 425 -6.65 -37.10 -12.51
C ARG D 425 -5.44 -38.02 -12.47
N ALA D 426 -5.58 -39.28 -12.89
CA ALA D 426 -4.45 -40.18 -12.86
C ALA D 426 -3.31 -39.70 -13.75
N ALA D 427 -3.62 -38.97 -14.83
CA ALA D 427 -2.57 -38.49 -15.72
C ALA D 427 -1.58 -37.58 -14.99
N ASP D 428 -2.04 -36.91 -13.94
CA ASP D 428 -1.17 -36.03 -13.15
C ASP D 428 -0.77 -36.61 -11.80
N MET D 429 -1.56 -37.54 -11.25
CA MET D 429 -1.12 -38.19 -10.03
C MET D 429 0.11 -39.05 -10.28
N ILE D 430 0.24 -39.59 -11.49
CA ILE D 430 1.33 -40.52 -11.77
C ILE D 430 2.68 -39.87 -11.55
N ALA D 431 2.76 -38.54 -11.65
CA ALA D 431 4.03 -37.85 -11.45
C ALA D 431 4.58 -38.11 -10.05
N GLU D 432 3.70 -38.18 -9.05
CA GLU D 432 4.17 -38.51 -7.70
C GLU D 432 4.83 -39.87 -7.67
N ALA D 433 4.26 -40.86 -8.38
CA ALA D 433 4.85 -42.20 -8.39
C ALA D 433 6.18 -42.20 -9.13
N VAL D 434 6.28 -41.44 -10.22
CA VAL D 434 7.53 -41.37 -10.98
C VAL D 434 8.63 -40.78 -10.10
N VAL D 435 8.33 -39.65 -9.44
CA VAL D 435 9.33 -39.01 -8.59
C VAL D 435 9.71 -39.92 -7.43
N ALA D 436 8.72 -40.58 -6.82
CA ALA D 436 9.00 -41.51 -5.73
C ALA D 436 9.93 -42.63 -6.19
N MET D 437 9.64 -43.24 -7.34
CA MET D 437 10.48 -44.33 -7.80
C MET D 437 11.86 -43.85 -8.24
N GLU D 438 11.95 -42.61 -8.75
CA GLU D 438 13.26 -42.08 -9.11
C GLU D 438 14.18 -42.02 -7.90
N PHE D 439 13.63 -41.74 -6.73
CA PHE D 439 14.39 -41.69 -5.49
C PHE D 439 14.34 -43.01 -4.73
N ARG D 440 13.98 -44.12 -5.39
CA ARG D 440 14.03 -45.47 -4.83
C ARG D 440 13.25 -45.54 -3.52
N ALA D 441 12.07 -44.92 -3.52
CA ALA D 441 11.28 -44.82 -2.31
C ALA D 441 10.69 -46.16 -1.92
N SER D 442 10.52 -46.36 -0.61
CA SER D 442 9.85 -47.54 -0.09
C SER D 442 8.37 -47.24 0.05
N ALA D 443 7.57 -48.31 0.19
CA ALA D 443 6.15 -48.15 0.45
C ALA D 443 5.92 -47.39 1.75
N GLU D 444 6.75 -47.64 2.77
CA GLU D 444 6.64 -46.92 4.03
C GLU D 444 6.91 -45.43 3.82
N ASP D 445 7.87 -45.10 2.95
CA ASP D 445 8.20 -43.71 2.69
C ASP D 445 6.98 -42.92 2.23
N ILE D 446 6.28 -43.43 1.21
CA ILE D 446 5.09 -42.75 0.72
C ILE D 446 3.98 -42.77 1.76
N ALA D 447 3.89 -43.85 2.54
CA ALA D 447 2.83 -43.97 3.53
C ALA D 447 2.94 -42.92 4.64
N ARG D 448 4.13 -42.35 4.84
CA ARG D 448 4.35 -41.40 5.93
C ARG D 448 4.35 -39.95 5.47
N ILE D 449 4.28 -39.70 4.16
CA ILE D 449 4.33 -38.35 3.62
C ILE D 449 2.95 -37.73 3.68
N SER D 450 2.90 -36.44 4.02
CA SER D 450 1.62 -35.74 4.05
C SER D 450 1.02 -35.65 2.66
N HIS D 451 -0.24 -36.09 2.54
CA HIS D 451 -1.01 -35.94 1.31
C HIS D 451 -2.19 -35.03 1.60
N ALA D 452 -2.34 -33.98 0.80
CA ALA D 452 -3.39 -33.00 1.03
C ALA D 452 -4.76 -33.68 1.10
N HIS D 453 -5.57 -33.24 2.05
CA HIS D 453 -6.91 -33.74 2.29
C HIS D 453 -7.91 -32.62 2.09
N PRO D 454 -8.98 -32.83 1.30
CA PRO D 454 -9.25 -34.05 0.53
C PRO D 454 -8.75 -33.96 -0.92
N THR D 455 -7.97 -34.96 -1.35
CA THR D 455 -7.49 -35.01 -2.73
C THR D 455 -7.57 -36.45 -3.25
N TYR D 456 -7.42 -36.57 -4.57
CA TYR D 456 -7.35 -37.89 -5.18
C TYR D 456 -6.02 -38.58 -4.88
N THR D 457 -4.97 -37.82 -4.59
CA THR D 457 -3.69 -38.44 -4.29
C THR D 457 -3.70 -39.20 -2.98
N GLU D 458 -4.72 -38.99 -2.13
CA GLU D 458 -4.77 -39.74 -0.88
C GLU D 458 -4.88 -41.23 -1.12
N ALA D 459 -5.46 -41.64 -2.25
CA ALA D 459 -5.52 -43.06 -2.58
C ALA D 459 -4.13 -43.65 -2.80
N ILE D 460 -3.18 -42.82 -3.25
CA ILE D 460 -1.80 -43.27 -3.34
C ILE D 460 -1.24 -43.54 -1.94
N LYS D 461 -1.43 -42.58 -1.03
CA LYS D 461 -0.94 -42.73 0.33
C LYS D 461 -1.53 -43.98 0.99
N GLU D 462 -2.83 -44.21 0.79
CA GLU D 462 -3.49 -45.35 1.40
C GLU D 462 -3.02 -46.67 0.78
N ALA D 463 -2.89 -46.70 -0.55
CA ALA D 463 -2.38 -47.91 -1.20
C ALA D 463 -0.97 -48.23 -0.71
N ALA D 464 -0.16 -47.19 -0.46
CA ALA D 464 1.16 -47.42 0.09
C ALA D 464 1.08 -48.02 1.48
N LEU D 465 0.13 -47.55 2.29
CA LEU D 465 -0.11 -48.15 3.60
C LEU D 465 -0.51 -49.61 3.46
N ASP D 466 -1.32 -49.94 2.45
CA ASP D 466 -1.72 -51.31 2.24
C ASP D 466 -0.54 -52.17 1.82
N ALA D 467 0.37 -51.62 1.00
CA ALA D 467 1.52 -52.39 0.51
C ALA D 467 2.56 -52.61 1.60
N THR D 468 2.81 -51.60 2.44
CA THR D 468 3.92 -51.70 3.39
C THR D 468 3.60 -52.66 4.53
N GLY D 469 2.34 -52.73 4.97
CA GLY D 469 2.00 -53.58 6.09
C GLY D 469 0.52 -53.86 6.24
N LYS D 470 -0.24 -53.78 5.14
CA LYS D 470 -1.67 -54.06 5.12
C LYS D 470 -2.42 -53.28 6.21
N ARG D 471 -2.05 -52.03 6.39
CA ARG D 471 -2.59 -51.22 7.49
C ARG D 471 -3.07 -49.86 6.98
N ALA D 472 -3.82 -49.86 5.88
CA ALA D 472 -4.46 -48.62 5.44
C ALA D 472 -5.48 -48.16 6.48
N ILE D 473 -5.71 -46.85 6.51
CA ILE D 473 -6.57 -46.25 7.52
C ILE D 473 -8.03 -46.21 7.08
N HIS D 474 -8.30 -45.84 5.83
CA HIS D 474 -9.66 -45.57 5.38
C HIS D 474 -10.26 -46.74 4.62
N MET D 475 -9.78 -47.95 4.91
CA MET D 475 -10.22 -49.14 4.20
C MET D 475 -10.50 -50.26 5.20
PA FAD E . -20.24 24.24 11.33
O1A FAD E . -19.15 25.06 11.92
O2A FAD E . -19.88 22.76 11.47
O5B FAD E . -21.57 24.47 12.19
C5B FAD E . -22.80 24.63 11.47
C4B FAD E . -23.87 25.02 12.45
O4B FAD E . -25.16 24.60 11.96
C3B FAD E . -23.73 24.42 13.86
O3B FAD E . -23.53 25.48 14.79
C2B FAD E . -25.09 23.74 14.12
O2B FAD E . -25.56 23.94 15.45
C1B FAD E . -25.99 24.42 13.09
N9A FAD E . -27.12 23.62 12.65
C8A FAD E . -27.10 22.36 12.10
N7A FAD E . -28.27 21.91 11.74
C5A FAD E . -29.15 22.94 12.08
C6A FAD E . -30.53 23.09 11.94
N6A FAD E . -31.33 22.18 11.38
N1A FAD E . -31.09 24.23 12.39
C2A FAD E . -30.29 25.17 12.94
N3A FAD E . -28.97 25.14 13.10
C4A FAD E . -28.45 24.00 12.65
N1 FAD E . -10.97 23.95 10.57
C2 FAD E . -9.99 24.81 10.20
O2 FAD E . -10.05 25.41 9.13
N3 FAD E . -8.92 25.05 11.05
C4 FAD E . -8.72 24.47 12.28
O4 FAD E . -7.73 24.76 12.95
C4X FAD E . -9.76 23.56 12.68
N5 FAD E . -9.68 23.00 13.84
C5X FAD E . -10.71 22.16 14.23
C6 FAD E . -10.67 21.59 15.51
C7 FAD E . -11.71 20.80 15.98
C7M FAD E . -11.63 20.23 17.37
C8 FAD E . -12.83 20.57 15.16
C8M FAD E . -14.01 19.78 15.65
C9 FAD E . -12.87 21.12 13.88
C9A FAD E . -11.82 21.91 13.42
N10 FAD E . -11.86 22.53 12.15
C10 FAD E . -10.85 23.36 11.76
C1' FAD E . -13.00 22.32 11.25
C2' FAD E . -14.00 23.47 11.31
O2' FAD E . -14.70 23.47 12.56
C3' FAD E . -15.00 23.40 10.15
O3' FAD E . -14.32 23.13 8.94
C4' FAD E . -15.79 24.70 9.99
O4' FAD E . -16.39 25.02 11.24
C5' FAD E . -16.85 24.62 8.90
O5' FAD E . -18.06 25.11 9.50
P FAD E . -19.47 25.33 8.71
O1P FAD E . -19.91 26.75 8.59
O2P FAD E . -19.55 24.59 7.39
O3P FAD E . -20.38 24.54 9.76
ZN ZN F . 19.17 35.98 4.80
CL CL G . 19.24 32.30 5.77
C1 EDO H . -8.88 5.84 9.50
O1 EDO H . -9.31 4.67 10.20
C2 EDO H . -9.59 7.05 10.08
O2 EDO H . -8.63 7.91 10.73
C1 EDO I . -11.06 0.32 12.58
O1 EDO I . -12.17 0.25 11.69
C2 EDO I . -9.90 1.04 11.89
O2 EDO I . -8.83 1.31 12.81
C1 EDO J . 11.34 23.65 20.76
O1 EDO J . 10.38 22.83 21.46
C2 EDO J . 12.42 22.80 20.07
O2 EDO J . 13.70 22.97 20.67
C1 EDO K . 9.52 24.20 16.02
O1 EDO K . 9.89 24.60 14.69
C2 EDO K . 10.50 23.16 16.54
O2 EDO K . 10.11 22.79 17.87
ZN ZN L . -12.04 33.45 9.28
PA FAD M . 28.40 44.60 7.76
O1A FAD M . 27.64 43.42 8.21
O2A FAD M . 28.03 45.85 8.56
O5B FAD M . 29.96 44.33 8.05
C5B FAD M . 30.84 43.97 6.96
C4B FAD M . 32.15 43.54 7.57
O4B FAD M . 33.23 44.20 6.88
C3B FAD M . 32.35 43.87 9.07
O3B FAD M . 32.37 42.68 9.86
C2B FAD M . 33.69 44.60 9.13
O2B FAD M . 34.53 44.12 10.17
C1B FAD M . 34.32 44.28 7.77
N9A FAD M . 35.26 45.28 7.27
C8A FAD M . 35.05 46.61 7.13
N7A FAD M . 36.02 47.25 6.53
C5A FAD M . 36.95 46.26 6.27
C6A FAD M . 38.20 46.28 5.63
N6A FAD M . 38.77 47.37 5.13
N1A FAD M . 38.87 45.10 5.51
C2A FAD M . 38.30 43.99 6.00
N3A FAD M . 37.12 43.86 6.62
C4A FAD M . 36.50 45.03 6.72
N1 FAD M . 19.23 44.56 9.92
C2 FAD M . 18.19 43.79 9.52
O2 FAD M . 17.92 43.65 8.32
N3 FAD M . 17.42 43.12 10.47
C4 FAD M . 17.61 43.14 11.83
O4 FAD M . 16.87 42.50 12.57
C4X FAD M . 18.73 43.97 12.25
N5 FAD M . 19.02 44.05 13.52
C5X FAD M . 20.11 44.80 13.90
C6 FAD M . 20.46 44.86 15.25
C7 FAD M . 21.58 45.57 15.67
C7M FAD M . 21.90 45.62 17.14
C8 FAD M . 22.39 46.21 14.72
C8M FAD M . 23.65 46.92 15.14
C9 FAD M . 22.04 46.16 13.38
C9A FAD M . 20.91 45.46 12.96
N10 FAD M . 20.57 45.38 11.60
C10 FAD M . 19.48 44.64 11.21
C1' FAD M . 21.46 45.92 10.59
C2' FAD M . 22.34 44.87 9.94
O2' FAD M . 23.35 44.42 10.86
C3' FAD M . 22.99 45.42 8.68
O3' FAD M . 21.99 46.06 7.89
C4' FAD M . 23.69 44.34 7.86
O4' FAD M . 24.67 43.71 8.70
C5' FAD M . 24.38 44.89 6.62
O5' FAD M . 25.70 44.32 6.63
P FAD M . 26.71 44.55 5.40
O1P FAD M . 27.06 43.39 4.56
O2P FAD M . 26.26 45.74 4.59
O3P FAD M . 27.97 45.00 6.28
CL CL N . -11.38 36.71 11.10
C1 EDO O . 8.74 36.40 20.88
O1 EDO O . 9.72 36.61 19.86
C2 EDO O . 7.57 35.53 20.40
O2 EDO O . 7.97 34.64 19.36
PA FAD P . -12.70 -31.16 13.95
O1A FAD P . -12.97 -31.66 12.58
O2A FAD P . -12.77 -29.64 13.96
O5B FAD P . -13.88 -31.59 15.00
C5B FAD P . -13.66 -32.57 16.03
C4B FAD P . -14.99 -32.90 16.65
O4B FAD P . -14.89 -32.87 18.09
C3B FAD P . -16.16 -31.96 16.29
O3B FAD P . -17.13 -32.62 15.49
C2B FAD P . -16.76 -31.55 17.65
O2B FAD P . -18.18 -31.56 17.64
C1B FAD P . -16.17 -32.59 18.59
N9A FAD P . -16.06 -32.20 19.98
C8A FAD P . -15.46 -31.07 20.49
N7A FAD P . -15.43 -31.02 21.80
C5A FAD P . -16.05 -32.20 22.18
C6A FAD P . -16.30 -32.77 23.45
N6A FAD P . -15.95 -32.20 24.61
N1A FAD P . -16.92 -33.97 23.48
C2A FAD P . -17.24 -34.56 22.33
N3A FAD P . -17.06 -34.13 21.08
C4A FAD P . -16.45 -32.94 21.08
N1 FAD P . -8.97 -28.36 5.93
C2 FAD P . -8.28 -28.96 4.92
O2 FAD P . -7.18 -29.51 5.13
N3 FAD P . -8.76 -28.92 3.63
C4 FAD P . -9.94 -28.31 3.23
O4 FAD P . -10.30 -28.38 2.06
C4X FAD P . -10.67 -27.67 4.30
N5 FAD P . -11.78 -27.04 4.00
C5X FAD P . -12.47 -26.42 5.04
C6 FAD P . -13.67 -25.79 4.75
C7 FAD P . -14.45 -25.22 5.77
C7M FAD P . -15.74 -24.53 5.41
C8 FAD P . -14.00 -25.29 7.09
C8M FAD P . -14.84 -24.74 8.22
C9 FAD P . -12.77 -25.89 7.38
C9A FAD P . -12.02 -26.47 6.36
N10 FAD P . -10.81 -27.14 6.63
C10 FAD P . -10.11 -27.75 5.62
C1' FAD P . -10.37 -27.35 8.01
C2' FAD P . -10.77 -28.73 8.51
O2' FAD P . -12.19 -28.81 8.70
C3' FAD P . -10.02 -29.13 9.79
O3' FAD P . -8.65 -28.79 9.66
C4' FAD P . -10.19 -30.63 10.03
O4' FAD P . -11.58 -30.87 10.21
C5' FAD P . -9.43 -31.15 11.23
O5' FAD P . -10.39 -31.30 12.29
P FAD P . -9.96 -32.05 13.64
O1P FAD P . -9.92 -33.53 13.45
O2P FAD P . -8.69 -31.51 14.27
O3P FAD P . -11.24 -31.54 14.45
ZN ZN Q . 6.01 -31.73 -23.25
CL CL R . 4.91 -28.53 -22.40
C1 EDO S . -10.19 -19.46 6.94
O1 EDO S . -9.60 -19.51 5.62
C2 EDO S . -11.29 -18.40 6.98
O2 EDO S . -12.24 -18.72 8.00
ZN ZN T . -7.28 -37.92 4.28
PA FAD U . 6.46 -37.69 -34.96
O1A FAD U . 5.75 -36.67 -34.16
O2A FAD U . 5.56 -38.92 -35.10
O5B FAD U . 6.69 -37.11 -36.46
C5B FAD U . 7.58 -35.98 -36.53
C4B FAD U . 7.50 -35.29 -37.88
O4B FAD U . 8.51 -35.79 -38.77
C3B FAD U . 6.17 -35.46 -38.62
O3B FAD U . 5.42 -34.24 -38.66
C2B FAD U . 6.57 -35.91 -40.04
O2B FAD U . 5.90 -35.18 -41.05
C1B FAD U . 8.06 -35.57 -40.08
N9A FAD U . 8.85 -36.36 -41.02
C8A FAD U . 8.90 -37.72 -41.13
N7A FAD U . 9.71 -38.15 -42.07
C5A FAD U . 10.20 -36.98 -42.63
C6A FAD U . 11.12 -36.74 -43.68
N6A FAD U . 11.71 -37.72 -44.39
N1A FAD U . 11.40 -35.46 -43.99
C2A FAD U . 10.82 -34.48 -43.28
N3A FAD U . 9.95 -34.59 -42.28
C4A FAD U . 9.69 -35.87 -42.00
N1 FAD U . 1.79 -39.96 -27.10
C2 FAD U . 1.80 -39.68 -25.76
O2 FAD U . 2.85 -39.70 -25.11
N3 FAD U . 0.62 -39.38 -25.11
C4 FAD U . -0.63 -39.32 -25.70
O4 FAD U . -1.61 -39.06 -25.01
C4X FAD U . -0.64 -39.62 -27.12
N5 FAD U . -1.78 -39.61 -27.74
C5X FAD U . -1.79 -39.91 -29.09
C6 FAD U . -2.99 -39.90 -29.78
C7 FAD U . -3.05 -40.20 -31.14
C7M FAD U . -4.39 -40.22 -31.83
C8 FAD U . -1.87 -40.51 -31.84
C8M FAD U . -1.90 -40.80 -33.31
C9 FAD U . -0.66 -40.51 -31.14
C9A FAD U . -0.60 -40.21 -29.79
N10 FAD U . 0.61 -40.22 -29.07
C10 FAD U . 0.63 -39.93 -27.73
C1' FAD U . 1.86 -40.61 -29.73
C2' FAD U . 2.67 -39.41 -30.19
O2' FAD U . 2.05 -38.80 -31.32
C3' FAD U . 4.09 -39.83 -30.58
O3' FAD U . 4.69 -40.55 -29.50
C4' FAD U . 4.99 -38.62 -30.87
O4' FAD U . 4.30 -37.74 -31.75
C5' FAD U . 6.32 -39.03 -31.44
O5' FAD U . 6.89 -37.84 -32.02
P FAD U . 8.33 -37.97 -32.73
O1P FAD U . 9.19 -36.76 -32.65
O2P FAD U . 9.06 -39.20 -32.26
O3P FAD U . 7.79 -38.18 -34.21
#